data_3MAV
#
_entry.id   3MAV
#
_cell.length_a   83.969
_cell.length_b   116.390
_cell.length_c   92.416
_cell.angle_alpha   90.00
_cell.angle_beta   116.01
_cell.angle_gamma   90.00
#
_symmetry.space_group_name_H-M   'P 1 21 1'
#
loop_
_entity.id
_entity.type
_entity.pdbx_description
1 polymer 'Farnesyl pyrophosphate synthase'
2 non-polymer 'SULFATE ION'
3 water water
#
_entity_poly.entity_id   1
_entity_poly.type   'polypeptide(L)'
_entity_poly.pdbx_seq_one_letter_code
;GSSHHHHHHSSGRENLYFQGMKETNSEEADSGLAFFRNMYDKYRDAFLSHLNEYSLEEEIKEHISKYYKLLFDYNCLGGK
NNRGILVILIYEYVKNRDINSSEWEKAACLAWCIEILQAAFLVADDIMDKGEMRRNKYCWYLLKDVETKNAVNDVLLLYN
SIYKLIEIYLRNESCYVDVIATFRDATLKTIIGQHLDTNIFSDKYSDAHREIDVNNINVPEQPVIDINMINFGVYKNIVI
HKTAYYSFFLPIVCGMLLAGIAVDNLIYKKIEDISMLMGEYFQIHDDYLDIFGDSTKTGKVGSDIQNNKLTWPLIKTFEL
CSEPDKIKIVKNYGKNNLACVKVIDSLYEQYKIRKHYESYEKAQKAKILSAINELHHEGIEYVLKYLLEILFTGV
;
_entity_poly.pdbx_strand_id   A,B,C,D
#
# COMPACT_ATOMS: atom_id res chain seq x y z
N ALA A 34 25.63 28.56 -35.73
CA ALA A 34 26.48 28.67 -34.54
C ALA A 34 25.69 29.18 -33.32
N PHE A 35 24.90 30.27 -33.49
CA PHE A 35 24.07 30.84 -32.43
C PHE A 35 22.90 29.89 -32.13
N PHE A 36 22.40 29.22 -33.20
CA PHE A 36 21.32 28.25 -33.14
C PHE A 36 21.77 26.95 -32.45
N ARG A 37 22.99 26.47 -32.78
CA ARG A 37 23.57 25.24 -32.21
C ARG A 37 23.84 25.37 -30.70
N ASN A 38 24.10 26.60 -30.23
CA ASN A 38 24.33 26.92 -28.81
C ASN A 38 23.01 26.81 -28.01
N MET A 39 21.86 27.04 -28.67
CA MET A 39 20.54 27.00 -28.03
C MET A 39 20.04 25.59 -27.73
N TYR A 40 20.59 24.56 -28.43
CA TYR A 40 20.21 23.14 -28.32
C TYR A 40 19.94 22.64 -26.90
N ASP A 41 20.95 22.75 -25.99
CA ASP A 41 20.89 22.29 -24.60
C ASP A 41 19.67 22.80 -23.87
N LYS A 42 19.32 24.08 -24.06
CA LYS A 42 18.15 24.72 -23.46
C LYS A 42 16.84 23.96 -23.77
N TYR A 43 16.65 23.53 -25.04
CA TYR A 43 15.43 22.83 -25.45
C TYR A 43 15.46 21.36 -25.08
N ARG A 44 16.62 20.68 -25.23
CA ARG A 44 16.74 19.28 -24.85
C ARG A 44 16.46 19.13 -23.34
N ASP A 45 17.09 20.00 -22.50
CA ASP A 45 16.94 19.97 -21.04
C ASP A 45 15.52 20.34 -20.59
N ALA A 46 14.86 21.31 -21.27
CA ALA A 46 13.48 21.74 -20.97
C ALA A 46 12.52 20.54 -21.11
N PHE A 47 12.73 19.68 -22.13
CA PHE A 47 11.93 18.48 -22.32
C PHE A 47 12.35 17.38 -21.33
N LEU A 48 13.68 17.24 -21.08
CA LEU A 48 14.17 16.25 -20.09
C LEU A 48 13.64 16.57 -18.68
N SER A 49 13.52 17.89 -18.36
CA SER A 49 12.97 18.40 -17.11
C SER A 49 11.48 18.07 -17.00
N HIS A 50 10.76 18.06 -18.15
CA HIS A 50 9.33 17.69 -18.16
C HIS A 50 9.18 16.23 -17.74
N LEU A 51 9.98 15.32 -18.33
CA LEU A 51 9.95 13.88 -18.01
C LEU A 51 10.34 13.62 -16.54
N ASN A 52 11.28 14.44 -16.01
CA ASN A 52 11.78 14.35 -14.65
C ASN A 52 10.72 14.74 -13.59
N GLU A 53 9.64 15.51 -14.02
CA GLU A 53 8.54 15.94 -13.15
CA GLU A 53 8.54 15.94 -13.15
CA GLU A 53 8.57 15.91 -13.10
C GLU A 53 7.52 14.81 -12.95
N TYR A 54 7.67 13.68 -13.70
CA TYR A 54 6.74 12.52 -13.62
C TYR A 54 6.87 11.83 -12.27
N SER A 55 5.76 11.25 -11.77
CA SER A 55 5.74 10.56 -10.49
C SER A 55 6.40 9.17 -10.63
N LEU A 56 7.74 9.17 -10.52
CA LEU A 56 8.57 7.98 -10.63
C LEU A 56 9.60 7.99 -9.50
N GLU A 57 10.13 6.81 -9.15
CA GLU A 57 11.15 6.66 -8.12
C GLU A 57 12.46 7.28 -8.64
N GLU A 58 13.23 7.93 -7.76
CA GLU A 58 14.48 8.63 -8.09
C GLU A 58 15.44 7.82 -8.97
N GLU A 59 15.65 6.52 -8.64
CA GLU A 59 16.52 5.62 -9.43
C GLU A 59 15.96 5.42 -10.84
N ILE A 60 14.61 5.32 -10.97
CA ILE A 60 13.93 5.18 -12.26
C ILE A 60 14.14 6.48 -13.08
N LYS A 61 14.05 7.65 -12.41
CA LYS A 61 14.29 8.97 -13.03
C LYS A 61 15.70 9.10 -13.59
N GLU A 62 16.70 8.50 -12.89
CA GLU A 62 18.12 8.52 -13.28
C GLU A 62 18.35 7.78 -14.59
N HIS A 63 17.75 6.59 -14.73
CA HIS A 63 17.87 5.74 -15.92
C HIS A 63 17.25 6.35 -17.18
N ILE A 64 16.00 6.91 -17.06
CA ILE A 64 15.30 7.49 -18.21
C ILE A 64 16.01 8.79 -18.67
N SER A 65 16.52 9.60 -17.71
CA SER A 65 17.24 10.85 -18.05
C SER A 65 18.54 10.54 -18.82
N LYS A 66 19.21 9.42 -18.49
CA LYS A 66 20.44 8.97 -19.16
C LYS A 66 20.12 8.49 -20.58
N TYR A 67 19.09 7.62 -20.73
CA TYR A 67 18.65 7.09 -22.02
C TYR A 67 18.15 8.20 -22.96
N TYR A 68 17.28 9.09 -22.45
CA TYR A 68 16.68 10.13 -23.28
C TYR A 68 17.62 11.27 -23.60
N LYS A 69 18.62 11.55 -22.73
CA LYS A 69 19.65 12.57 -23.06
C LYS A 69 20.44 12.04 -24.28
N LEU A 70 20.74 10.73 -24.29
CA LEU A 70 21.43 10.07 -25.40
C LEU A 70 20.53 9.99 -26.63
N LEU A 71 19.21 9.67 -26.47
CA LEU A 71 18.29 9.59 -27.61
C LEU A 71 18.32 10.90 -28.40
N PHE A 72 18.25 12.03 -27.69
CA PHE A 72 18.29 13.37 -28.28
C PHE A 72 19.67 13.70 -28.86
N ASP A 73 20.76 13.56 -28.05
CA ASP A 73 22.14 13.87 -28.50
C ASP A 73 22.58 13.05 -29.73
N TYR A 74 22.41 11.70 -29.69
CA TYR A 74 22.80 10.79 -30.78
C TYR A 74 22.09 11.08 -32.09
N ASN A 75 20.81 11.49 -32.03
CA ASN A 75 20.00 11.68 -33.24
C ASN A 75 19.75 13.14 -33.66
N CYS A 76 19.89 14.15 -32.76
CA CYS A 76 19.60 15.55 -33.13
C CYS A 76 20.85 16.37 -33.53
N LEU A 77 22.06 15.90 -33.18
CA LEU A 77 23.32 16.58 -33.48
C LEU A 77 24.08 15.88 -34.63
N GLY A 78 25.01 16.62 -35.26
CA GLY A 78 25.83 16.10 -36.36
C GLY A 78 25.32 16.45 -37.74
N GLY A 79 24.05 16.88 -37.80
CA GLY A 79 23.40 17.26 -39.05
C GLY A 79 23.84 18.62 -39.55
N LYS A 80 23.48 18.93 -40.81
CA LYS A 80 23.78 20.19 -41.48
C LYS A 80 22.93 21.34 -40.92
N ASN A 81 21.74 21.00 -40.35
CA ASN A 81 20.76 21.93 -39.76
C ASN A 81 20.22 22.96 -40.76
N ASN A 82 20.08 22.58 -42.05
CA ASN A 82 19.56 23.46 -43.08
C ASN A 82 18.10 23.86 -42.82
N ARG A 83 17.32 22.93 -42.23
CA ARG A 83 15.91 23.18 -41.93
C ARG A 83 15.77 24.17 -40.77
N GLY A 84 16.59 23.98 -39.72
CA GLY A 84 16.61 24.86 -38.54
C GLY A 84 17.05 26.27 -38.86
N ILE A 85 18.18 26.43 -39.60
CA ILE A 85 18.73 27.74 -40.00
C ILE A 85 17.73 28.52 -40.86
N LEU A 86 16.95 27.81 -41.73
CA LEU A 86 15.91 28.37 -42.59
C LEU A 86 14.79 29.03 -41.74
N VAL A 87 14.46 28.46 -40.56
CA VAL A 87 13.47 29.07 -39.64
C VAL A 87 14.02 30.43 -39.17
N ILE A 88 15.23 30.41 -38.60
CA ILE A 88 15.98 31.55 -38.06
C ILE A 88 16.06 32.68 -39.08
N LEU A 89 16.54 32.40 -40.32
CA LEU A 89 16.68 33.42 -41.36
C LEU A 89 15.33 33.94 -41.86
N ILE A 90 14.31 33.04 -42.00
CA ILE A 90 12.98 33.48 -42.43
C ILE A 90 12.41 34.41 -41.35
N TYR A 91 12.53 34.02 -40.06
CA TYR A 91 12.04 34.85 -38.96
C TYR A 91 12.75 36.21 -38.92
N GLU A 92 14.10 36.21 -38.97
CA GLU A 92 14.95 37.40 -38.95
C GLU A 92 14.59 38.41 -40.05
N TYR A 93 14.41 37.93 -41.30
CA TYR A 93 14.12 38.80 -42.45
C TYR A 93 12.67 39.21 -42.58
N VAL A 94 11.71 38.52 -41.96
CA VAL A 94 10.32 38.96 -41.97
C VAL A 94 10.15 40.02 -40.86
N LYS A 95 10.82 39.80 -39.70
CA LYS A 95 10.82 40.70 -38.54
C LYS A 95 11.42 42.06 -38.86
N ASN A 96 12.62 42.09 -39.51
CA ASN A 96 13.37 43.28 -39.91
C ASN A 96 13.60 44.24 -38.73
N ASP A 98 15.76 45.11 -34.71
CA ASP A 98 16.46 43.94 -34.19
C ASP A 98 15.54 43.01 -33.38
N ILE A 99 15.98 41.76 -33.16
CA ILE A 99 15.22 40.73 -32.43
C ILE A 99 15.78 40.56 -31.02
N ASN A 100 14.90 40.65 -29.99
CA ASN A 100 15.31 40.46 -28.60
C ASN A 100 15.44 38.97 -28.27
N SER A 101 16.14 38.64 -27.15
CA SER A 101 16.41 37.27 -26.67
C SER A 101 15.15 36.41 -26.48
N SER A 102 14.06 37.01 -25.93
CA SER A 102 12.81 36.28 -25.69
C SER A 102 12.13 35.85 -27.01
N GLU A 103 12.19 36.73 -28.03
CA GLU A 103 11.63 36.45 -29.37
C GLU A 103 12.47 35.39 -30.09
N TRP A 104 13.81 35.50 -29.98
CA TRP A 104 14.71 34.53 -30.59
C TRP A 104 14.68 33.16 -29.86
N GLU A 105 14.31 33.14 -28.56
CA GLU A 105 14.14 31.91 -27.79
C GLU A 105 12.95 31.10 -28.41
N LYS A 106 11.92 31.82 -28.88
CA LYS A 106 10.73 31.23 -29.51
C LYS A 106 11.07 30.73 -30.91
N ALA A 107 11.87 31.52 -31.67
CA ALA A 107 12.34 31.17 -33.03
C ALA A 107 13.22 29.93 -33.01
N ALA A 108 14.24 29.90 -32.11
CA ALA A 108 15.17 28.78 -31.93
C ALA A 108 14.47 27.52 -31.45
N CYS A 109 13.36 27.65 -30.68
CA CYS A 109 12.55 26.51 -30.22
C CYS A 109 11.97 25.80 -31.44
N LEU A 110 11.31 26.55 -32.33
CA LEU A 110 10.69 26.01 -33.55
C LEU A 110 11.76 25.44 -34.47
N ALA A 111 12.91 26.15 -34.58
CA ALA A 111 14.04 25.70 -35.40
C ALA A 111 14.55 24.34 -34.92
N TRP A 112 14.72 24.17 -33.58
CA TRP A 112 15.16 22.90 -33.00
C TRP A 112 14.07 21.83 -33.11
N CYS A 113 12.79 22.22 -33.05
CA CYS A 113 11.66 21.28 -33.21
C CYS A 113 11.67 20.61 -34.59
N ILE A 114 12.06 21.35 -35.64
CA ILE A 114 12.14 20.78 -36.99
C ILE A 114 13.35 19.84 -37.09
N GLU A 115 14.44 20.15 -36.36
CA GLU A 115 15.62 19.28 -36.32
C GLU A 115 15.34 18.00 -35.53
N ILE A 116 14.42 18.08 -34.53
CA ILE A 116 13.94 16.93 -33.76
C ILE A 116 13.01 16.08 -34.68
N LEU A 117 12.18 16.75 -35.51
CA LEU A 117 11.30 16.06 -36.47
C LEU A 117 12.16 15.31 -37.49
N GLN A 118 13.25 15.96 -37.97
CA GLN A 118 14.22 15.36 -38.91
C GLN A 118 14.82 14.10 -38.26
N ALA A 119 15.25 14.22 -36.98
CA ALA A 119 15.82 13.13 -36.19
C ALA A 119 14.83 11.96 -36.07
N ALA A 120 13.53 12.26 -35.80
CA ALA A 120 12.48 11.21 -35.68
C ALA A 120 12.26 10.47 -37.02
N PHE A 121 12.19 11.21 -38.15
CA PHE A 121 12.00 10.66 -39.50
C PHE A 121 13.19 9.79 -39.97
N LEU A 122 14.44 10.18 -39.61
CA LEU A 122 15.64 9.44 -39.98
C LEU A 122 15.77 8.14 -39.19
N VAL A 123 15.36 8.15 -37.90
CA VAL A 123 15.36 6.95 -37.04
C VAL A 123 14.39 5.93 -37.63
N ALA A 124 13.16 6.39 -37.97
CA ALA A 124 12.09 5.57 -38.56
C ALA A 124 12.47 5.02 -39.94
N ASP A 125 13.02 5.88 -40.84
CA ASP A 125 13.45 5.51 -42.19
C ASP A 125 14.52 4.41 -42.16
N ASP A 126 15.44 4.48 -41.18
CA ASP A 126 16.50 3.49 -41.02
C ASP A 126 15.95 2.12 -40.60
N ILE A 127 14.89 2.10 -39.75
CA ILE A 127 14.19 0.86 -39.35
C ILE A 127 13.53 0.27 -40.62
N MET A 128 12.77 1.13 -41.35
CA MET A 128 12.02 0.79 -42.56
C MET A 128 12.87 0.25 -43.69
N ASP A 129 13.94 0.98 -44.09
CA ASP A 129 14.84 0.62 -45.19
C ASP A 129 16.01 -0.27 -44.75
N LYS A 130 16.03 -0.67 -43.44
CA LYS A 130 17.07 -1.51 -42.83
C LYS A 130 18.48 -0.95 -43.11
N GLY A 131 18.65 0.34 -42.79
CA GLY A 131 19.91 1.06 -42.95
C GLY A 131 20.99 0.58 -42.00
N GLU A 132 22.24 0.93 -42.29
CA GLU A 132 23.40 0.55 -41.50
C GLU A 132 24.06 1.76 -40.87
N MET A 133 24.20 2.85 -41.64
CA MET A 133 24.85 4.09 -41.19
C MET A 133 23.99 5.34 -41.42
N ARG A 134 24.11 6.32 -40.49
CA ARG A 134 23.44 7.62 -40.54
C ARG A 134 24.35 8.64 -39.88
N ARG A 135 24.75 9.70 -40.64
CA ARG A 135 25.68 10.77 -40.21
C ARG A 135 27.04 10.17 -39.76
N ASN A 136 27.56 9.20 -40.56
CA ASN A 136 28.85 8.48 -40.39
C ASN A 136 28.92 7.57 -39.12
N LYS A 137 27.77 7.21 -38.52
CA LYS A 137 27.72 6.33 -37.34
C LYS A 137 26.55 5.34 -37.46
N TYR A 138 26.62 4.20 -36.72
CA TYR A 138 25.58 3.16 -36.74
C TYR A 138 24.18 3.74 -36.51
N CYS A 139 23.18 3.23 -37.27
CA CYS A 139 21.79 3.65 -37.09
C CYS A 139 21.35 3.31 -35.66
N TRP A 140 20.57 4.21 -35.03
CA TRP A 140 20.06 4.10 -33.66
C TRP A 140 19.47 2.70 -33.33
N TYR A 141 18.62 2.15 -34.23
CA TYR A 141 17.95 0.85 -34.03
C TYR A 141 18.91 -0.37 -33.97
N LEU A 142 20.15 -0.21 -34.47
CA LEU A 142 21.15 -1.30 -34.49
C LEU A 142 21.92 -1.44 -33.16
N LEU A 143 21.96 -0.38 -32.33
CA LEU A 143 22.64 -0.36 -31.03
C LEU A 143 22.08 -1.41 -30.10
N LYS A 144 22.99 -2.19 -29.45
CA LYS A 144 22.69 -3.27 -28.51
C LYS A 144 21.72 -2.83 -27.40
N ASP A 145 21.92 -1.61 -26.86
CA ASP A 145 21.08 -1.06 -25.79
C ASP A 145 19.77 -0.43 -26.28
N VAL A 146 19.49 -0.51 -27.61
CA VAL A 146 18.28 0.06 -28.20
C VAL A 146 17.43 -1.03 -28.83
N GLU A 147 17.87 -1.58 -29.99
CA GLU A 147 17.17 -2.59 -30.81
C GLU A 147 15.91 -1.96 -31.46
N THR A 148 15.26 -2.69 -32.39
CA THR A 148 14.06 -2.24 -33.11
C THR A 148 12.95 -1.79 -32.14
N LYS A 149 12.68 -2.59 -31.07
CA LYS A 149 11.66 -2.33 -30.05
C LYS A 149 11.75 -0.90 -29.47
N ASN A 150 12.91 -0.50 -28.91
CA ASN A 150 13.06 0.84 -28.35
C ASN A 150 12.99 1.91 -29.43
N ALA A 151 13.67 1.70 -30.58
CA ALA A 151 13.71 2.65 -31.70
C ALA A 151 12.31 3.05 -32.20
N VAL A 152 11.38 2.06 -32.31
CA VAL A 152 9.98 2.30 -32.73
C VAL A 152 9.29 3.27 -31.73
N ASN A 153 9.44 2.98 -30.42
CA ASN A 153 8.91 3.79 -29.32
C ASN A 153 9.56 5.17 -29.25
N ASP A 154 10.87 5.25 -29.58
CA ASP A 154 11.66 6.48 -29.56
C ASP A 154 11.23 7.46 -30.64
N VAL A 155 10.74 6.96 -31.80
CA VAL A 155 10.22 7.81 -32.89
C VAL A 155 9.01 8.59 -32.35
N LEU A 156 8.07 7.88 -31.66
CA LEU A 156 6.87 8.50 -31.06
C LEU A 156 7.24 9.51 -29.98
N LEU A 157 8.30 9.23 -29.19
CA LEU A 157 8.77 10.12 -28.12
C LEU A 157 9.34 11.40 -28.73
N LEU A 158 10.28 11.27 -29.68
CA LEU A 158 10.89 12.41 -30.35
C LEU A 158 9.80 13.26 -31.02
N TYR A 159 8.83 12.61 -31.69
CA TYR A 159 7.73 13.29 -32.34
C TYR A 159 6.87 14.09 -31.35
N ASN A 160 6.48 13.49 -30.23
CA ASN A 160 5.64 14.17 -29.24
C ASN A 160 6.40 15.22 -28.44
N SER A 161 7.76 15.12 -28.33
CA SER A 161 8.60 16.10 -27.63
C SER A 161 8.51 17.48 -28.29
N ILE A 162 8.30 17.49 -29.62
CA ILE A 162 8.13 18.71 -30.43
C ILE A 162 6.95 19.53 -29.90
N TYR A 163 5.81 18.87 -29.66
CA TYR A 163 4.59 19.54 -29.20
C TYR A 163 4.69 20.01 -27.78
N LYS A 164 5.45 19.29 -26.93
CA LYS A 164 5.69 19.71 -25.54
C LYS A 164 6.57 20.97 -25.54
N LEU A 165 7.60 21.00 -26.40
CA LEU A 165 8.49 22.15 -26.53
C LEU A 165 7.75 23.37 -27.06
N ILE A 166 6.84 23.19 -28.08
CA ILE A 166 6.05 24.30 -28.63
C ILE A 166 5.13 24.84 -27.51
N GLU A 167 4.54 23.93 -26.72
CA GLU A 167 3.71 24.32 -25.59
C GLU A 167 4.53 25.16 -24.58
N ILE A 168 5.68 24.63 -24.09
CA ILE A 168 6.54 25.31 -23.11
C ILE A 168 6.93 26.76 -23.55
N TYR A 169 7.24 26.97 -24.84
CA TYR A 169 7.71 28.27 -25.30
C TYR A 169 6.74 29.14 -26.09
N LEU A 170 5.61 28.58 -26.60
CA LEU A 170 4.69 29.37 -27.44
C LEU A 170 3.18 29.24 -27.10
N ARG A 171 2.78 28.48 -26.00
CA ARG A 171 1.36 28.25 -25.63
CA ARG A 171 1.37 28.25 -25.66
C ARG A 171 0.54 29.53 -25.56
N ASN A 172 1.16 30.66 -25.16
CA ASN A 172 0.45 31.93 -25.01
C ASN A 172 0.60 32.84 -26.22
N GLU A 173 1.26 32.37 -27.30
CA GLU A 173 1.40 33.17 -28.53
C GLU A 173 0.12 33.05 -29.36
N SER A 174 -0.21 34.10 -30.11
CA SER A 174 -1.43 34.07 -30.95
C SER A 174 -1.31 33.03 -32.09
N CYS A 175 -0.08 32.78 -32.58
CA CYS A 175 0.24 31.85 -33.68
C CYS A 175 0.28 30.37 -33.24
N TYR A 176 0.24 30.10 -31.91
CA TYR A 176 0.34 28.77 -31.28
C TYR A 176 -0.40 27.62 -32.01
N VAL A 177 -1.74 27.70 -32.10
CA VAL A 177 -2.59 26.67 -32.75
C VAL A 177 -2.19 26.47 -34.22
N ASP A 178 -1.92 27.55 -34.96
CA ASP A 178 -1.52 27.48 -36.37
C ASP A 178 -0.15 26.82 -36.56
N VAL A 179 0.81 27.09 -35.63
CA VAL A 179 2.15 26.50 -35.64
C VAL A 179 2.05 24.99 -35.46
N ILE A 180 1.24 24.53 -34.45
CA ILE A 180 1.09 23.10 -34.19
C ILE A 180 0.30 22.39 -35.32
N ALA A 181 -0.64 23.10 -36.01
CA ALA A 181 -1.38 22.51 -37.14
C ALA A 181 -0.43 22.36 -38.34
N THR A 182 0.54 23.28 -38.51
CA THR A 182 1.53 23.27 -39.59
C THR A 182 2.44 22.06 -39.45
N PHE A 183 2.91 21.78 -38.21
CA PHE A 183 3.76 20.63 -37.89
C PHE A 183 3.00 19.35 -38.19
N ARG A 184 1.74 19.25 -37.73
CA ARG A 184 0.87 18.08 -37.90
C ARG A 184 0.60 17.78 -39.39
N ASP A 185 0.25 18.82 -40.18
CA ASP A 185 -0.07 18.66 -41.60
C ASP A 185 1.15 18.36 -42.45
N ALA A 186 2.33 18.96 -42.15
CA ALA A 186 3.56 18.67 -42.89
C ALA A 186 4.02 17.24 -42.59
N THR A 187 3.80 16.76 -41.33
CA THR A 187 4.15 15.40 -40.90
C THR A 187 3.25 14.39 -41.63
N LEU A 188 1.93 14.65 -41.66
CA LEU A 188 0.95 13.79 -42.35
C LEU A 188 1.31 13.63 -43.84
N LYS A 189 1.71 14.73 -44.51
CA LYS A 189 2.13 14.69 -45.92
C LYS A 189 3.45 13.89 -46.07
N THR A 190 4.40 14.02 -45.09
CA THR A 190 5.67 13.27 -45.12
C THR A 190 5.43 11.76 -45.04
N ILE A 191 4.50 11.34 -44.14
CA ILE A 191 4.15 9.93 -43.93
C ILE A 191 3.59 9.31 -45.23
N ILE A 192 2.68 10.04 -45.94
CA ILE A 192 2.07 9.61 -47.21
C ILE A 192 3.17 9.47 -48.28
N GLY A 193 4.07 10.46 -48.35
CA GLY A 193 5.20 10.46 -49.28
C GLY A 193 6.12 9.27 -49.07
N GLN A 194 6.45 8.98 -47.77
CA GLN A 194 7.27 7.84 -47.38
CA GLN A 194 7.28 7.84 -47.41
C GLN A 194 6.56 6.51 -47.70
N HIS A 195 5.21 6.50 -47.58
CA HIS A 195 4.41 5.31 -47.89
C HIS A 195 4.50 5.02 -49.40
N LEU A 196 4.37 6.07 -50.23
CA LEU A 196 4.44 5.93 -51.68
C LEU A 196 5.83 5.48 -52.11
N ASP A 197 6.88 6.06 -51.51
CA ASP A 197 8.28 5.73 -51.75
C ASP A 197 8.58 4.23 -51.49
N THR A 198 7.94 3.67 -50.44
CA THR A 198 8.06 2.30 -49.95
C THR A 198 7.26 1.29 -50.81
N ASN A 199 6.07 1.68 -51.32
CA ASN A 199 5.14 0.76 -51.99
C ASN A 199 4.80 1.04 -53.47
N ILE A 200 5.44 2.06 -54.11
CA ILE A 200 5.14 2.42 -55.50
C ILE A 200 5.30 1.24 -56.49
N PHE A 201 6.27 0.34 -56.24
CA PHE A 201 6.53 -0.79 -57.11
C PHE A 201 5.91 -2.13 -56.61
N SER A 202 5.31 -2.13 -55.39
CA SER A 202 4.72 -3.30 -54.74
C SER A 202 3.50 -3.86 -55.49
N ASP A 203 3.34 -5.22 -55.44
CA ASP A 203 2.30 -6.01 -56.11
C ASP A 203 0.87 -5.54 -55.85
N LYS A 204 0.58 -5.00 -54.65
CA LYS A 204 -0.76 -4.48 -54.28
C LYS A 204 -1.17 -3.27 -55.14
N TYR A 205 -0.16 -2.54 -55.69
CA TYR A 205 -0.39 -1.36 -56.53
C TYR A 205 -0.17 -1.63 -58.03
N SER A 206 0.63 -2.68 -58.39
CA SER A 206 0.95 -3.09 -59.78
C SER A 206 -0.31 -3.32 -60.64
N ASP A 207 -1.43 -3.75 -60.02
CA ASP A 207 -2.72 -3.99 -60.65
C ASP A 207 -3.80 -3.57 -59.67
N ALA A 208 -4.52 -2.47 -59.97
CA ALA A 208 -5.59 -1.92 -59.12
C ALA A 208 -6.89 -2.71 -59.29
N ARG A 210 -5.06 -7.11 -56.49
CA ARG A 210 -5.82 -5.88 -56.35
C ARG A 210 -6.09 -5.58 -54.88
N GLU A 211 -6.97 -6.40 -54.24
CA GLU A 211 -7.29 -6.26 -52.81
C GLU A 211 -6.11 -6.76 -51.98
N ILE A 212 -5.82 -6.10 -50.84
CA ILE A 212 -4.70 -6.48 -49.97
C ILE A 212 -4.97 -7.83 -49.30
N ASP A 213 -3.94 -8.69 -49.27
CA ASP A 213 -3.98 -10.05 -48.74
C ASP A 213 -3.76 -10.07 -47.23
N VAL A 214 -4.84 -10.18 -46.45
CA VAL A 214 -4.77 -10.20 -44.98
C VAL A 214 -4.43 -11.61 -44.43
N ASN A 215 -4.36 -12.62 -45.33
CA ASN A 215 -4.07 -14.02 -44.94
C ASN A 215 -2.61 -14.44 -45.16
N ASN A 216 -1.88 -13.77 -46.08
CA ASN A 216 -0.47 -14.10 -46.37
C ASN A 216 0.50 -13.47 -45.36
N ILE A 217 1.20 -14.33 -44.61
CA ILE A 217 2.22 -13.95 -43.61
C ILE A 217 3.52 -14.76 -43.84
N ASN A 218 3.56 -15.63 -44.89
CA ASN A 218 4.72 -16.51 -45.14
C ASN A 218 5.43 -16.30 -46.48
N VAL A 219 4.69 -16.25 -47.62
CA VAL A 219 5.30 -16.11 -48.96
C VAL A 219 5.72 -14.66 -49.20
N PRO A 220 7.04 -14.34 -49.18
CA PRO A 220 7.45 -12.95 -49.38
C PRO A 220 7.27 -12.46 -50.81
N GLU A 221 7.11 -11.15 -50.95
CA GLU A 221 6.94 -10.46 -52.21
C GLU A 221 8.33 -10.34 -52.88
N GLN A 222 8.41 -10.69 -54.18
CA GLN A 222 9.64 -10.59 -54.94
C GLN A 222 9.78 -9.13 -55.43
N PRO A 223 10.82 -8.37 -54.97
CA PRO A 223 10.93 -6.95 -55.39
C PRO A 223 11.13 -6.78 -56.89
N VAL A 224 10.13 -6.19 -57.55
CA VAL A 224 10.12 -5.94 -59.00
C VAL A 224 9.65 -4.52 -59.32
N ILE A 225 10.23 -3.93 -60.36
CA ILE A 225 9.92 -2.60 -60.87
C ILE A 225 8.52 -2.64 -61.57
N ASP A 226 7.78 -1.52 -61.54
CA ASP A 226 6.51 -1.35 -62.23
C ASP A 226 6.69 -0.19 -63.23
N ILE A 227 6.97 -0.52 -64.52
CA ILE A 227 7.26 0.44 -65.60
C ILE A 227 6.15 1.53 -65.73
N ASN A 228 4.89 1.17 -65.40
CA ASN A 228 3.74 2.07 -65.42
C ASN A 228 3.87 3.22 -64.39
N MET A 229 4.71 3.03 -63.34
CA MET A 229 4.99 4.03 -62.31
C MET A 229 6.29 4.79 -62.62
N ILE A 230 7.09 4.30 -63.60
CA ILE A 230 8.36 4.94 -63.96
C ILE A 230 8.09 6.14 -64.90
N ASN A 231 7.69 7.27 -64.29
CA ASN A 231 7.43 8.54 -64.97
C ASN A 231 7.60 9.70 -63.98
N PHE A 232 7.89 10.89 -64.51
CA PHE A 232 8.17 12.08 -63.74
C PHE A 232 6.97 12.59 -62.92
N GLY A 233 5.75 12.37 -63.42
CA GLY A 233 4.50 12.77 -62.77
C GLY A 233 4.27 12.07 -61.44
N VAL A 234 4.58 10.75 -61.41
CA VAL A 234 4.48 9.88 -60.22
C VAL A 234 5.61 10.26 -59.24
N TYR A 235 6.83 10.44 -59.77
CA TYR A 235 8.01 10.83 -59.01
C TYR A 235 7.77 12.14 -58.24
N LYS A 236 7.24 13.18 -58.92
CA LYS A 236 6.95 14.48 -58.32
C LYS A 236 5.96 14.34 -57.17
N ASN A 237 4.94 13.48 -57.32
CA ASN A 237 3.94 13.18 -56.29
C ASN A 237 4.61 12.66 -55.03
N ILE A 238 5.54 11.71 -55.20
CA ILE A 238 6.28 11.09 -54.08
C ILE A 238 7.18 12.13 -53.38
N VAL A 239 8.08 12.74 -54.14
CA VAL A 239 9.11 13.67 -53.69
C VAL A 239 8.53 14.92 -52.98
N ILE A 240 7.45 15.50 -53.52
CA ILE A 240 6.80 16.69 -52.92
C ILE A 240 6.27 16.32 -51.52
N HIS A 241 5.61 15.17 -51.42
CA HIS A 241 5.04 14.73 -50.16
C HIS A 241 6.10 14.23 -49.18
N LYS A 242 7.08 13.45 -49.65
CA LYS A 242 8.18 12.87 -48.85
C LYS A 242 9.18 13.91 -48.29
N THR A 243 9.50 14.98 -49.06
CA THR A 243 10.54 15.93 -48.67
C THR A 243 10.11 17.42 -48.60
N ALA A 244 9.46 17.96 -49.65
CA ALA A 244 9.13 19.39 -49.77
C ALA A 244 8.40 20.00 -48.55
N TYR A 245 7.36 19.33 -48.06
CA TYR A 245 6.55 19.83 -46.95
C TYR A 245 7.29 19.98 -45.63
N TYR A 246 8.07 18.97 -45.19
CA TYR A 246 8.75 19.08 -43.91
C TYR A 246 10.13 19.80 -44.01
N SER A 247 10.80 19.71 -45.18
CA SER A 247 12.12 20.32 -45.37
C SER A 247 12.08 21.78 -45.81
N PHE A 248 10.98 22.23 -46.45
CA PHE A 248 10.93 23.60 -46.97
C PHE A 248 9.70 24.36 -46.51
N PHE A 249 8.49 23.84 -46.78
CA PHE A 249 7.25 24.52 -46.37
C PHE A 249 7.21 24.74 -44.83
N LEU A 250 7.36 23.67 -44.03
CA LEU A 250 7.33 23.73 -42.57
C LEU A 250 8.33 24.78 -41.98
N PRO A 251 9.67 24.77 -42.27
CA PRO A 251 10.55 25.81 -41.70
C PRO A 251 10.18 27.25 -42.09
N ILE A 252 9.89 27.50 -43.37
CA ILE A 252 9.52 28.84 -43.82
C ILE A 252 8.21 29.31 -43.12
N VAL A 253 7.18 28.46 -43.07
CA VAL A 253 5.90 28.80 -42.45
C VAL A 253 6.07 29.06 -40.94
N CYS A 254 6.99 28.35 -40.27
CA CYS A 254 7.30 28.55 -38.85
C CYS A 254 7.83 29.97 -38.61
N GLY A 255 8.81 30.39 -39.41
CA GLY A 255 9.41 31.72 -39.34
C GLY A 255 8.42 32.83 -39.65
N MET A 256 7.57 32.60 -40.67
CA MET A 256 6.51 33.50 -41.13
C MET A 256 5.36 33.65 -40.14
N LEU A 257 4.89 32.53 -39.52
CA LEU A 257 3.79 32.54 -38.55
C LEU A 257 4.20 33.26 -37.30
N LEU A 258 5.41 32.94 -36.76
CA LEU A 258 5.95 33.56 -35.55
C LEU A 258 6.22 35.08 -35.76
N ALA A 259 6.54 35.50 -36.99
CA ALA A 259 6.79 36.91 -37.30
C ALA A 259 5.48 37.74 -37.46
N GLY A 260 4.33 37.07 -37.54
CA GLY A 260 3.04 37.76 -37.62
C GLY A 260 2.25 37.67 -38.91
N ILE A 261 2.73 36.90 -39.92
CA ILE A 261 1.96 36.74 -41.17
C ILE A 261 0.84 35.72 -40.88
N ALA A 262 -0.42 36.19 -40.75
CA ALA A 262 -1.61 35.37 -40.43
C ALA A 262 -1.81 34.24 -41.44
N VAL A 263 -2.19 33.06 -40.95
CA VAL A 263 -2.39 31.80 -41.68
C VAL A 263 -3.28 31.96 -42.97
N ASP A 264 -4.27 32.89 -42.96
CA ASP A 264 -5.17 33.11 -44.10
C ASP A 264 -4.54 33.96 -45.23
N ASN A 265 -3.33 34.55 -45.03
CA ASN A 265 -2.64 35.36 -46.03
C ASN A 265 -2.38 34.56 -47.30
N LEU A 266 -2.62 35.20 -48.46
CA LEU A 266 -2.51 34.62 -49.80
C LEU A 266 -1.06 34.23 -50.18
N ILE A 267 -0.05 34.85 -49.52
CA ILE A 267 1.38 34.61 -49.75
C ILE A 267 1.80 33.13 -49.39
N TYR A 268 1.01 32.45 -48.51
CA TYR A 268 1.31 31.09 -48.08
C TYR A 268 1.23 30.08 -49.22
N LYS A 269 0.25 30.23 -50.14
CA LYS A 269 0.11 29.37 -51.33
C LYS A 269 1.34 29.53 -52.24
N LYS A 270 1.88 30.77 -52.34
CA LYS A 270 3.09 31.11 -53.11
C LYS A 270 4.29 30.41 -52.48
N ILE A 271 4.36 30.43 -51.12
CA ILE A 271 5.41 29.75 -50.35
C ILE A 271 5.32 28.23 -50.59
N GLU A 272 4.09 27.69 -50.61
CA GLU A 272 3.82 26.26 -50.84
C GLU A 272 4.32 25.82 -52.23
N ASP A 273 3.99 26.60 -53.29
CA ASP A 273 4.43 26.34 -54.67
C ASP A 273 5.96 26.36 -54.78
N ILE A 274 6.62 27.40 -54.20
CA ILE A 274 8.10 27.50 -54.19
C ILE A 274 8.72 26.32 -53.42
N SER A 275 8.12 25.95 -52.27
CA SER A 275 8.57 24.84 -51.43
C SER A 275 8.52 23.51 -52.21
N MET A 276 7.49 23.33 -53.05
CA MET A 276 7.32 22.14 -53.88
C MET A 276 8.46 22.08 -54.93
N LEU A 277 8.79 23.23 -55.58
CA LEU A 277 9.88 23.32 -56.57
C LEU A 277 11.23 23.06 -55.93
N MET A 278 11.49 23.66 -54.73
CA MET A 278 12.77 23.48 -54.01
C MET A 278 12.93 22.03 -53.51
N GLY A 279 11.84 21.44 -53.02
CA GLY A 279 11.82 20.06 -52.53
C GLY A 279 12.16 19.05 -53.61
N GLU A 280 11.58 19.27 -54.83
CA GLU A 280 11.82 18.43 -56.02
C GLU A 280 13.29 18.58 -56.46
N TYR A 281 13.75 19.84 -56.52
CA TYR A 281 15.13 20.23 -56.89
C TYR A 281 16.17 19.53 -55.97
N PHE A 282 15.95 19.57 -54.64
CA PHE A 282 16.92 19.01 -53.72
C PHE A 282 16.87 17.48 -53.63
N GLN A 283 15.69 16.85 -53.80
CA GLN A 283 15.60 15.39 -53.79
C GLN A 283 16.23 14.79 -55.06
N ILE A 284 16.09 15.50 -56.21
CA ILE A 284 16.71 15.08 -57.49
C ILE A 284 18.23 15.12 -57.32
N HIS A 285 18.74 16.15 -56.61
CA HIS A 285 20.17 16.29 -56.30
C HIS A 285 20.62 15.11 -55.41
N ASP A 286 19.81 14.76 -54.38
CA ASP A 286 20.05 13.64 -53.47
C ASP A 286 20.08 12.32 -54.24
N ASP A 287 19.14 12.15 -55.22
CA ASP A 287 19.08 10.96 -56.09
C ASP A 287 20.36 10.87 -56.91
N TYR A 288 20.81 12.03 -57.45
CA TYR A 288 22.04 12.16 -58.25
C TYR A 288 23.28 11.80 -57.40
N LEU A 289 23.37 12.30 -56.14
CA LEU A 289 24.48 12.04 -55.22
C LEU A 289 24.61 10.56 -54.87
N ASP A 290 23.46 9.84 -54.72
CA ASP A 290 23.38 8.41 -54.39
C ASP A 290 24.13 7.54 -55.41
N ILE A 291 24.24 8.00 -56.66
CA ILE A 291 24.95 7.32 -57.74
C ILE A 291 26.29 8.00 -58.04
N PHE A 292 26.33 9.37 -57.97
CA PHE A 292 27.47 10.25 -58.25
C PHE A 292 27.84 10.20 -59.73
N VAL A 301 28.78 5.92 -50.93
CA VAL A 301 28.11 4.81 -51.58
C VAL A 301 26.68 5.21 -52.05
N GLY A 302 25.66 4.41 -51.69
CA GLY A 302 24.26 4.64 -52.05
C GLY A 302 23.54 3.35 -52.40
N SER A 303 22.35 3.11 -51.78
CA SER A 303 21.61 1.87 -51.92
C SER A 303 20.24 1.94 -52.66
N ASP A 304 19.90 3.08 -53.32
CA ASP A 304 18.62 3.26 -54.03
C ASP A 304 18.31 2.15 -55.06
N ILE A 305 19.33 1.71 -55.86
CA ILE A 305 19.17 0.67 -56.90
C ILE A 305 18.80 -0.68 -56.23
N GLN A 306 19.63 -1.16 -55.30
CA GLN A 306 19.42 -2.40 -54.52
C GLN A 306 18.11 -2.34 -53.68
N ASN A 307 17.71 -1.12 -53.24
CA ASN A 307 16.48 -0.93 -52.44
C ASN A 307 15.21 -0.77 -53.30
N ASN A 308 15.34 -0.88 -54.66
CA ASN A 308 14.22 -0.80 -55.62
C ASN A 308 13.46 0.55 -55.49
N LYS A 309 14.21 1.66 -55.43
CA LYS A 309 13.62 3.00 -55.28
C LYS A 309 13.30 3.67 -56.62
N LEU A 310 12.18 4.44 -56.69
CA LEU A 310 11.85 5.22 -57.87
C LEU A 310 12.68 6.50 -57.79
N THR A 311 13.70 6.59 -58.63
CA THR A 311 14.63 7.70 -58.62
C THR A 311 14.58 8.48 -59.93
N TRP A 312 15.10 9.74 -59.91
CA TRP A 312 15.19 10.58 -61.10
C TRP A 312 16.13 9.91 -62.14
N PRO A 313 17.36 9.40 -61.79
CA PRO A 313 18.19 8.71 -62.79
C PRO A 313 17.48 7.56 -63.50
N LEU A 314 16.66 6.77 -62.76
CA LEU A 314 15.89 5.66 -63.31
C LEU A 314 14.87 6.16 -64.35
N ILE A 315 14.10 7.22 -64.01
CA ILE A 315 13.06 7.81 -64.90
C ILE A 315 13.71 8.38 -66.16
N LYS A 316 14.82 9.13 -66.02
CA LYS A 316 15.56 9.74 -67.12
C LYS A 316 16.13 8.66 -68.05
N THR A 317 16.69 7.56 -67.47
CA THR A 317 17.23 6.42 -68.23
C THR A 317 16.09 5.75 -69.00
N PHE A 318 14.93 5.51 -68.35
CA PHE A 318 13.77 4.87 -68.96
C PHE A 318 13.16 5.68 -70.12
N GLU A 319 13.23 7.00 -70.01
CA GLU A 319 12.76 7.94 -71.02
C GLU A 319 13.57 7.87 -72.32
N LEU A 320 14.89 7.71 -72.22
CA LEU A 320 15.80 7.79 -73.37
C LEU A 320 16.46 6.49 -73.81
N CYS A 321 16.25 5.40 -73.06
CA CYS A 321 16.88 4.14 -73.39
C CYS A 321 16.11 3.36 -74.44
N SER A 322 16.78 2.36 -75.03
CA SER A 322 16.24 1.47 -76.05
C SER A 322 15.35 0.41 -75.41
N GLU A 323 14.43 -0.18 -76.20
CA GLU A 323 13.52 -1.24 -75.78
C GLU A 323 14.31 -2.42 -75.14
N PRO A 324 15.46 -2.93 -75.72
CA PRO A 324 16.23 -3.98 -75.03
C PRO A 324 16.84 -3.53 -73.69
N ASP A 325 17.18 -2.22 -73.55
CA ASP A 325 17.74 -1.73 -72.30
C ASP A 325 16.66 -1.64 -71.19
N LYS A 326 15.37 -1.54 -71.58
CA LYS A 326 14.23 -1.54 -70.63
C LYS A 326 14.07 -2.93 -70.04
N ILE A 327 14.35 -3.97 -70.87
CA ILE A 327 14.35 -5.38 -70.45
C ILE A 327 15.45 -5.57 -69.41
N LYS A 328 16.67 -5.02 -69.69
CA LYS A 328 17.84 -5.09 -68.79
C LYS A 328 17.50 -4.49 -67.41
N ILE A 329 16.82 -3.29 -67.41
CA ILE A 329 16.42 -2.57 -66.20
C ILE A 329 15.48 -3.44 -65.35
N VAL A 330 14.38 -3.97 -65.95
CA VAL A 330 13.40 -4.85 -65.30
C VAL A 330 14.11 -6.06 -64.63
N LYS A 331 15.09 -6.66 -65.34
CA LYS A 331 15.83 -7.82 -64.85
C LYS A 331 16.87 -7.51 -63.77
N ASN A 332 17.49 -6.32 -63.79
CA ASN A 332 18.57 -5.98 -62.86
C ASN A 332 18.22 -4.98 -61.74
N TYR A 333 17.10 -4.23 -61.84
CA TYR A 333 16.77 -3.22 -60.83
C TYR A 333 16.05 -3.80 -59.61
N GLY A 334 16.53 -3.41 -58.42
CA GLY A 334 15.97 -3.81 -57.14
C GLY A 334 16.36 -5.18 -56.64
N LYS A 335 17.54 -5.66 -57.06
CA LYS A 335 18.07 -6.98 -56.68
C LYS A 335 19.28 -6.80 -55.79
N ASN A 336 19.32 -7.53 -54.65
CA ASN A 336 20.43 -7.45 -53.70
C ASN A 336 21.66 -8.28 -54.15
N ASN A 337 22.05 -8.10 -55.42
CA ASN A 337 23.20 -8.75 -56.07
C ASN A 337 24.06 -7.67 -56.71
N LEU A 338 25.40 -7.78 -56.60
CA LEU A 338 26.35 -6.80 -57.15
C LEU A 338 26.26 -6.69 -58.67
N ALA A 339 26.30 -7.85 -59.39
CA ALA A 339 26.23 -7.90 -60.86
C ALA A 339 24.98 -7.19 -61.41
N CYS A 340 23.85 -7.26 -60.68
CA CYS A 340 22.59 -6.61 -61.05
C CYS A 340 22.70 -5.07 -60.93
N VAL A 341 23.28 -4.57 -59.80
CA VAL A 341 23.47 -3.15 -59.53
C VAL A 341 24.45 -2.55 -60.57
N LYS A 342 25.54 -3.30 -60.90
CA LYS A 342 26.57 -2.92 -61.88
C LYS A 342 26.01 -2.72 -63.30
N VAL A 343 24.95 -3.47 -63.68
CA VAL A 343 24.31 -3.32 -65.00
C VAL A 343 23.59 -1.95 -65.03
N ILE A 344 22.84 -1.62 -63.96
CA ILE A 344 22.12 -0.35 -63.80
C ILE A 344 23.12 0.83 -63.79
N ASP A 345 24.25 0.70 -63.03
CA ASP A 345 25.32 1.72 -62.94
C ASP A 345 25.91 2.04 -64.31
N SER A 346 26.18 0.99 -65.13
CA SER A 346 26.73 1.14 -66.48
C SER A 346 25.75 1.87 -67.39
N LEU A 347 24.43 1.60 -67.23
CA LEU A 347 23.36 2.25 -68.00
C LEU A 347 23.30 3.73 -67.68
N TYR A 348 23.52 4.09 -66.39
CA TYR A 348 23.54 5.49 -65.93
C TYR A 348 24.74 6.25 -66.54
N GLU A 349 25.89 5.55 -66.75
CA GLU A 349 27.08 6.12 -67.39
C GLU A 349 26.87 6.23 -68.92
N GLN A 350 26.30 5.16 -69.54
CA GLN A 350 25.99 5.05 -70.98
C GLN A 350 24.97 6.10 -71.41
N TYR A 351 23.93 6.34 -70.58
CA TYR A 351 22.89 7.29 -70.90
C TYR A 351 23.13 8.70 -70.35
N LYS A 352 24.41 9.02 -69.99
CA LYS A 352 24.88 10.34 -69.54
C LYS A 352 23.95 11.03 -68.51
N ILE A 353 23.60 10.31 -67.42
CA ILE A 353 22.73 10.84 -66.36
C ILE A 353 23.35 12.09 -65.70
N ARG A 354 24.71 12.16 -65.61
CA ARG A 354 25.42 13.34 -65.06
C ARG A 354 25.09 14.59 -65.87
N LYS A 355 25.18 14.50 -67.22
CA LYS A 355 24.86 15.58 -68.16
C LYS A 355 23.40 15.98 -68.07
N HIS A 356 22.47 14.98 -68.01
CA HIS A 356 21.03 15.26 -67.89
C HIS A 356 20.69 15.94 -66.56
N TYR A 357 21.38 15.57 -65.45
CA TYR A 357 21.15 16.24 -64.16
C TYR A 357 21.60 17.71 -64.23
N GLU A 358 22.82 17.97 -64.76
CA GLU A 358 23.40 19.32 -64.93
C GLU A 358 22.44 20.20 -65.74
N SER A 359 21.84 19.64 -66.82
CA SER A 359 20.86 20.34 -67.64
C SER A 359 19.56 20.58 -66.85
N TYR A 360 19.11 19.60 -66.02
CA TYR A 360 17.91 19.74 -65.19
C TYR A 360 18.11 20.85 -64.14
N GLU A 361 19.27 20.82 -63.43
CA GLU A 361 19.64 21.75 -62.36
C GLU A 361 19.57 23.20 -62.84
N LYS A 362 20.10 23.49 -64.05
CA LYS A 362 20.07 24.83 -64.64
C LYS A 362 18.63 25.29 -64.91
N ALA A 363 17.80 24.40 -65.51
CA ALA A 363 16.40 24.71 -65.82
C ALA A 363 15.52 24.86 -64.55
N GLN A 364 15.73 23.98 -63.54
CA GLN A 364 14.96 24.05 -62.32
C GLN A 364 15.36 25.27 -61.46
N LYS A 365 16.67 25.63 -61.42
CA LYS A 365 17.14 26.80 -60.66
C LYS A 365 16.48 28.07 -61.19
N ALA A 366 16.44 28.22 -62.54
CA ALA A 366 15.81 29.36 -63.23
C ALA A 366 14.33 29.43 -62.90
N LYS A 367 13.66 28.25 -62.83
CA LYS A 367 12.23 28.11 -62.52
C LYS A 367 11.93 28.52 -61.06
N ILE A 368 12.84 28.16 -60.12
CA ILE A 368 12.68 28.51 -58.71
C ILE A 368 12.83 30.04 -58.54
N LEU A 369 13.95 30.63 -59.07
CA LEU A 369 14.21 32.09 -59.03
C LEU A 369 13.05 32.92 -59.56
N SER A 370 12.43 32.46 -60.67
CA SER A 370 11.28 33.10 -61.30
C SER A 370 10.05 33.12 -60.35
N ALA A 371 9.83 32.01 -59.60
CA ALA A 371 8.74 31.88 -58.63
C ALA A 371 9.01 32.75 -57.40
N ILE A 372 10.30 32.84 -56.99
CA ILE A 372 10.75 33.65 -55.86
C ILE A 372 10.48 35.14 -56.17
N ASN A 373 10.82 35.58 -57.39
CA ASN A 373 10.65 36.98 -57.84
C ASN A 373 9.18 37.44 -57.85
N GLU A 374 8.23 36.50 -58.04
CA GLU A 374 6.79 36.81 -58.04
C GLU A 374 6.15 36.74 -56.63
N LEU A 375 6.98 36.69 -55.58
CA LEU A 375 6.58 36.59 -54.17
C LEU A 375 6.14 37.94 -53.59
N HIS A 376 6.84 39.04 -53.98
CA HIS A 376 6.60 40.43 -53.56
C HIS A 376 6.80 40.61 -52.04
N HIS A 377 7.99 40.17 -51.55
CA HIS A 377 8.44 40.26 -50.17
C HIS A 377 9.96 40.10 -50.22
N GLU A 378 10.66 41.24 -50.13
CA GLU A 378 12.12 41.38 -50.23
C GLU A 378 12.93 40.54 -49.24
N GLY A 379 12.47 40.47 -47.98
CA GLY A 379 13.13 39.70 -46.94
C GLY A 379 13.14 38.22 -47.22
N ILE A 380 11.95 37.65 -47.52
CA ILE A 380 11.79 36.22 -47.84
C ILE A 380 12.54 35.90 -49.15
N GLU A 381 12.34 36.72 -50.21
CA GLU A 381 13.04 36.58 -51.51
C GLU A 381 14.54 36.44 -51.31
N TYR A 382 15.14 37.35 -50.47
CA TYR A 382 16.57 37.33 -50.16
C TYR A 382 16.99 36.00 -49.52
N VAL A 383 16.25 35.54 -48.48
CA VAL A 383 16.54 34.28 -47.76
C VAL A 383 16.51 33.10 -48.73
N LEU A 384 15.41 32.96 -49.50
CA LEU A 384 15.18 31.87 -50.45
C LEU A 384 16.23 31.85 -51.56
N LYS A 385 16.64 33.04 -52.07
CA LYS A 385 17.70 33.15 -53.09
C LYS A 385 19.05 32.75 -52.47
N TYR A 386 19.30 33.16 -51.20
CA TYR A 386 20.52 32.82 -50.46
C TYR A 386 20.61 31.32 -50.19
N LEU A 387 19.53 30.74 -49.60
CA LEU A 387 19.44 29.30 -49.27
C LEU A 387 19.59 28.42 -50.50
N LEU A 388 19.04 28.85 -51.66
CA LEU A 388 19.12 28.14 -52.94
C LEU A 388 20.60 27.97 -53.40
N GLU A 389 21.44 29.01 -53.20
CA GLU A 389 22.86 28.94 -53.57
C GLU A 389 23.66 28.13 -52.53
N ILE A 390 23.51 28.47 -51.23
CA ILE A 390 24.23 27.86 -50.10
C ILE A 390 23.94 26.37 -49.92
N LEU A 391 22.66 25.94 -50.07
CA LEU A 391 22.29 24.52 -49.94
C LEU A 391 22.66 23.75 -51.20
N LEU B 33 -23.91 4.92 -27.28
CA LEU B 33 -23.12 3.70 -27.50
C LEU B 33 -23.37 3.13 -28.90
N ALA B 34 -24.67 2.88 -29.26
CA ALA B 34 -25.10 2.36 -30.58
C ALA B 34 -24.62 3.31 -31.67
N PHE B 35 -24.83 4.63 -31.43
CA PHE B 35 -24.42 5.73 -32.30
C PHE B 35 -22.90 5.75 -32.46
N PHE B 36 -22.16 5.51 -31.34
CA PHE B 36 -20.70 5.47 -31.34
C PHE B 36 -20.20 4.41 -32.35
N ARG B 37 -20.70 3.15 -32.25
CA ARG B 37 -20.30 2.07 -33.16
C ARG B 37 -20.66 2.39 -34.62
N ASN B 38 -21.87 2.95 -34.84
CA ASN B 38 -22.37 3.36 -36.15
C ASN B 38 -21.59 4.51 -36.77
N MET B 39 -21.12 5.47 -35.94
CA MET B 39 -20.38 6.65 -36.44
C MET B 39 -18.93 6.37 -36.86
N TYR B 40 -18.41 5.13 -36.67
CA TYR B 40 -17.02 4.78 -37.03
C TYR B 40 -16.65 5.24 -38.45
N ASP B 41 -17.48 4.82 -39.46
CA ASP B 41 -17.32 5.11 -40.89
C ASP B 41 -17.14 6.59 -41.17
N LYS B 42 -17.90 7.45 -40.47
CA LYS B 42 -17.84 8.90 -40.64
C LYS B 42 -16.45 9.47 -40.30
N TYR B 43 -15.85 9.06 -39.17
CA TYR B 43 -14.54 9.55 -38.73
C TYR B 43 -13.41 9.01 -39.60
N ARG B 44 -13.46 7.70 -39.95
CA ARG B 44 -12.49 7.09 -40.85
C ARG B 44 -12.54 7.79 -42.22
N ASP B 45 -13.76 8.05 -42.74
CA ASP B 45 -13.95 8.70 -44.04
C ASP B 45 -13.59 10.18 -44.02
N ALA B 46 -13.85 10.89 -42.90
CA ALA B 46 -13.46 12.31 -42.77
C ALA B 46 -11.93 12.42 -42.84
N PHE B 47 -11.19 11.45 -42.24
CA PHE B 47 -9.73 11.47 -42.31
C PHE B 47 -9.24 11.09 -43.70
N LEU B 48 -9.83 10.02 -44.30
CA LEU B 48 -9.45 9.55 -45.66
C LEU B 48 -9.72 10.63 -46.73
N SER B 49 -10.78 11.45 -46.52
CA SER B 49 -11.14 12.57 -47.41
C SER B 49 -10.07 13.67 -47.38
N HIS B 50 -9.44 13.90 -46.18
CA HIS B 50 -8.35 14.85 -46.01
C HIS B 50 -7.13 14.39 -46.81
N LEU B 51 -6.86 13.07 -46.82
CA LEU B 51 -5.75 12.50 -47.60
C LEU B 51 -6.07 12.60 -49.09
N ASN B 52 -7.36 12.45 -49.43
CA ASN B 52 -7.85 12.53 -50.80
C ASN B 52 -7.79 13.97 -51.36
N GLU B 53 -7.66 15.00 -50.47
CA GLU B 53 -7.52 16.42 -50.84
C GLU B 53 -6.10 16.71 -51.36
N TYR B 54 -5.11 15.81 -51.09
CA TYR B 54 -3.69 15.99 -51.49
C TYR B 54 -3.51 16.11 -53.01
N SER B 55 -2.41 16.77 -53.44
CA SER B 55 -2.12 16.92 -54.87
C SER B 55 -1.41 15.68 -55.40
N LEU B 56 -2.21 14.68 -55.77
CA LEU B 56 -1.73 13.38 -56.28
C LEU B 56 -2.55 12.97 -57.47
N GLU B 57 -1.95 12.14 -58.36
CA GLU B 57 -2.62 11.60 -59.54
C GLU B 57 -3.76 10.68 -59.07
N GLU B 58 -4.89 10.67 -59.81
CA GLU B 58 -6.11 9.90 -59.49
C GLU B 58 -5.87 8.42 -59.15
N GLU B 59 -4.95 7.75 -59.89
CA GLU B 59 -4.60 6.35 -59.68
C GLU B 59 -3.86 6.16 -58.35
N ILE B 60 -3.00 7.13 -57.96
CA ILE B 60 -2.26 7.10 -56.71
C ILE B 60 -3.22 7.35 -55.52
N LYS B 61 -4.21 8.27 -55.69
CA LYS B 61 -5.24 8.58 -54.68
C LYS B 61 -6.04 7.34 -54.32
N GLU B 62 -6.44 6.56 -55.34
CA GLU B 62 -7.18 5.29 -55.21
C GLU B 62 -6.36 4.27 -54.40
N HIS B 63 -5.05 4.13 -54.72
CA HIS B 63 -4.11 3.20 -54.05
C HIS B 63 -3.95 3.51 -52.56
N ILE B 64 -3.79 4.81 -52.19
CA ILE B 64 -3.60 5.17 -50.78
C ILE B 64 -4.93 4.99 -50.01
N SER B 65 -6.08 5.32 -50.64
CA SER B 65 -7.41 5.19 -50.03
C SER B 65 -7.72 3.74 -49.69
N LYS B 66 -7.38 2.80 -50.59
CA LYS B 66 -7.60 1.36 -50.37
C LYS B 66 -6.67 0.84 -49.25
N TYR B 67 -5.40 1.30 -49.23
CA TYR B 67 -4.46 0.88 -48.18
C TYR B 67 -4.87 1.44 -46.80
N TYR B 68 -5.11 2.76 -46.72
CA TYR B 68 -5.43 3.43 -45.46
C TYR B 68 -6.83 3.11 -44.94
N LYS B 69 -7.80 2.77 -45.83
CA LYS B 69 -9.13 2.33 -45.37
C LYS B 69 -8.95 1.00 -44.60
N LEU B 70 -8.08 0.09 -45.13
CA LEU B 70 -7.78 -1.19 -44.49
C LEU B 70 -6.93 -1.01 -43.22
N LEU B 71 -5.95 -0.07 -43.21
CA LEU B 71 -5.13 0.17 -42.02
C LEU B 71 -6.04 0.49 -40.80
N PHE B 72 -7.02 1.36 -41.00
CA PHE B 72 -8.01 1.77 -39.98
C PHE B 72 -8.97 0.62 -39.64
N ASP B 73 -9.55 -0.07 -40.64
CA ASP B 73 -10.51 -1.17 -40.42
C ASP B 73 -9.90 -2.37 -39.68
N TYR B 74 -8.73 -2.86 -40.16
CA TYR B 74 -8.05 -4.01 -39.59
C TYR B 74 -7.59 -3.80 -38.14
N ASN B 75 -7.18 -2.56 -37.78
CA ASN B 75 -6.63 -2.29 -36.46
C ASN B 75 -7.54 -1.53 -35.48
N CYS B 76 -8.55 -0.76 -35.97
CA CYS B 76 -9.44 -0.02 -35.05
C CYS B 76 -10.67 -0.83 -34.65
N LEU B 77 -11.13 -1.74 -35.52
CA LEU B 77 -12.32 -2.57 -35.29
C LEU B 77 -11.99 -3.93 -34.64
N GLY B 78 -13.02 -4.62 -34.15
CA GLY B 78 -12.90 -5.93 -33.51
C GLY B 78 -12.54 -5.88 -32.04
N GLY B 79 -12.47 -4.68 -31.49
CA GLY B 79 -12.15 -4.44 -30.08
C GLY B 79 -13.37 -4.23 -29.21
N LYS B 80 -13.17 -4.29 -27.87
CA LYS B 80 -14.24 -4.13 -26.88
C LYS B 80 -14.75 -2.68 -26.79
N ASN B 81 -13.89 -1.71 -27.21
CA ASN B 81 -14.17 -0.25 -27.23
C ASN B 81 -14.53 0.32 -25.84
N ASN B 82 -13.95 -0.24 -24.76
CA ASN B 82 -14.20 0.22 -23.40
C ASN B 82 -13.75 1.66 -23.19
N ARG B 83 -12.61 2.04 -23.81
CA ARG B 83 -12.06 3.40 -23.74
C ARG B 83 -13.01 4.39 -24.42
N GLY B 84 -13.52 4.00 -25.60
CA GLY B 84 -14.46 4.80 -26.38
C GLY B 84 -15.79 4.99 -25.67
N ILE B 85 -16.37 3.88 -25.18
CA ILE B 85 -17.64 3.87 -24.44
C ILE B 85 -17.50 4.74 -23.16
N LEU B 86 -16.31 4.71 -22.50
CA LEU B 86 -16.05 5.53 -21.29
C LEU B 86 -16.26 7.03 -21.56
N VAL B 87 -15.77 7.55 -22.73
CA VAL B 87 -15.95 8.95 -23.17
C VAL B 87 -17.45 9.27 -23.27
N ILE B 88 -18.20 8.40 -24.01
CA ILE B 88 -19.63 8.55 -24.28
C ILE B 88 -20.42 8.66 -22.98
N LEU B 89 -20.28 7.64 -22.11
CA LEU B 89 -20.95 7.55 -20.80
C LEU B 89 -20.59 8.72 -19.89
N ILE B 90 -19.28 9.07 -19.78
CA ILE B 90 -18.86 10.22 -18.96
C ILE B 90 -19.52 11.48 -19.48
N TYR B 91 -19.41 11.75 -20.80
CA TYR B 91 -20.03 12.92 -21.42
C TYR B 91 -21.55 12.99 -21.12
N GLU B 92 -22.26 11.86 -21.29
CA GLU B 92 -23.71 11.74 -21.07
C GLU B 92 -24.13 12.07 -19.63
N TYR B 93 -23.44 11.49 -18.63
CA TYR B 93 -23.75 11.66 -17.21
C TYR B 93 -23.16 12.94 -16.58
N VAL B 94 -22.41 13.74 -17.36
CA VAL B 94 -21.89 15.02 -16.88
C VAL B 94 -22.80 16.15 -17.40
N LYS B 95 -23.11 16.11 -18.72
CA LYS B 95 -23.92 17.10 -19.45
C LYS B 95 -25.15 17.60 -18.68
N ASN B 96 -25.18 18.93 -18.48
CA ASN B 96 -26.22 19.71 -17.79
C ASN B 96 -26.06 21.18 -18.18
N ASP B 98 -30.80 18.57 -22.86
CA ASP B 98 -30.21 17.29 -23.27
C ASP B 98 -29.13 17.47 -24.37
N ILE B 99 -28.63 16.35 -24.94
CA ILE B 99 -27.56 16.32 -25.95
C ILE B 99 -28.12 16.13 -27.37
N ASN B 100 -27.76 17.05 -28.29
CA ASN B 100 -28.15 16.99 -29.70
C ASN B 100 -27.11 16.18 -30.54
N SER B 101 -27.40 15.95 -31.85
CA SER B 101 -26.53 15.21 -32.79
C SER B 101 -25.15 15.86 -32.99
N SER B 102 -25.10 17.21 -32.94
CA SER B 102 -23.90 18.03 -33.12
C SER B 102 -22.90 17.79 -31.97
N GLU B 103 -23.39 17.84 -30.71
CA GLU B 103 -22.61 17.61 -29.50
C GLU B 103 -22.17 16.14 -29.44
N TRP B 104 -23.09 15.20 -29.80
CA TRP B 104 -22.81 13.76 -29.83
C TRP B 104 -21.74 13.43 -30.90
N GLU B 105 -21.72 14.19 -32.02
CA GLU B 105 -20.73 14.04 -33.09
C GLU B 105 -19.31 14.37 -32.56
N LYS B 106 -19.20 15.39 -31.70
CA LYS B 106 -17.95 15.84 -31.06
C LYS B 106 -17.49 14.82 -29.99
N ALA B 107 -18.44 14.25 -29.22
CA ALA B 107 -18.17 13.25 -28.18
C ALA B 107 -17.74 11.94 -28.81
N ALA B 108 -18.42 11.50 -29.88
CA ALA B 108 -18.10 10.27 -30.59
C ALA B 108 -16.78 10.37 -31.33
N CYS B 109 -16.41 11.59 -31.78
CA CYS B 109 -15.12 11.84 -32.46
C CYS B 109 -13.97 11.50 -31.48
N LEU B 110 -14.02 12.04 -30.25
CA LEU B 110 -13.02 11.85 -29.19
C LEU B 110 -12.97 10.43 -28.74
N ALA B 111 -14.14 9.77 -28.68
CA ALA B 111 -14.27 8.37 -28.32
C ALA B 111 -13.55 7.50 -29.37
N TRP B 112 -13.76 7.79 -30.67
CA TRP B 112 -13.08 7.06 -31.74
C TRP B 112 -11.58 7.45 -31.83
N CYS B 113 -11.20 8.68 -31.42
CA CYS B 113 -9.78 9.10 -31.41
C CYS B 113 -8.96 8.30 -30.41
N ILE B 114 -9.56 7.94 -29.25
CA ILE B 114 -8.88 7.13 -28.23
C ILE B 114 -8.80 5.67 -28.74
N GLU B 115 -9.80 5.22 -29.54
CA GLU B 115 -9.77 3.89 -30.14
C GLU B 115 -8.69 3.81 -31.21
N ILE B 116 -8.44 4.94 -31.92
CA ILE B 116 -7.38 5.06 -32.93
C ILE B 116 -6.02 5.05 -32.22
N LEU B 117 -5.96 5.73 -31.06
CA LEU B 117 -4.76 5.79 -30.21
C LEU B 117 -4.42 4.39 -29.71
N GLN B 118 -5.45 3.63 -29.28
CA GLN B 118 -5.31 2.25 -28.83
C GLN B 118 -4.77 1.39 -29.98
N ALA B 119 -5.29 1.58 -31.21
CA ALA B 119 -4.85 0.85 -32.41
C ALA B 119 -3.39 1.17 -32.74
N ALA B 120 -2.98 2.46 -32.65
CA ALA B 120 -1.61 2.90 -32.94
C ALA B 120 -0.63 2.26 -31.94
N PHE B 121 -1.04 2.18 -30.66
CA PHE B 121 -0.25 1.57 -29.59
C PHE B 121 -0.16 0.07 -29.74
N LEU B 122 -1.25 -0.61 -30.16
CA LEU B 122 -1.25 -2.07 -30.36
C LEU B 122 -0.38 -2.46 -31.54
N VAL B 123 -0.42 -1.67 -32.65
CA VAL B 123 0.40 -1.95 -33.84
C VAL B 123 1.88 -1.83 -33.44
N ALA B 124 2.24 -0.74 -32.72
CA ALA B 124 3.61 -0.47 -32.23
C ALA B 124 4.07 -1.52 -31.22
N ASP B 125 3.19 -1.92 -30.29
CA ASP B 125 3.48 -2.93 -29.26
C ASP B 125 3.75 -4.30 -29.87
N ASP B 126 2.99 -4.69 -30.91
CA ASP B 126 3.16 -5.97 -31.60
C ASP B 126 4.49 -6.03 -32.38
N ILE B 127 4.97 -4.88 -32.94
CA ILE B 127 6.27 -4.80 -33.63
C ILE B 127 7.36 -5.01 -32.56
N MET B 128 7.27 -4.24 -31.47
CA MET B 128 8.20 -4.20 -30.35
C MET B 128 8.34 -5.53 -29.61
N ASP B 129 7.20 -6.16 -29.22
CA ASP B 129 7.21 -7.43 -28.47
C ASP B 129 7.17 -8.67 -29.39
N LYS B 130 7.35 -8.46 -30.71
CA LYS B 130 7.34 -9.49 -31.77
C LYS B 130 6.07 -10.39 -31.68
N GLY B 131 4.91 -9.74 -31.56
CA GLY B 131 3.61 -10.40 -31.46
C GLY B 131 3.22 -11.26 -32.64
N GLU B 132 2.30 -12.22 -32.41
CA GLU B 132 1.83 -13.14 -33.44
C GLU B 132 0.34 -12.95 -33.73
N MET B 133 -0.47 -12.72 -32.68
CA MET B 133 -1.92 -12.55 -32.81
C MET B 133 -2.42 -11.36 -31.99
N ARG B 134 -3.40 -10.63 -32.55
CA ARG B 134 -4.06 -9.48 -31.94
C ARG B 134 -5.50 -9.49 -32.41
N ARG B 135 -6.44 -9.48 -31.43
CA ARG B 135 -7.90 -9.55 -31.63
C ARG B 135 -8.28 -10.80 -32.49
N ASN B 136 -7.62 -11.95 -32.18
CA ASN B 136 -7.77 -13.29 -32.79
C ASN B 136 -7.43 -13.35 -34.31
N LYS B 137 -6.57 -12.42 -34.79
CA LYS B 137 -6.11 -12.42 -36.17
C LYS B 137 -4.64 -11.99 -36.23
N TYR B 138 -3.99 -12.20 -37.39
CA TYR B 138 -2.58 -11.87 -37.60
C TYR B 138 -2.26 -10.41 -37.26
N CYS B 139 -1.10 -10.19 -36.65
CA CYS B 139 -0.62 -8.85 -36.33
C CYS B 139 -0.38 -8.14 -37.66
N TRP B 140 -0.82 -6.87 -37.75
CA TRP B 140 -0.68 -6.02 -38.94
C TRP B 140 0.72 -6.11 -39.59
N TYR B 141 1.79 -5.95 -38.79
CA TYR B 141 3.18 -5.96 -39.24
C TYR B 141 3.64 -7.31 -39.85
N LEU B 142 2.91 -8.44 -39.60
CA LEU B 142 3.29 -9.76 -40.13
C LEU B 142 2.87 -9.96 -41.58
N LEU B 143 1.79 -9.26 -42.01
CA LEU B 143 1.24 -9.32 -43.37
C LEU B 143 2.34 -8.98 -44.40
N LYS B 144 2.48 -9.81 -45.45
CA LYS B 144 3.53 -9.62 -46.47
C LYS B 144 3.28 -8.39 -47.36
N ASP B 145 2.04 -7.91 -47.45
CA ASP B 145 1.67 -6.68 -48.18
C ASP B 145 1.98 -5.43 -47.31
N VAL B 146 2.27 -5.65 -46.01
CA VAL B 146 2.55 -4.62 -45.02
C VAL B 146 4.02 -4.66 -44.58
N GLU B 147 4.39 -5.66 -43.73
CA GLU B 147 5.73 -5.86 -43.15
C GLU B 147 6.09 -4.73 -42.18
N THR B 148 7.22 -4.88 -41.47
CA THR B 148 7.72 -3.91 -40.48
C THR B 148 7.89 -2.51 -41.10
N LYS B 149 8.40 -2.43 -42.35
CA LYS B 149 8.60 -1.16 -43.05
C LYS B 149 7.31 -0.31 -43.15
N ASN B 150 6.15 -0.93 -43.42
CA ASN B 150 4.92 -0.16 -43.50
C ASN B 150 4.29 0.09 -42.12
N ALA B 151 4.30 -0.94 -41.25
CA ALA B 151 3.69 -0.86 -39.92
C ALA B 151 4.27 0.28 -39.04
N VAL B 152 5.60 0.55 -39.11
CA VAL B 152 6.25 1.65 -38.36
C VAL B 152 5.65 3.01 -38.80
N ASN B 153 5.57 3.23 -40.13
CA ASN B 153 5.02 4.43 -40.79
C ASN B 153 3.53 4.56 -40.49
N ASP B 154 2.84 3.42 -40.34
CA ASP B 154 1.42 3.35 -40.07
C ASP B 154 1.08 3.77 -38.63
N VAL B 155 2.00 3.53 -37.66
CA VAL B 155 1.80 3.96 -36.26
C VAL B 155 1.72 5.50 -36.18
N LEU B 156 2.66 6.19 -36.87
CA LEU B 156 2.71 7.66 -36.93
C LEU B 156 1.51 8.23 -37.68
N LEU B 157 1.01 7.49 -38.70
CA LEU B 157 -0.15 7.92 -39.46
C LEU B 157 -1.38 7.89 -38.57
N LEU B 158 -1.65 6.74 -37.92
CA LEU B 158 -2.79 6.56 -37.01
C LEU B 158 -2.73 7.57 -35.89
N TYR B 159 -1.51 7.79 -35.33
CA TYR B 159 -1.33 8.77 -34.25
C TYR B 159 -1.68 10.17 -34.70
N ASN B 160 -1.20 10.59 -35.88
CA ASN B 160 -1.45 11.95 -36.35
C ASN B 160 -2.90 12.17 -36.82
N SER B 161 -3.60 11.09 -37.26
CA SER B 161 -5.00 11.18 -37.72
C SER B 161 -5.92 11.72 -36.61
N ILE B 162 -5.60 11.39 -35.34
CA ILE B 162 -6.31 11.80 -34.13
C ILE B 162 -6.44 13.35 -34.08
N TYR B 163 -5.31 14.06 -34.23
CA TYR B 163 -5.25 15.52 -34.14
C TYR B 163 -5.91 16.18 -35.32
N LYS B 164 -5.93 15.51 -36.48
CA LYS B 164 -6.63 16.00 -37.66
C LYS B 164 -8.14 15.90 -37.41
N LEU B 165 -8.59 14.77 -36.83
CA LEU B 165 -9.99 14.55 -36.49
C LEU B 165 -10.52 15.49 -35.42
N ILE B 166 -9.69 15.77 -34.38
CA ILE B 166 -10.07 16.71 -33.31
C ILE B 166 -10.17 18.12 -33.91
N GLU B 167 -9.32 18.44 -34.91
CA GLU B 167 -9.38 19.71 -35.60
C GLU B 167 -10.67 19.80 -36.44
N ILE B 168 -11.03 18.73 -37.18
CA ILE B 168 -12.24 18.73 -38.02
C ILE B 168 -13.51 19.01 -37.19
N TYR B 169 -13.67 18.31 -36.06
CA TYR B 169 -14.89 18.37 -35.27
C TYR B 169 -14.88 19.25 -34.01
N LEU B 170 -13.70 19.70 -33.50
CA LEU B 170 -13.66 20.49 -32.25
C LEU B 170 -12.83 21.79 -32.30
N ARG B 171 -12.24 22.17 -33.44
CA ARG B 171 -11.37 23.37 -33.56
C ARG B 171 -12.03 24.69 -33.09
N ASN B 172 -13.37 24.77 -33.04
CA ASN B 172 -14.10 25.98 -32.64
C ASN B 172 -14.65 25.89 -31.19
N GLU B 173 -14.48 24.71 -30.54
CA GLU B 173 -14.86 24.49 -29.14
C GLU B 173 -13.83 25.17 -28.24
N SER B 174 -14.27 25.76 -27.11
CA SER B 174 -13.34 26.44 -26.19
C SER B 174 -12.36 25.45 -25.54
N CYS B 175 -12.76 24.19 -25.38
CA CYS B 175 -11.97 23.12 -24.78
C CYS B 175 -10.93 22.50 -25.75
N TYR B 176 -10.93 22.92 -27.04
CA TYR B 176 -10.05 22.40 -28.10
C TYR B 176 -8.56 22.21 -27.68
N VAL B 177 -7.86 23.29 -27.27
CA VAL B 177 -6.44 23.26 -26.88
C VAL B 177 -6.24 22.31 -25.67
N ASP B 178 -7.16 22.36 -24.69
CA ASP B 178 -7.11 21.48 -23.50
C ASP B 178 -7.27 20.02 -23.87
N VAL B 179 -8.14 19.72 -24.88
CA VAL B 179 -8.39 18.35 -25.34
C VAL B 179 -7.13 17.79 -26.02
N ILE B 180 -6.54 18.55 -26.95
CA ILE B 180 -5.34 18.11 -27.68
C ILE B 180 -4.14 17.98 -26.69
N ALA B 181 -4.07 18.83 -25.65
CA ALA B 181 -3.00 18.73 -24.63
C ALA B 181 -3.19 17.46 -23.79
N THR B 182 -4.47 17.05 -23.56
CA THR B 182 -4.81 15.83 -22.80
C THR B 182 -4.32 14.61 -23.56
N PHE B 183 -4.50 14.60 -24.90
CA PHE B 183 -4.05 13.53 -25.76
C PHE B 183 -2.52 13.47 -25.80
N ARG B 184 -1.88 14.63 -25.95
CA ARG B 184 -0.43 14.72 -26.03
C ARG B 184 0.26 14.29 -24.73
N ASP B 185 -0.21 14.78 -23.55
CA ASP B 185 0.38 14.45 -22.24
C ASP B 185 0.16 12.99 -21.86
N ALA B 186 -1.04 12.43 -22.16
CA ALA B 186 -1.34 11.03 -21.89
C ALA B 186 -0.51 10.09 -22.77
N THR B 187 -0.23 10.51 -24.03
CA THR B 187 0.59 9.74 -24.95
C THR B 187 2.05 9.71 -24.45
N LEU B 188 2.59 10.88 -24.03
CA LEU B 188 3.97 10.98 -23.52
C LEU B 188 4.17 10.06 -22.31
N LYS B 189 3.21 10.03 -21.37
CA LYS B 189 3.28 9.15 -20.20
C LYS B 189 3.21 7.70 -20.60
N THR B 190 2.38 7.35 -21.62
CA THR B 190 2.25 5.99 -22.16
C THR B 190 3.59 5.51 -22.78
N ILE B 191 4.25 6.37 -23.58
CA ILE B 191 5.54 6.08 -24.23
C ILE B 191 6.61 5.77 -23.13
N ILE B 192 6.63 6.55 -22.03
CA ILE B 192 7.55 6.35 -20.90
C ILE B 192 7.23 5.02 -20.19
N GLY B 193 5.94 4.70 -20.06
CA GLY B 193 5.48 3.45 -19.46
C GLY B 193 5.89 2.25 -20.26
N GLN B 194 5.85 2.38 -21.61
CA GLN B 194 6.26 1.35 -22.56
C GLN B 194 7.78 1.18 -22.53
N HIS B 195 8.53 2.29 -22.41
CA HIS B 195 10.00 2.28 -22.32
C HIS B 195 10.43 1.47 -21.09
N LEU B 196 9.87 1.84 -19.90
CA LEU B 196 10.14 1.17 -18.63
C LEU B 196 9.81 -0.33 -18.69
N ASP B 197 8.64 -0.69 -19.28
CA ASP B 197 8.20 -2.08 -19.42
C ASP B 197 9.19 -2.88 -20.29
N THR B 198 9.74 -2.23 -21.35
CA THR B 198 10.69 -2.80 -22.29
C THR B 198 12.10 -2.95 -21.67
N ASN B 199 12.59 -1.93 -20.93
CA ASN B 199 13.96 -1.89 -20.43
C ASN B 199 14.20 -2.05 -18.92
N ILE B 200 13.17 -2.40 -18.12
CA ILE B 200 13.34 -2.54 -16.65
C ILE B 200 14.38 -3.65 -16.28
N PHE B 201 14.47 -4.73 -17.08
CA PHE B 201 15.41 -5.82 -16.84
C PHE B 201 16.63 -5.75 -17.77
N SER B 202 16.74 -4.69 -18.60
CA SER B 202 17.84 -4.50 -19.56
C SER B 202 19.16 -4.16 -18.85
N ASP B 203 20.29 -4.45 -19.53
CA ASP B 203 21.65 -4.24 -19.02
C ASP B 203 21.95 -2.78 -18.66
N LYS B 204 21.41 -1.80 -19.43
CA LYS B 204 21.60 -0.37 -19.14
C LYS B 204 20.98 0.05 -17.78
N TYR B 205 19.92 -0.67 -17.35
CA TYR B 205 19.21 -0.43 -16.07
C TYR B 205 19.86 -1.18 -14.90
N SER B 206 20.37 -2.41 -15.14
CA SER B 206 21.04 -3.22 -14.12
C SER B 206 22.42 -2.63 -13.79
N ASP B 207 23.28 -2.49 -14.83
CA ASP B 207 24.61 -1.88 -14.72
C ASP B 207 24.45 -0.37 -14.91
N ALA B 208 23.93 0.30 -13.84
CA ALA B 208 23.63 1.73 -13.79
C ALA B 208 24.84 2.64 -13.99
N HIS B 209 26.01 2.24 -13.43
CA HIS B 209 27.24 3.02 -13.52
C HIS B 209 27.84 3.00 -14.93
N ARG B 210 27.69 1.87 -15.65
CA ARG B 210 28.18 1.71 -17.02
C ARG B 210 27.32 2.50 -18.03
N GLU B 211 27.92 3.55 -18.67
CA GLU B 211 27.27 4.38 -19.69
C GLU B 211 26.96 3.53 -20.93
N ILE B 212 25.93 3.90 -21.71
CA ILE B 212 25.53 3.14 -22.90
C ILE B 212 26.62 3.15 -23.98
N ASP B 213 27.01 1.96 -24.45
CA ASP B 213 28.05 1.81 -25.48
C ASP B 213 27.43 1.93 -26.88
N VAL B 214 27.67 3.08 -27.54
CA VAL B 214 27.14 3.39 -28.87
C VAL B 214 27.84 2.58 -30.00
N ASN B 215 28.99 1.95 -29.68
CA ASN B 215 29.76 1.15 -30.65
C ASN B 215 29.30 -0.32 -30.69
N ASN B 216 28.58 -0.79 -29.65
CA ASN B 216 28.10 -2.17 -29.57
C ASN B 216 26.79 -2.35 -30.37
N ILE B 217 26.85 -3.15 -31.46
CA ILE B 217 25.69 -3.48 -32.32
C ILE B 217 25.43 -5.01 -32.31
N ASN B 218 25.88 -5.70 -31.24
CA ASN B 218 25.70 -7.14 -31.06
C ASN B 218 24.40 -7.39 -30.31
N PRO B 220 20.91 -9.24 -30.61
CA PRO B 220 19.97 -9.67 -29.56
C PRO B 220 20.69 -10.00 -28.25
N GLU B 221 20.80 -8.98 -27.35
CA GLU B 221 21.44 -9.12 -26.05
C GLU B 221 20.62 -10.06 -25.15
N GLN B 222 21.29 -11.13 -24.66
CA GLN B 222 20.76 -12.19 -23.79
C GLN B 222 20.10 -11.58 -22.52
N PRO B 223 18.76 -11.73 -22.35
CA PRO B 223 18.09 -11.11 -21.20
C PRO B 223 18.05 -11.94 -19.92
N VAL B 224 18.18 -11.26 -18.76
CA VAL B 224 18.14 -11.86 -17.43
C VAL B 224 17.25 -11.04 -16.50
N ILE B 225 16.65 -11.68 -15.47
CA ILE B 225 15.79 -11.00 -14.50
C ILE B 225 16.64 -10.22 -13.51
N ASP B 226 16.14 -9.06 -13.05
CA ASP B 226 16.86 -8.21 -12.08
C ASP B 226 16.05 -8.13 -10.77
N ILE B 227 16.60 -8.72 -9.69
CA ILE B 227 15.98 -8.80 -8.35
C ILE B 227 15.74 -7.42 -7.71
N ASN B 228 16.55 -6.41 -8.08
CA ASN B 228 16.43 -5.04 -7.58
C ASN B 228 15.16 -4.34 -8.11
N MET B 229 14.62 -4.81 -9.26
CA MET B 229 13.43 -4.25 -9.91
C MET B 229 12.15 -5.08 -9.62
N ILE B 230 12.30 -6.29 -9.00
CA ILE B 230 11.17 -7.17 -8.67
C ILE B 230 10.52 -6.71 -7.33
N ASN B 231 9.82 -5.56 -7.40
CA ASN B 231 9.09 -4.97 -6.26
C ASN B 231 7.87 -4.21 -6.77
N PHE B 232 6.90 -4.01 -5.88
CA PHE B 232 5.61 -3.38 -6.17
C PHE B 232 5.69 -1.89 -6.48
N GLY B 233 6.71 -1.19 -5.97
CA GLY B 233 6.93 0.23 -6.21
C GLY B 233 7.26 0.54 -7.65
N VAL B 234 8.23 -0.21 -8.22
CA VAL B 234 8.68 -0.13 -9.62
C VAL B 234 7.50 -0.51 -10.54
N TYR B 235 6.78 -1.59 -10.18
CA TYR B 235 5.63 -2.11 -10.92
C TYR B 235 4.55 -1.04 -11.06
N LYS B 236 4.18 -0.34 -9.95
CA LYS B 236 3.16 0.72 -9.99
C LYS B 236 3.59 1.84 -10.92
N ASN B 237 4.87 2.26 -10.85
CA ASN B 237 5.47 3.29 -11.70
C ASN B 237 5.21 3.00 -13.19
N ILE B 238 5.51 1.75 -13.62
CA ILE B 238 5.36 1.26 -15.00
C ILE B 238 3.87 1.21 -15.41
N VAL B 239 3.08 0.46 -14.63
CA VAL B 239 1.67 0.19 -14.84
C VAL B 239 0.83 1.49 -14.98
N ILE B 240 1.05 2.47 -14.08
CA ILE B 240 0.33 3.75 -14.11
C ILE B 240 0.66 4.51 -15.41
N HIS B 241 1.96 4.60 -15.76
CA HIS B 241 2.39 5.31 -16.94
C HIS B 241 2.01 4.57 -18.23
N LYS B 242 2.20 3.24 -18.29
CA LYS B 242 1.91 2.42 -19.48
C LYS B 242 0.41 2.29 -19.81
N THR B 243 -0.47 2.25 -18.79
CA THR B 243 -1.90 1.97 -19.00
C THR B 243 -2.88 3.01 -18.45
N ALA B 244 -2.68 3.48 -17.19
CA ALA B 244 -3.66 4.34 -16.51
C ALA B 244 -4.02 5.65 -17.23
N TYR B 245 -3.04 6.32 -17.82
CA TYR B 245 -3.26 7.61 -18.44
C TYR B 245 -4.04 7.56 -19.74
N TYR B 246 -3.72 6.62 -20.67
CA TYR B 246 -4.46 6.60 -21.93
C TYR B 246 -5.76 5.76 -21.86
N SER B 247 -5.84 4.78 -20.96
CA SER B 247 -7.03 3.90 -20.85
C SER B 247 -8.08 4.43 -19.90
N PHE B 248 -7.68 5.28 -18.92
CA PHE B 248 -8.65 5.77 -17.94
C PHE B 248 -8.69 7.27 -17.84
N PHE B 249 -7.54 7.93 -17.60
CA PHE B 249 -7.50 9.38 -17.46
C PHE B 249 -7.95 10.13 -18.70
N LEU B 250 -7.38 9.80 -19.88
CA LEU B 250 -7.68 10.45 -21.16
C LEU B 250 -9.22 10.31 -21.54
N PRO B 251 -9.85 9.10 -21.51
CA PRO B 251 -11.29 9.04 -21.83
C PRO B 251 -12.19 9.84 -20.89
N ILE B 252 -11.96 9.77 -19.55
CA ILE B 252 -12.77 10.49 -18.56
C ILE B 252 -12.60 12.00 -18.73
N VAL B 253 -11.34 12.48 -18.86
CA VAL B 253 -11.05 13.92 -19.03
C VAL B 253 -11.69 14.44 -20.33
N CYS B 254 -11.65 13.64 -21.43
CA CYS B 254 -12.27 13.98 -22.71
C CYS B 254 -13.77 14.28 -22.55
N GLY B 255 -14.49 13.39 -21.86
CA GLY B 255 -15.91 13.53 -21.60
C GLY B 255 -16.20 14.74 -20.73
N MET B 256 -15.38 14.95 -19.67
CA MET B 256 -15.48 16.06 -18.72
C MET B 256 -15.17 17.43 -19.35
N LEU B 257 -14.11 17.51 -20.19
CA LEU B 257 -13.71 18.76 -20.87
C LEU B 257 -14.80 19.21 -21.85
N LEU B 258 -15.31 18.27 -22.66
CA LEU B 258 -16.35 18.56 -23.65
C LEU B 258 -17.66 18.99 -22.99
N ALA B 259 -17.99 18.39 -21.83
CA ALA B 259 -19.21 18.70 -21.08
C ALA B 259 -19.13 20.05 -20.35
N GLY B 260 -17.98 20.71 -20.40
CA GLY B 260 -17.78 22.04 -19.82
C GLY B 260 -17.18 22.17 -18.44
N ILE B 261 -16.64 21.08 -17.85
CA ILE B 261 -15.99 21.18 -16.53
C ILE B 261 -14.65 21.90 -16.70
N ALA B 262 -14.50 23.06 -16.03
CA ALA B 262 -13.30 23.90 -16.06
C ALA B 262 -12.04 23.16 -15.57
N VAL B 263 -10.93 23.33 -16.30
CA VAL B 263 -9.60 22.71 -16.08
C VAL B 263 -9.13 22.78 -14.60
N ASP B 264 -9.28 23.95 -13.95
CA ASP B 264 -8.86 24.21 -12.57
C ASP B 264 -9.74 23.52 -11.50
N ASN B 265 -10.88 22.90 -11.90
CA ASN B 265 -11.78 22.20 -10.96
C ASN B 265 -11.05 21.06 -10.24
N LEU B 266 -11.31 20.94 -8.93
CA LEU B 266 -10.75 19.97 -7.99
C LEU B 266 -10.93 18.50 -8.42
N ILE B 267 -12.06 18.19 -9.07
CA ILE B 267 -12.42 16.84 -9.52
C ILE B 267 -11.38 16.19 -10.50
N TYR B 268 -10.66 16.98 -11.31
CA TYR B 268 -9.67 16.43 -12.27
C TYR B 268 -8.50 15.70 -11.59
N LYS B 269 -7.94 16.27 -10.48
CA LYS B 269 -6.87 15.60 -9.74
C LYS B 269 -7.42 14.31 -9.09
N LYS B 270 -8.66 14.36 -8.58
CA LYS B 270 -9.34 13.20 -7.98
C LYS B 270 -9.48 12.09 -9.02
N ILE B 271 -9.81 12.47 -10.27
CA ILE B 271 -9.97 11.56 -11.42
C ILE B 271 -8.59 11.01 -11.83
N GLU B 272 -7.53 11.83 -11.71
CA GLU B 272 -6.16 11.37 -12.01
C GLU B 272 -5.75 10.24 -11.07
N ASP B 273 -6.02 10.40 -9.76
CA ASP B 273 -5.71 9.39 -8.74
C ASP B 273 -6.54 8.13 -8.92
N ILE B 274 -7.84 8.26 -9.29
CA ILE B 274 -8.74 7.10 -9.55
C ILE B 274 -8.22 6.33 -10.77
N SER B 275 -7.81 7.06 -11.84
CA SER B 275 -7.26 6.44 -13.06
C SER B 275 -6.03 5.58 -12.74
N MET B 276 -5.15 6.08 -11.84
CA MET B 276 -3.96 5.35 -11.38
C MET B 276 -4.37 4.01 -10.73
N LEU B 277 -5.37 4.05 -9.82
CA LEU B 277 -5.89 2.88 -9.08
C LEU B 277 -6.52 1.86 -10.04
N MET B 278 -7.31 2.34 -11.00
CA MET B 278 -7.98 1.52 -12.02
C MET B 278 -6.97 0.92 -13.00
N GLY B 279 -5.97 1.72 -13.41
CA GLY B 279 -4.91 1.28 -14.31
C GLY B 279 -4.08 0.15 -13.74
N GLU B 280 -3.81 0.23 -12.42
CA GLU B 280 -3.10 -0.80 -11.67
C GLU B 280 -3.97 -2.08 -11.55
N TYR B 281 -5.27 -1.90 -11.25
CA TYR B 281 -6.28 -2.96 -11.13
C TYR B 281 -6.43 -3.72 -12.44
N PHE B 282 -6.50 -2.99 -13.57
CA PHE B 282 -6.67 -3.51 -14.94
C PHE B 282 -5.42 -4.29 -15.41
N GLN B 283 -4.20 -3.77 -15.12
CA GLN B 283 -2.95 -4.41 -15.54
C GLN B 283 -2.64 -5.70 -14.75
N ILE B 284 -2.92 -5.71 -13.42
CA ILE B 284 -2.71 -6.90 -12.55
C ILE B 284 -3.67 -8.03 -12.98
N HIS B 285 -4.86 -7.67 -13.50
CA HIS B 285 -5.84 -8.61 -14.04
C HIS B 285 -5.33 -9.16 -15.39
N ASP B 286 -4.74 -8.29 -16.23
CA ASP B 286 -4.17 -8.67 -17.53
C ASP B 286 -2.91 -9.53 -17.37
N ASP B 287 -2.17 -9.37 -16.24
CA ASP B 287 -0.99 -10.17 -15.90
C ASP B 287 -1.46 -11.57 -15.50
N TYR B 288 -2.60 -11.61 -14.77
CA TYR B 288 -3.27 -12.82 -14.31
C TYR B 288 -3.86 -13.59 -15.50
N LEU B 289 -4.33 -12.87 -16.56
CA LEU B 289 -4.93 -13.51 -17.75
C LEU B 289 -3.88 -14.01 -18.76
N ASP B 290 -2.64 -13.49 -18.73
CA ASP B 290 -1.58 -13.90 -19.67
C ASP B 290 -0.90 -15.22 -19.26
N ILE B 291 -0.86 -15.54 -17.94
CA ILE B 291 -0.22 -16.78 -17.48
C ILE B 291 -1.21 -17.73 -16.78
N PHE B 292 -1.48 -17.51 -15.46
CA PHE B 292 -2.38 -18.36 -14.66
C PHE B 292 -3.68 -17.68 -14.31
N SER B 303 2.81 -14.78 -23.26
CA SER B 303 4.19 -14.48 -23.66
C SER B 303 4.95 -13.61 -22.62
N ASP B 304 4.30 -13.28 -21.46
CA ASP B 304 4.84 -12.47 -20.34
C ASP B 304 6.21 -12.95 -19.87
N ILE B 305 6.30 -14.24 -19.42
CA ILE B 305 7.54 -14.88 -18.95
C ILE B 305 8.55 -14.90 -20.12
N GLN B 306 8.14 -15.44 -21.29
CA GLN B 306 8.94 -15.55 -22.51
C GLN B 306 9.57 -14.21 -22.95
N ASN B 307 8.86 -13.07 -22.74
CA ASN B 307 9.35 -11.74 -23.09
C ASN B 307 10.09 -11.03 -21.94
N ASN B 308 10.42 -11.80 -20.84
CA ASN B 308 11.15 -11.33 -19.64
C ASN B 308 10.48 -10.08 -19.03
N LYS B 309 9.14 -10.15 -18.84
CA LYS B 309 8.36 -9.02 -18.34
C LYS B 309 8.16 -9.03 -16.83
N LEU B 310 8.12 -7.83 -16.24
CA LEU B 310 7.85 -7.66 -14.82
C LEU B 310 6.33 -7.72 -14.66
N THR B 311 5.85 -8.80 -14.04
CA THR B 311 4.43 -9.07 -13.82
C THR B 311 4.10 -9.11 -12.31
N TRP B 312 2.80 -8.93 -11.96
CA TRP B 312 2.32 -9.02 -10.57
C TRP B 312 2.55 -10.44 -10.01
N PRO B 313 2.24 -11.56 -10.74
CA PRO B 313 2.53 -12.89 -10.18
C PRO B 313 4.00 -13.11 -9.86
N LEU B 314 4.94 -12.61 -10.73
CA LEU B 314 6.40 -12.70 -10.53
C LEU B 314 6.83 -11.98 -9.25
N ILE B 315 6.29 -10.75 -9.01
CA ILE B 315 6.58 -9.92 -7.83
C ILE B 315 6.06 -10.62 -6.56
N LYS B 316 4.81 -11.12 -6.61
CA LYS B 316 4.18 -11.81 -5.48
C LYS B 316 4.94 -13.09 -5.11
N THR B 317 5.40 -13.88 -6.13
CA THR B 317 6.19 -15.11 -5.91
C THR B 317 7.44 -14.77 -5.10
N PHE B 318 8.24 -13.76 -5.55
CA PHE B 318 9.47 -13.27 -4.89
C PHE B 318 9.25 -12.78 -3.46
N GLU B 319 8.06 -12.20 -3.19
CA GLU B 319 7.68 -11.67 -1.88
C GLU B 319 7.47 -12.80 -0.84
N LEU B 320 6.95 -13.97 -1.30
CA LEU B 320 6.65 -15.13 -0.44
C LEU B 320 7.69 -16.26 -0.52
N CYS B 321 8.32 -16.46 -1.71
CA CYS B 321 9.29 -17.55 -1.93
C CYS B 321 10.63 -17.29 -1.23
N SER B 322 11.33 -18.40 -0.91
CA SER B 322 12.64 -18.42 -0.28
C SER B 322 13.76 -18.43 -1.34
N GLU B 323 15.03 -18.27 -0.87
CA GLU B 323 16.26 -18.21 -1.67
C GLU B 323 16.41 -19.33 -2.75
N PRO B 324 16.20 -20.66 -2.48
CA PRO B 324 16.38 -21.65 -3.57
C PRO B 324 15.38 -21.48 -4.72
N ASP B 325 14.15 -21.02 -4.41
CA ASP B 325 13.09 -20.75 -5.39
C ASP B 325 13.46 -19.52 -6.24
N LYS B 326 14.16 -18.53 -5.63
CA LYS B 326 14.62 -17.30 -6.29
C LYS B 326 15.66 -17.62 -7.37
N ILE B 327 16.62 -18.54 -7.08
CA ILE B 327 17.67 -19.00 -8.00
C ILE B 327 17.02 -19.67 -9.22
N LYS B 328 15.99 -20.53 -8.98
CA LYS B 328 15.23 -21.24 -10.01
C LYS B 328 14.53 -20.27 -10.96
N ILE B 329 13.93 -19.18 -10.40
CA ILE B 329 13.23 -18.12 -11.16
C ILE B 329 14.21 -17.45 -12.14
N VAL B 330 15.39 -17.00 -11.64
CA VAL B 330 16.46 -16.33 -12.42
C VAL B 330 16.93 -17.24 -13.59
N LYS B 331 17.09 -18.54 -13.31
CA LYS B 331 17.54 -19.55 -14.27
C LYS B 331 16.55 -19.81 -15.43
N ASN B 332 15.23 -19.79 -15.17
CA ASN B 332 14.20 -20.12 -16.17
C ASN B 332 13.53 -18.91 -16.88
N TYR B 333 13.15 -17.86 -16.12
CA TYR B 333 12.44 -16.66 -16.61
C TYR B 333 13.17 -15.93 -17.76
N GLY B 334 12.40 -15.57 -18.79
CA GLY B 334 12.89 -14.84 -19.96
C GLY B 334 13.34 -15.66 -21.15
N LYS B 335 12.93 -16.95 -21.21
CA LYS B 335 13.31 -17.86 -22.31
C LYS B 335 12.11 -18.22 -23.19
N ASN B 336 12.36 -18.40 -24.50
CA ASN B 336 11.35 -18.73 -25.51
C ASN B 336 10.92 -20.24 -25.51
N ASN B 337 11.62 -21.10 -24.73
CA ASN B 337 11.34 -22.54 -24.64
C ASN B 337 10.34 -22.87 -23.53
N LEU B 338 9.37 -23.77 -23.84
CA LEU B 338 8.28 -24.23 -22.97
C LEU B 338 8.75 -25.01 -21.70
N ALA B 339 10.00 -25.49 -21.67
CA ALA B 339 10.53 -26.22 -20.52
C ALA B 339 10.93 -25.24 -19.40
N CYS B 340 11.47 -24.07 -19.77
CA CYS B 340 11.91 -23.01 -18.85
C CYS B 340 10.72 -22.33 -18.21
N LYS B 342 6.73 -25.74 -18.01
CA LYS B 342 7.48 -24.58 -17.51
C LYS B 342 7.58 -24.56 -15.99
N VAL B 343 8.79 -24.29 -15.47
CA VAL B 343 9.11 -24.25 -14.05
C VAL B 343 8.47 -23.04 -13.35
N ILE B 344 8.49 -21.86 -14.01
CA ILE B 344 7.92 -20.60 -13.49
C ILE B 344 6.41 -20.74 -13.26
N ASP B 345 5.71 -21.37 -14.23
CA ASP B 345 4.26 -21.65 -14.21
C ASP B 345 3.90 -22.60 -13.06
N SER B 346 4.80 -23.57 -12.75
CA SER B 346 4.65 -24.55 -11.67
C SER B 346 4.83 -23.88 -10.30
N LEU B 347 5.76 -22.91 -10.20
CA LEU B 347 6.04 -22.14 -8.96
C LEU B 347 4.90 -21.18 -8.62
N TYR B 348 4.18 -20.67 -9.64
CA TYR B 348 3.05 -19.75 -9.50
C TYR B 348 1.87 -20.43 -8.82
N GLN B 350 2.15 -23.19 -6.84
CA GLN B 350 2.81 -23.62 -5.62
C GLN B 350 2.58 -22.63 -4.46
N TYR B 351 2.87 -21.32 -4.71
CA TYR B 351 2.74 -20.26 -3.70
C TYR B 351 1.33 -19.61 -3.66
N LYS B 352 0.33 -20.25 -4.34
CA LYS B 352 -1.09 -19.88 -4.41
C LYS B 352 -1.27 -18.40 -4.83
N ILE B 353 -0.65 -18.02 -5.98
CA ILE B 353 -0.71 -16.66 -6.55
C ILE B 353 -2.14 -16.34 -7.02
N ARG B 354 -2.84 -17.33 -7.64
CA ARG B 354 -4.23 -17.19 -8.12
C ARG B 354 -5.18 -16.84 -6.95
N LYS B 355 -4.91 -17.42 -5.76
CA LYS B 355 -5.66 -17.17 -4.52
C LYS B 355 -5.29 -15.79 -3.96
N HIS B 356 -4.00 -15.40 -4.08
CA HIS B 356 -3.48 -14.10 -3.63
C HIS B 356 -4.07 -12.97 -4.47
N TYR B 357 -4.30 -13.21 -5.80
CA TYR B 357 -4.90 -12.23 -6.71
C TYR B 357 -6.34 -11.91 -6.28
N GLU B 358 -7.14 -12.95 -5.94
CA GLU B 358 -8.54 -12.83 -5.50
C GLU B 358 -8.62 -11.96 -4.24
N SER B 359 -7.58 -12.08 -3.37
CA SER B 359 -7.44 -11.30 -2.14
C SER B 359 -7.01 -9.86 -2.49
N TYR B 360 -6.19 -9.68 -3.56
CA TYR B 360 -5.74 -8.36 -4.01
C TYR B 360 -6.92 -7.61 -4.67
N GLU B 361 -7.65 -8.31 -5.58
CA GLU B 361 -8.80 -7.81 -6.34
C GLU B 361 -9.89 -7.23 -5.38
N LYS B 362 -10.13 -7.94 -4.25
CA LYS B 362 -11.09 -7.51 -3.22
C LYS B 362 -10.61 -6.19 -2.60
N ALA B 363 -9.34 -6.17 -2.15
CA ALA B 363 -8.71 -4.98 -1.56
C ALA B 363 -8.63 -3.80 -2.52
N GLN B 364 -8.25 -4.04 -3.79
CA GLN B 364 -8.13 -2.98 -4.79
C GLN B 364 -9.46 -2.40 -5.20
N LYS B 365 -10.50 -3.25 -5.36
CA LYS B 365 -11.86 -2.79 -5.72
C LYS B 365 -12.40 -1.83 -4.63
N ALA B 366 -12.25 -2.23 -3.34
CA ALA B 366 -12.66 -1.44 -2.18
C ALA B 366 -11.92 -0.08 -2.16
N LYS B 367 -10.61 -0.09 -2.48
CA LYS B 367 -9.78 1.11 -2.57
C LYS B 367 -10.30 2.06 -3.67
N ILE B 368 -10.65 1.51 -4.86
CA ILE B 368 -11.19 2.32 -5.98
C ILE B 368 -12.57 2.89 -5.57
N LEU B 369 -13.44 2.06 -4.95
CA LEU B 369 -14.78 2.50 -4.53
C LEU B 369 -14.69 3.60 -3.49
N SER B 370 -13.72 3.46 -2.55
CA SER B 370 -13.44 4.46 -1.51
C SER B 370 -13.13 5.83 -2.17
N ALA B 371 -12.29 5.85 -3.23
CA ALA B 371 -11.95 7.10 -3.94
C ALA B 371 -13.15 7.66 -4.73
N ILE B 372 -13.87 6.79 -5.48
CA ILE B 372 -15.07 7.15 -6.27
C ILE B 372 -16.11 7.86 -5.38
N ASN B 373 -16.40 7.28 -4.19
CA ASN B 373 -17.40 7.82 -3.24
C ASN B 373 -17.09 9.24 -2.74
N GLU B 374 -15.86 9.75 -2.95
CA GLU B 374 -15.48 11.11 -2.55
C GLU B 374 -15.42 12.12 -3.73
N LEU B 375 -15.90 11.72 -4.93
CA LEU B 375 -15.93 12.60 -6.11
C LEU B 375 -16.95 13.72 -6.01
N HIS B 376 -18.05 13.48 -5.24
CA HIS B 376 -19.18 14.40 -5.03
C HIS B 376 -19.79 14.79 -6.38
N HIS B 377 -20.01 13.77 -7.24
CA HIS B 377 -20.62 13.90 -8.56
C HIS B 377 -21.27 12.56 -8.88
N GLU B 378 -22.60 12.48 -8.66
CA GLU B 378 -23.42 11.28 -8.84
C GLU B 378 -23.29 10.64 -10.22
N GLY B 379 -23.28 11.47 -11.27
CA GLY B 379 -23.16 11.03 -12.67
C GLY B 379 -21.87 10.27 -12.94
N ILE B 380 -20.70 10.92 -12.67
CA ILE B 380 -19.36 10.31 -12.84
C ILE B 380 -19.25 9.06 -11.94
N GLU B 381 -19.75 9.15 -10.70
CA GLU B 381 -19.73 8.03 -9.75
C GLU B 381 -20.47 6.81 -10.29
N TYR B 382 -21.66 6.99 -10.91
CA TYR B 382 -22.40 5.86 -11.48
C TYR B 382 -21.60 5.21 -12.63
N VAL B 383 -21.03 6.03 -13.55
CA VAL B 383 -20.23 5.56 -14.70
C VAL B 383 -19.00 4.77 -14.24
N LEU B 384 -18.24 5.32 -13.25
CA LEU B 384 -17.03 4.67 -12.75
C LEU B 384 -17.34 3.37 -12.02
N LYS B 385 -18.45 3.31 -11.26
CA LYS B 385 -18.85 2.08 -10.56
C LYS B 385 -19.28 1.03 -11.59
N TYR B 386 -20.00 1.48 -12.66
CA TYR B 386 -20.47 0.64 -13.77
C TYR B 386 -19.25 0.06 -14.51
N LEU B 387 -18.24 0.89 -14.82
CA LEU B 387 -17.01 0.50 -15.50
C LEU B 387 -16.23 -0.54 -14.70
N LEU B 388 -16.15 -0.36 -13.36
CA LEU B 388 -15.45 -1.24 -12.42
C LEU B 388 -16.03 -2.67 -12.39
N GLU B 389 -17.36 -2.81 -12.60
CA GLU B 389 -18.01 -4.11 -12.65
C GLU B 389 -17.83 -4.74 -14.04
N ILE B 390 -18.31 -4.05 -15.09
CA ILE B 390 -18.25 -4.49 -16.48
C ILE B 390 -16.84 -4.17 -17.04
N LEU B 391 -15.85 -5.02 -16.65
CA LEU B 391 -14.43 -5.00 -17.02
C LEU B 391 -13.73 -6.19 -16.36
N SER C 31 -8.92 24.61 22.72
CA SER C 31 -10.10 24.43 23.57
C SER C 31 -10.23 22.98 24.06
N GLY C 32 -10.20 22.02 23.11
CA GLY C 32 -10.25 20.59 23.39
C GLY C 32 -8.97 20.11 24.08
N LEU C 33 -7.81 20.67 23.64
CA LEU C 33 -6.49 20.37 24.19
C LEU C 33 -6.34 20.92 25.62
N ALA C 34 -6.83 22.17 25.84
CA ALA C 34 -6.81 22.84 27.15
C ALA C 34 -7.72 22.10 28.15
N PHE C 35 -8.91 21.63 27.69
CA PHE C 35 -9.85 20.85 28.50
C PHE C 35 -9.21 19.51 28.92
N PHE C 36 -8.71 18.72 27.93
CA PHE C 36 -8.06 17.42 28.17
C PHE C 36 -6.93 17.55 29.21
N ARG C 37 -5.97 18.48 28.98
CA ARG C 37 -4.82 18.75 29.85
C ARG C 37 -5.19 19.16 31.28
N ASN C 38 -6.39 19.75 31.48
CA ASN C 38 -6.86 20.22 32.78
C ASN C 38 -8.10 19.45 33.33
N MET C 39 -8.48 18.30 32.71
CA MET C 39 -9.63 17.52 33.19
C MET C 39 -9.26 16.08 33.65
N TYR C 40 -7.93 15.79 33.82
CA TYR C 40 -7.42 14.49 34.29
C TYR C 40 -8.08 14.11 35.62
N ASP C 41 -8.09 15.08 36.57
CA ASP C 41 -8.64 15.01 37.92
C ASP C 41 -10.07 14.54 37.95
N LYS C 42 -10.90 15.05 37.02
CA LYS C 42 -12.32 14.72 36.89
C LYS C 42 -12.51 13.24 36.69
N TYR C 43 -11.83 12.66 35.64
CA TYR C 43 -11.95 11.24 35.30
C TYR C 43 -11.38 10.35 36.40
N ARG C 44 -10.25 10.77 37.02
CA ARG C 44 -9.63 10.04 38.13
C ARG C 44 -10.63 9.92 39.28
N ASP C 45 -11.28 11.05 39.66
CA ASP C 45 -12.26 11.08 40.76
C ASP C 45 -13.56 10.37 40.43
N ALA C 46 -14.01 10.40 39.14
CA ALA C 46 -15.22 9.70 38.70
C ALA C 46 -15.05 8.18 38.86
N PHE C 47 -13.79 7.68 38.76
CA PHE C 47 -13.53 6.26 38.97
C PHE C 47 -13.45 5.98 40.48
N LEU C 48 -12.63 6.79 41.21
CA LEU C 48 -12.46 6.69 42.67
C LEU C 48 -13.81 6.80 43.39
N SER C 49 -14.80 7.50 42.77
CA SER C 49 -16.16 7.65 43.28
C SER C 49 -16.92 6.31 43.20
N HIS C 50 -16.74 5.52 42.10
CA HIS C 50 -17.38 4.20 41.93
C HIS C 50 -16.89 3.20 42.99
N LEU C 51 -15.59 3.29 43.35
CA LEU C 51 -14.97 2.43 44.37
C LEU C 51 -15.49 2.83 45.76
N ASN C 52 -15.73 4.15 45.98
CA ASN C 52 -16.25 4.70 47.23
C ASN C 52 -17.73 4.33 47.44
N GLU C 53 -18.46 3.92 46.38
CA GLU C 53 -19.87 3.52 46.46
C GLU C 53 -20.04 2.04 46.88
N TYR C 54 -18.90 1.31 47.04
CA TYR C 54 -18.87 -0.11 47.46
C TYR C 54 -19.33 -0.27 48.92
N SER C 55 -19.78 -1.47 49.30
CA SER C 55 -20.21 -1.72 50.68
C SER C 55 -19.00 -2.08 51.57
N LEU C 56 -18.27 -1.05 51.99
CA LEU C 56 -17.08 -1.13 52.84
C LEU C 56 -17.20 -0.19 54.02
N GLU C 57 -16.41 -0.44 55.09
CA GLU C 57 -16.40 0.43 56.27
C GLU C 57 -15.71 1.75 55.88
N GLU C 58 -16.09 2.85 56.56
CA GLU C 58 -15.59 4.20 56.30
C GLU C 58 -14.06 4.30 56.30
N GLU C 59 -13.40 3.71 57.33
CA GLU C 59 -11.93 3.73 57.48
C GLU C 59 -11.24 2.97 56.33
N ILE C 60 -11.83 1.84 55.89
CA ILE C 60 -11.33 1.00 54.78
C ILE C 60 -11.40 1.82 53.46
N LYS C 61 -12.53 2.56 53.26
CA LYS C 61 -12.77 3.45 52.12
C LYS C 61 -11.72 4.55 52.04
N GLU C 62 -11.35 5.13 53.20
CA GLU C 62 -10.33 6.19 53.29
C GLU C 62 -8.96 5.65 52.86
N HIS C 63 -8.64 4.39 53.26
CA HIS C 63 -7.38 3.74 52.91
C HIS C 63 -7.32 3.41 51.40
N ILE C 64 -8.42 2.87 50.80
CA ILE C 64 -8.46 2.52 49.37
C ILE C 64 -8.33 3.81 48.50
N SER C 65 -8.99 4.92 48.92
CA SER C 65 -8.96 6.20 48.22
C SER C 65 -7.56 6.81 48.20
N LYS C 66 -6.83 6.79 49.34
CA LYS C 66 -5.47 7.35 49.42
C LYS C 66 -4.48 6.58 48.52
N TYR C 67 -4.53 5.23 48.54
CA TYR C 67 -3.66 4.36 47.75
C TYR C 67 -3.90 4.55 46.25
N TYR C 68 -5.15 4.34 45.81
CA TYR C 68 -5.51 4.40 44.40
C TYR C 68 -5.34 5.79 43.78
N LYS C 69 -5.54 6.90 44.56
CA LYS C 69 -5.32 8.26 44.08
C LYS C 69 -3.85 8.37 43.67
N LEU C 70 -2.93 7.81 44.48
CA LEU C 70 -1.50 7.80 44.17
C LEU C 70 -1.20 6.89 42.96
N LEU C 71 -1.90 5.72 42.85
CA LEU C 71 -1.71 4.77 41.74
C LEU C 71 -1.92 5.48 40.38
N PHE C 72 -3.04 6.22 40.27
CA PHE C 72 -3.38 6.99 39.08
C PHE C 72 -2.40 8.15 38.84
N ASP C 73 -2.18 9.04 39.86
CA ASP C 73 -1.30 10.21 39.77
C ASP C 73 0.12 9.88 39.37
N TYR C 74 0.72 8.90 40.07
CA TYR C 74 2.10 8.49 39.86
C TYR C 74 2.36 7.90 38.47
N ASN C 75 1.40 7.15 37.93
CA ASN C 75 1.59 6.41 36.69
C ASN C 75 0.90 7.00 35.45
N CYS C 76 -0.18 7.79 35.60
CA CYS C 76 -0.86 8.41 34.45
C CYS C 76 -0.23 9.76 34.04
N LEU C 77 0.46 10.45 34.98
CA LEU C 77 1.06 11.77 34.73
C LEU C 77 2.58 11.72 34.63
N GLY C 78 3.15 12.64 33.87
CA GLY C 78 4.60 12.73 33.69
C GLY C 78 5.06 12.64 32.24
N GLY C 79 4.20 12.07 31.40
CA GLY C 79 4.47 11.93 29.97
C GLY C 79 3.96 13.15 29.20
N LYS C 80 4.04 13.10 27.87
CA LYS C 80 3.55 14.20 27.04
C LYS C 80 2.02 14.10 26.83
N ASN C 81 1.46 12.88 27.05
CA ASN C 81 0.04 12.53 26.89
C ASN C 81 -0.38 12.63 25.40
N ASN C 82 0.56 12.29 24.50
CA ASN C 82 0.36 12.36 23.05
C ASN C 82 -0.72 11.42 22.53
N ARG C 83 -0.92 10.26 23.19
CA ARG C 83 -1.95 9.28 22.80
C ARG C 83 -3.35 9.87 23.04
N GLY C 84 -3.52 10.50 24.21
CA GLY C 84 -4.77 11.17 24.57
C GLY C 84 -5.01 12.40 23.70
N ILE C 85 -3.92 13.17 23.42
CA ILE C 85 -3.95 14.37 22.56
C ILE C 85 -4.45 13.99 21.14
N LEU C 86 -4.00 12.83 20.63
CA LEU C 86 -4.38 12.30 19.32
C LEU C 86 -5.89 12.03 19.22
N VAL C 87 -6.53 11.57 20.31
CA VAL C 87 -7.98 11.33 20.35
C VAL C 87 -8.73 12.63 20.09
N ILE C 88 -8.34 13.68 20.85
CA ILE C 88 -8.94 15.02 20.85
C ILE C 88 -8.88 15.65 19.46
N LEU C 89 -7.69 15.63 18.85
CA LEU C 89 -7.41 16.19 17.53
C LEU C 89 -8.15 15.45 16.43
N ILE C 90 -8.16 14.09 16.46
CA ILE C 90 -8.90 13.31 15.46
C ILE C 90 -10.38 13.63 15.59
N TYR C 91 -10.92 13.62 16.83
CA TYR C 91 -12.33 13.92 17.07
C TYR C 91 -12.72 15.31 16.53
N GLU C 92 -11.87 16.32 16.80
CA GLU C 92 -12.06 17.71 16.37
C GLU C 92 -12.13 17.81 14.84
N TYR C 93 -11.13 17.24 14.16
CA TYR C 93 -11.01 17.32 12.71
C TYR C 93 -11.95 16.40 11.93
N VAL C 94 -12.66 15.49 12.60
CA VAL C 94 -13.69 14.67 11.92
C VAL C 94 -15.03 15.41 12.11
N LYS C 95 -15.25 16.00 13.33
CA LYS C 95 -16.46 16.76 13.66
C LYS C 95 -16.42 18.13 13.00
N ASP C 98 -18.96 22.58 15.06
CA ASP C 98 -18.82 23.16 16.40
C ASP C 98 -19.08 22.09 17.49
N ILE C 99 -18.08 21.85 18.36
CA ILE C 99 -18.16 20.85 19.43
C ILE C 99 -18.55 21.50 20.76
N ASN C 100 -19.60 20.97 21.41
CA ASN C 100 -20.05 21.44 22.71
C ASN C 100 -19.31 20.72 23.85
N SER C 101 -19.20 21.38 25.03
CA SER C 101 -18.52 20.91 26.26
C SER C 101 -18.80 19.42 26.59
N SER C 102 -20.07 18.97 26.42
CA SER C 102 -20.52 17.60 26.64
C SER C 102 -19.80 16.58 25.74
N GLU C 103 -19.67 16.91 24.43
CA GLU C 103 -19.00 16.06 23.45
C GLU C 103 -17.51 16.02 23.72
N TRP C 104 -16.93 17.15 24.23
CA TRP C 104 -15.52 17.23 24.62
C TRP C 104 -15.27 16.31 25.84
N GLU C 105 -16.25 16.24 26.78
CA GLU C 105 -16.22 15.42 27.99
C GLU C 105 -16.13 13.93 27.64
N LYS C 106 -16.86 13.49 26.59
CA LYS C 106 -16.85 12.11 26.10
C LYS C 106 -15.54 11.80 25.37
N ALA C 107 -15.00 12.82 24.62
CA ALA C 107 -13.75 12.71 23.88
C ALA C 107 -12.56 12.66 24.82
N ALA C 108 -12.57 13.52 25.88
CA ALA C 108 -11.49 13.58 26.86
C ALA C 108 -11.49 12.34 27.77
N CYS C 109 -12.66 11.65 27.89
CA CYS C 109 -12.75 10.40 28.67
C CYS C 109 -11.93 9.32 27.96
N LEU C 110 -12.19 9.13 26.65
CA LEU C 110 -11.50 8.17 25.80
C LEU C 110 -10.04 8.49 25.72
N ALA C 111 -9.71 9.80 25.68
CA ALA C 111 -8.36 10.31 25.66
C ALA C 111 -7.60 9.88 26.92
N TRP C 112 -8.18 10.11 28.12
CA TRP C 112 -7.53 9.73 29.39
C TRP C 112 -7.55 8.22 29.58
N CYS C 113 -8.56 7.52 29.02
CA CYS C 113 -8.68 6.06 29.04
C CYS C 113 -7.48 5.39 28.35
N ILE C 114 -6.98 6.00 27.23
CA ILE C 114 -5.79 5.49 26.52
C ILE C 114 -4.54 5.81 27.37
N GLU C 115 -4.53 6.97 28.07
CA GLU C 115 -3.43 7.35 28.97
C GLU C 115 -3.36 6.40 30.18
N ILE C 116 -4.52 5.93 30.68
CA ILE C 116 -4.60 4.96 31.78
C ILE C 116 -4.10 3.60 31.24
N LEU C 117 -4.51 3.22 30.01
CA LEU C 117 -4.08 1.98 29.35
C LEU C 117 -2.57 1.95 29.24
N GLN C 118 -1.96 3.08 28.85
CA GLN C 118 -0.51 3.22 28.75
C GLN C 118 0.09 3.02 30.16
N ALA C 119 -0.53 3.63 31.21
CA ALA C 119 -0.08 3.51 32.61
C ALA C 119 -0.11 2.04 33.05
N ALA C 120 -1.21 1.30 32.71
CA ALA C 120 -1.38 -0.13 33.01
C ALA C 120 -0.26 -0.96 32.36
N PHE C 121 0.10 -0.61 31.09
CA PHE C 121 1.17 -1.28 30.36
C PHE C 121 2.56 -0.92 30.91
N LEU C 122 2.79 0.37 31.30
CA LEU C 122 4.09 0.83 31.84
C LEU C 122 4.44 0.08 33.13
N VAL C 123 3.48 0.01 34.09
CA VAL C 123 3.63 -0.68 35.39
C VAL C 123 3.98 -2.16 35.16
N ALA C 124 3.24 -2.83 34.26
CA ALA C 124 3.43 -4.24 33.89
C ALA C 124 4.82 -4.48 33.29
N ASP C 125 5.24 -3.67 32.29
CA ASP C 125 6.54 -3.77 31.61
C ASP C 125 7.74 -3.61 32.59
N ASP C 126 7.60 -2.67 33.55
CA ASP C 126 8.63 -2.37 34.54
C ASP C 126 8.83 -3.54 35.50
N ILE C 127 7.74 -4.29 35.84
CA ILE C 127 7.83 -5.52 36.65
C ILE C 127 8.62 -6.56 35.84
N MET C 128 8.20 -6.76 34.57
CA MET C 128 8.73 -7.76 33.63
C MET C 128 10.21 -7.59 33.30
N ASP C 129 10.62 -6.38 32.85
CA ASP C 129 12.03 -6.11 32.52
C ASP C 129 12.88 -5.71 33.75
N LYS C 130 12.28 -5.77 34.97
CA LYS C 130 12.91 -5.41 36.25
C LYS C 130 13.56 -4.02 36.15
N GLY C 131 12.73 -3.03 35.79
CA GLY C 131 13.15 -1.66 35.61
C GLY C 131 13.45 -0.93 36.91
N GLU C 132 14.29 0.12 36.82
CA GLU C 132 14.67 0.96 37.96
C GLU C 132 13.99 2.31 37.87
N MET C 133 14.10 2.98 36.71
CA MET C 133 13.53 4.32 36.48
C MET C 133 12.55 4.34 35.31
N ARG C 134 11.44 5.06 35.50
CA ARG C 134 10.39 5.30 34.51
C ARG C 134 9.92 6.75 34.73
N ARG C 135 10.00 7.59 33.66
CA ARG C 135 9.64 9.03 33.66
C ARG C 135 10.52 9.83 34.66
N ASN C 136 11.83 9.43 34.76
CA ASN C 136 12.88 10.02 35.61
C ASN C 136 12.50 9.97 37.11
N LYS C 137 11.92 8.83 37.53
CA LYS C 137 11.50 8.49 38.91
C LYS C 137 11.38 6.94 39.06
N TYR C 138 11.44 6.42 40.29
CA TYR C 138 11.36 4.98 40.55
C TYR C 138 10.10 4.31 39.98
N CYS C 139 10.24 3.07 39.46
CA CYS C 139 9.09 2.31 38.94
C CYS C 139 8.17 2.00 40.14
N TRP C 140 6.85 2.08 39.93
CA TRP C 140 5.81 1.85 40.93
C TRP C 140 6.05 0.58 41.80
N TYR C 141 6.35 -0.58 41.18
CA TYR C 141 6.56 -1.85 41.89
C TYR C 141 7.73 -1.85 42.89
N LEU C 142 8.76 -1.00 42.62
CA LEU C 142 9.98 -0.88 43.41
C LEU C 142 9.78 -0.16 44.74
N LEU C 143 8.70 0.65 44.85
CA LEU C 143 8.34 1.43 46.03
C LEU C 143 8.04 0.52 47.24
N LYS C 144 8.66 0.85 48.42
CA LYS C 144 8.55 0.11 49.69
C LYS C 144 7.11 -0.28 50.06
N ASP C 145 6.16 0.69 50.00
CA ASP C 145 4.76 0.45 50.38
C ASP C 145 3.90 -0.11 49.23
N VAL C 146 4.51 -0.42 48.07
CA VAL C 146 3.78 -0.97 46.92
C VAL C 146 4.12 -2.45 46.77
N GLU C 147 5.38 -2.79 46.38
CA GLU C 147 5.90 -4.16 46.16
C GLU C 147 5.28 -4.78 44.88
N THR C 148 5.94 -5.81 44.30
CA THR C 148 5.46 -6.50 43.10
C THR C 148 4.02 -7.00 43.29
N LYS C 149 3.70 -7.56 44.49
CA LYS C 149 2.37 -8.09 44.84
C LYS C 149 1.24 -7.06 44.63
N ASN C 150 1.45 -5.78 44.98
CA ASN C 150 0.40 -4.78 44.74
C ASN C 150 0.39 -4.34 43.29
N ALA C 151 1.57 -4.07 42.71
CA ALA C 151 1.74 -3.58 41.34
C ALA C 151 1.12 -4.52 40.30
N VAL C 152 1.19 -5.85 40.53
CA VAL C 152 0.57 -6.88 39.65
C VAL C 152 -0.97 -6.68 39.67
N ASN C 153 -1.55 -6.58 40.89
CA ASN C 153 -2.99 -6.38 41.12
C ASN C 153 -3.45 -5.00 40.60
N ASP C 154 -2.57 -4.00 40.66
CA ASP C 154 -2.83 -2.63 40.22
C ASP C 154 -2.95 -2.52 38.70
N VAL C 155 -2.27 -3.43 37.94
CA VAL C 155 -2.35 -3.47 36.48
C VAL C 155 -3.79 -3.80 36.10
N LEU C 156 -4.37 -4.83 36.75
CA LEU C 156 -5.74 -5.27 36.53
C LEU C 156 -6.75 -4.17 36.90
N LEU C 157 -6.48 -3.39 37.97
CA LEU C 157 -7.42 -2.32 38.33
C LEU C 157 -7.38 -1.19 37.30
N LEU C 158 -6.16 -0.68 36.97
CA LEU C 158 -5.96 0.38 35.96
C LEU C 158 -6.62 -0.03 34.66
N TYR C 159 -6.42 -1.31 34.24
CA TYR C 159 -7.00 -1.84 33.02
C TYR C 159 -8.54 -1.87 33.07
N ASN C 160 -9.11 -2.36 34.17
CA ASN C 160 -10.57 -2.46 34.32
C ASN C 160 -11.26 -1.09 34.53
N SER C 161 -10.54 -0.09 35.09
CA SER C 161 -11.03 1.30 35.33
C SER C 161 -11.42 2.00 34.02
N ILE C 162 -10.75 1.62 32.91
CA ILE C 162 -10.99 2.11 31.54
C ILE C 162 -12.43 1.80 31.13
N TYR C 163 -12.84 0.52 31.25
CA TYR C 163 -14.18 0.05 30.85
C TYR C 163 -15.27 0.56 31.76
N LYS C 164 -14.89 1.06 32.95
CA LYS C 164 -15.80 1.67 33.91
C LYS C 164 -16.08 3.10 33.46
N LEU C 165 -15.00 3.86 33.15
CA LEU C 165 -15.06 5.24 32.68
C LEU C 165 -15.80 5.34 31.35
N ILE C 166 -15.56 4.38 30.41
CA ILE C 166 -16.28 4.32 29.10
C ILE C 166 -17.78 4.11 29.38
N GLU C 167 -18.12 3.31 30.41
CA GLU C 167 -19.51 3.08 30.80
C GLU C 167 -20.11 4.36 31.45
N ILE C 168 -19.35 5.06 32.31
CA ILE C 168 -19.82 6.29 32.99
C ILE C 168 -20.16 7.43 31.98
N TYR C 169 -19.26 7.67 31.00
CA TYR C 169 -19.42 8.77 30.06
C TYR C 169 -19.95 8.40 28.64
N LEU C 170 -20.10 7.09 28.27
CA LEU C 170 -20.51 6.72 26.89
C LEU C 170 -21.46 5.53 26.74
N ARG C 171 -21.96 4.92 27.84
CA ARG C 171 -22.83 3.71 27.77
C ARG C 171 -24.07 3.84 26.84
N ASN C 172 -24.53 5.07 26.55
CA ASN C 172 -25.70 5.30 25.71
C ASN C 172 -25.37 5.60 24.24
N GLU C 173 -24.12 5.99 23.94
CA GLU C 173 -23.63 6.26 22.57
C GLU C 173 -23.77 5.00 21.72
N SER C 174 -24.24 5.13 20.46
CA SER C 174 -24.43 3.97 19.56
C SER C 174 -23.10 3.25 19.21
N CYS C 175 -21.96 3.94 19.42
CA CYS C 175 -20.59 3.45 19.15
C CYS C 175 -19.98 2.69 20.35
N TYR C 176 -20.70 2.68 21.51
CA TYR C 176 -20.29 2.07 22.79
C TYR C 176 -19.61 0.72 22.63
N VAL C 177 -20.30 -0.25 22.03
CA VAL C 177 -19.83 -1.63 21.81
C VAL C 177 -18.58 -1.64 20.92
N ASP C 178 -18.54 -0.79 19.87
CA ASP C 178 -17.41 -0.70 18.96
C ASP C 178 -16.19 -0.14 19.67
N VAL C 179 -16.40 0.84 20.57
CA VAL C 179 -15.32 1.48 21.35
C VAL C 179 -14.68 0.45 22.32
N ILE C 180 -15.52 -0.30 23.07
CA ILE C 180 -14.98 -1.30 24.02
C ILE C 180 -14.28 -2.45 23.25
N ALA C 181 -14.78 -2.81 22.05
CA ALA C 181 -14.15 -3.86 21.23
C ALA C 181 -12.80 -3.36 20.70
N THR C 182 -12.66 -2.05 20.42
CA THR C 182 -11.40 -1.45 19.97
C THR C 182 -10.37 -1.51 21.09
N PHE C 183 -10.75 -1.11 22.33
CA PHE C 183 -9.87 -1.20 23.49
C PHE C 183 -9.42 -2.65 23.76
N ARG C 184 -10.36 -3.60 23.72
CA ARG C 184 -10.10 -5.01 23.96
C ARG C 184 -9.14 -5.61 22.93
N ASP C 185 -9.40 -5.39 21.63
CA ASP C 185 -8.60 -5.93 20.52
C ASP C 185 -7.20 -5.37 20.46
N ALA C 186 -7.04 -4.05 20.70
CA ALA C 186 -5.73 -3.39 20.72
C ALA C 186 -4.89 -3.88 21.92
N THR C 187 -5.56 -4.13 23.07
CA THR C 187 -4.91 -4.64 24.30
C THR C 187 -4.36 -6.07 24.02
N LEU C 188 -5.19 -6.93 23.43
CA LEU C 188 -4.82 -8.30 23.07
C LEU C 188 -3.61 -8.31 22.16
N LYS C 189 -3.60 -7.44 21.13
CA LYS C 189 -2.45 -7.29 20.20
C LYS C 189 -1.22 -6.75 20.95
N THR C 190 -1.40 -5.84 21.96
CA THR C 190 -0.29 -5.29 22.77
C THR C 190 0.36 -6.42 23.60
N ILE C 191 -0.46 -7.25 24.27
CA ILE C 191 0.00 -8.38 25.12
C ILE C 191 0.83 -9.36 24.26
N ILE C 192 0.34 -9.68 23.02
CA ILE C 192 1.07 -10.57 22.09
C ILE C 192 2.41 -9.91 21.69
N GLY C 193 2.40 -8.58 21.50
CA GLY C 193 3.60 -7.82 21.16
C GLY C 193 4.64 -7.86 22.27
N GLN C 194 4.18 -7.66 23.52
CA GLN C 194 5.01 -7.71 24.73
C GLN C 194 5.59 -9.15 24.92
N HIS C 195 4.78 -10.18 24.64
CA HIS C 195 5.22 -11.58 24.73
C HIS C 195 6.41 -11.84 23.78
N LEU C 196 6.26 -11.43 22.50
CA LEU C 196 7.28 -11.61 21.46
C LEU C 196 8.56 -10.84 21.81
N ASP C 197 8.43 -9.61 22.31
CA ASP C 197 9.55 -8.75 22.73
C ASP C 197 10.37 -9.41 23.86
N THR C 198 9.65 -10.01 24.83
CA THR C 198 10.22 -10.68 26.02
C THR C 198 10.85 -12.03 25.67
N ASN C 199 10.25 -12.79 24.73
CA ASN C 199 10.70 -14.17 24.44
C ASN C 199 11.32 -14.45 23.08
N ILE C 200 11.50 -13.45 22.20
CA ILE C 200 12.03 -13.73 20.83
C ILE C 200 13.40 -14.45 20.83
N PHE C 201 14.28 -14.16 21.80
CA PHE C 201 15.60 -14.78 21.89
C PHE C 201 15.65 -15.89 22.96
N SER C 202 14.47 -16.26 23.54
CA SER C 202 14.39 -17.29 24.58
C SER C 202 14.61 -18.68 24.00
N ASP C 203 15.15 -19.60 24.83
CA ASP C 203 15.45 -21.00 24.48
C ASP C 203 14.25 -21.74 23.89
N LYS C 204 13.03 -21.49 24.40
CA LYS C 204 11.80 -22.14 23.92
C LYS C 204 11.45 -21.70 22.47
N TYR C 205 12.01 -20.57 21.99
CA TYR C 205 11.80 -20.00 20.64
C TYR C 205 12.96 -20.33 19.67
N SER C 206 14.17 -20.67 20.23
CA SER C 206 15.40 -20.98 19.48
C SER C 206 15.26 -22.17 18.49
N ASP C 207 14.27 -23.06 18.72
CA ASP C 207 13.97 -24.22 17.87
C ASP C 207 12.46 -24.51 17.91
N ALA C 208 11.84 -24.59 16.71
CA ALA C 208 10.40 -24.86 16.56
C ALA C 208 9.99 -26.28 17.00
N HIS C 209 10.95 -27.23 17.05
CA HIS C 209 10.70 -28.64 17.42
C HIS C 209 10.63 -28.90 18.92
N ARG C 210 11.25 -28.05 19.76
CA ARG C 210 11.24 -28.24 21.22
C ARG C 210 9.98 -27.66 21.87
N GLU C 211 9.47 -28.37 22.90
CA GLU C 211 8.31 -27.96 23.69
C GLU C 211 8.80 -27.25 24.99
N ILE C 212 7.89 -26.61 25.76
CA ILE C 212 8.26 -25.93 27.01
C ILE C 212 8.38 -26.94 28.14
N ASP C 213 9.47 -26.85 28.95
CA ASP C 213 9.77 -27.75 30.08
C ASP C 213 8.92 -27.40 31.34
N VAL C 214 7.90 -28.21 31.62
CA VAL C 214 7.01 -28.01 32.77
C VAL C 214 7.64 -28.50 34.11
N ASN C 215 8.81 -29.16 34.08
CA ASN C 215 9.44 -29.63 35.33
C ASN C 215 10.78 -28.90 35.68
N ASN C 216 11.15 -27.85 34.89
CA ASN C 216 12.34 -27.07 35.18
C ASN C 216 11.95 -25.79 35.90
N ILE C 217 12.22 -25.75 37.22
CA ILE C 217 11.98 -24.60 38.10
C ILE C 217 13.31 -24.15 38.78
N ASN C 218 14.45 -24.81 38.44
CA ASN C 218 15.74 -24.56 39.11
C ASN C 218 16.88 -24.02 38.24
N VAL C 219 17.02 -24.51 36.99
CA VAL C 219 18.12 -24.11 36.09
C VAL C 219 17.72 -22.86 35.28
N PRO C 220 18.28 -21.67 35.60
CA PRO C 220 17.92 -20.45 34.84
C PRO C 220 18.49 -20.47 33.43
N GLU C 221 17.76 -19.86 32.50
CA GLU C 221 18.13 -19.78 31.09
C GLU C 221 19.25 -18.76 30.91
N GLN C 222 20.33 -19.16 30.24
CA GLN C 222 21.44 -18.26 29.92
C GLN C 222 21.01 -17.44 28.67
N PRO C 223 20.80 -16.10 28.79
CA PRO C 223 20.31 -15.32 27.62
C PRO C 223 21.33 -15.21 26.49
N VAL C 224 20.92 -15.68 25.31
CA VAL C 224 21.68 -15.69 24.06
C VAL C 224 20.78 -15.23 22.89
N ILE C 225 21.39 -14.56 21.91
CA ILE C 225 20.75 -14.06 20.70
C ILE C 225 20.40 -15.26 19.77
N ASP C 226 19.36 -15.11 18.92
CA ASP C 226 18.95 -16.11 17.95
C ASP C 226 19.01 -15.44 16.57
N ILE C 227 19.99 -15.87 15.74
CA ILE C 227 20.28 -15.32 14.39
C ILE C 227 19.08 -15.48 13.43
N ASN C 228 18.24 -16.51 13.64
CA ASN C 228 17.05 -16.77 12.82
C ASN C 228 15.95 -15.74 13.11
N MET C 229 16.08 -15.01 14.24
CA MET C 229 15.15 -13.97 14.65
C MET C 229 15.67 -12.57 14.30
N ILE C 230 17.00 -12.43 14.01
CA ILE C 230 17.62 -11.14 13.69
C ILE C 230 17.34 -10.77 12.21
N ASN C 231 16.09 -10.31 11.95
CA ASN C 231 15.61 -9.85 10.63
C ASN C 231 14.47 -8.83 10.80
N PHE C 232 14.30 -7.93 9.80
CA PHE C 232 13.28 -6.88 9.82
C PHE C 232 11.83 -7.43 9.80
N GLY C 233 11.64 -8.63 9.24
CA GLY C 233 10.33 -9.28 9.18
C GLY C 233 9.80 -9.59 10.58
N VAL C 234 10.67 -10.21 11.42
CA VAL C 234 10.35 -10.57 12.81
C VAL C 234 10.20 -9.29 13.63
N TYR C 235 11.12 -8.33 13.44
CA TYR C 235 11.12 -7.04 14.14
C TYR C 235 9.81 -6.27 13.91
N LYS C 236 9.31 -6.24 12.63
CA LYS C 236 8.04 -5.55 12.31
C LYS C 236 6.88 -6.18 13.07
N ASN C 237 6.84 -7.54 13.15
CA ASN C 237 5.81 -8.30 13.89
C ASN C 237 5.73 -7.85 15.34
N ILE C 238 6.89 -7.78 16.02
CA ILE C 238 6.99 -7.38 17.43
C ILE C 238 6.52 -5.93 17.61
N VAL C 239 7.15 -5.00 16.89
CA VAL C 239 6.89 -3.56 16.96
C VAL C 239 5.42 -3.21 16.65
N ILE C 240 4.87 -3.75 15.53
CA ILE C 240 3.48 -3.48 15.17
C ILE C 240 2.52 -3.88 16.33
N HIS C 241 2.68 -5.07 16.88
CA HIS C 241 1.81 -5.55 17.94
C HIS C 241 2.10 -4.91 19.29
N LYS C 242 3.38 -4.70 19.65
CA LYS C 242 3.77 -4.10 20.94
C LYS C 242 3.35 -2.62 21.10
N THR C 243 3.46 -1.79 20.04
CA THR C 243 3.15 -0.36 20.18
C THR C 243 2.13 0.22 19.18
N ALA C 244 2.13 -0.19 17.90
CA ALA C 244 1.26 0.41 16.87
C ALA C 244 -0.25 0.40 17.20
N TYR C 245 -0.78 -0.74 17.69
CA TYR C 245 -2.21 -0.84 17.96
C TYR C 245 -2.71 0.03 19.12
N TYR C 246 -1.97 0.16 20.23
CA TYR C 246 -2.47 0.98 21.36
C TYR C 246 -2.05 2.47 21.27
N SER C 247 -0.91 2.78 20.62
CA SER C 247 -0.38 4.14 20.52
C SER C 247 -0.88 4.91 19.31
N PHE C 248 -1.33 4.21 18.26
CA PHE C 248 -1.79 4.88 17.04
C PHE C 248 -3.19 4.47 16.65
N PHE C 249 -3.41 3.17 16.34
CA PHE C 249 -4.71 2.69 15.90
C PHE C 249 -5.82 2.97 16.91
N LEU C 250 -5.63 2.59 18.18
CA LEU C 250 -6.68 2.78 19.20
C LEU C 250 -7.10 4.26 19.35
N PRO C 251 -6.19 5.24 19.61
CA PRO C 251 -6.65 6.65 19.74
C PRO C 251 -7.37 7.20 18.49
N ILE C 252 -6.85 6.93 17.26
CA ILE C 252 -7.47 7.43 16.03
C ILE C 252 -8.88 6.85 15.87
N VAL C 253 -9.01 5.51 16.04
CA VAL C 253 -10.30 4.82 15.90
C VAL C 253 -11.32 5.36 16.91
N CYS C 254 -10.90 5.64 18.17
CA CYS C 254 -11.75 6.24 19.19
C CYS C 254 -12.40 7.52 18.68
N GLY C 255 -11.56 8.45 18.19
CA GLY C 255 -11.98 9.73 17.62
C GLY C 255 -12.94 9.58 16.46
N MET C 256 -12.63 8.66 15.50
CA MET C 256 -13.45 8.37 14.33
C MET C 256 -14.81 7.77 14.70
N LEU C 257 -14.79 6.80 15.64
CA LEU C 257 -16.01 6.13 16.13
C LEU C 257 -16.94 7.13 16.83
N LEU C 258 -16.38 7.92 17.77
CA LEU C 258 -17.12 8.91 18.55
C LEU C 258 -17.70 10.02 17.64
N ALA C 259 -16.92 10.44 16.62
CA ALA C 259 -17.35 11.47 15.66
C ALA C 259 -18.35 10.93 14.59
N GLY C 260 -18.60 9.61 14.59
CA GLY C 260 -19.61 9.00 13.73
C GLY C 260 -19.23 8.39 12.39
N ILE C 261 -17.92 8.11 12.14
CA ILE C 261 -17.56 7.47 10.85
C ILE C 261 -18.05 6.01 10.90
N ALA C 262 -18.88 5.62 9.90
CA ALA C 262 -19.46 4.27 9.78
C ALA C 262 -18.34 3.24 9.75
N VAL C 263 -18.46 2.24 10.63
CA VAL C 263 -17.50 1.16 10.87
C VAL C 263 -17.08 0.38 9.58
N ASP C 264 -17.96 0.30 8.56
CA ASP C 264 -17.70 -0.41 7.29
C ASP C 264 -16.91 0.42 6.26
N ASN C 265 -16.71 1.74 6.52
CA ASN C 265 -15.94 2.63 5.65
C ASN C 265 -14.47 2.15 5.61
N LEU C 266 -13.86 2.08 4.40
CA LEU C 266 -12.48 1.58 4.22
C LEU C 266 -11.41 2.43 4.96
N ILE C 267 -11.74 3.68 5.34
CA ILE C 267 -10.82 4.57 6.05
C ILE C 267 -10.27 3.92 7.35
N TYR C 268 -11.10 3.07 8.05
CA TYR C 268 -10.67 2.36 9.26
C TYR C 268 -9.49 1.41 8.93
N LYS C 269 -9.61 0.67 7.81
CA LYS C 269 -8.55 -0.23 7.33
C LYS C 269 -7.31 0.58 6.90
N LYS C 270 -7.53 1.77 6.28
CA LYS C 270 -6.42 2.65 5.86
C LYS C 270 -5.64 3.18 7.08
N ILE C 271 -6.37 3.53 8.17
CA ILE C 271 -5.83 4.02 9.45
C ILE C 271 -5.04 2.91 10.14
N GLU C 272 -5.50 1.66 10.03
CA GLU C 272 -4.81 0.50 10.58
C GLU C 272 -3.44 0.35 9.94
N ASP C 273 -3.37 0.47 8.60
CA ASP C 273 -2.12 0.36 7.83
C ASP C 273 -1.15 1.49 8.14
N ILE C 274 -1.66 2.74 8.26
CA ILE C 274 -0.83 3.91 8.61
C ILE C 274 -0.29 3.72 10.05
N SER C 275 -1.15 3.21 10.97
CA SER C 275 -0.75 2.94 12.37
C SER C 275 0.44 1.98 12.45
N MET C 276 0.43 0.90 11.63
CA MET C 276 1.52 -0.09 11.59
C MET C 276 2.82 0.60 11.11
N LEU C 277 2.71 1.43 10.05
CA LEU C 277 3.83 2.18 9.47
C LEU C 277 4.44 3.15 10.46
N MET C 278 3.58 3.90 11.18
CA MET C 278 3.99 4.88 12.19
C MET C 278 4.61 4.19 13.40
N GLY C 279 3.98 3.12 13.88
CA GLY C 279 4.48 2.35 15.02
C GLY C 279 5.88 1.83 14.76
N GLU C 280 6.11 1.34 13.52
CA GLU C 280 7.42 0.85 13.08
C GLU C 280 8.42 2.03 13.09
N TYR C 281 8.04 3.13 12.40
CA TYR C 281 8.82 4.35 12.28
C TYR C 281 9.27 4.88 13.65
N PHE C 282 8.33 5.01 14.61
CA PHE C 282 8.63 5.58 15.91
C PHE C 282 9.38 4.62 16.86
N GLN C 283 9.25 3.30 16.70
CA GLN C 283 10.03 2.37 17.52
C GLN C 283 11.49 2.33 17.05
N ILE C 284 11.71 2.46 15.73
CA ILE C 284 13.07 2.49 15.15
C ILE C 284 13.77 3.78 15.59
N HIS C 285 13.00 4.91 15.61
CA HIS C 285 13.47 6.20 16.09
C HIS C 285 13.94 6.04 17.55
N ASP C 286 13.10 5.37 18.39
CA ASP C 286 13.38 5.07 19.80
C ASP C 286 14.64 4.20 19.99
N ASP C 287 14.79 3.11 19.18
CA ASP C 287 15.95 2.22 19.22
C ASP C 287 17.23 3.00 18.87
N TYR C 288 17.14 3.91 17.89
CA TYR C 288 18.22 4.80 17.45
C TYR C 288 18.61 5.78 18.58
N LEU C 289 17.59 6.35 19.28
CA LEU C 289 17.79 7.30 20.39
C LEU C 289 18.38 6.63 21.64
N ASP C 290 18.14 5.30 21.81
CA ASP C 290 18.68 4.53 22.94
C ASP C 290 20.22 4.45 22.86
N ILE C 291 20.77 4.46 21.62
CA ILE C 291 22.21 4.44 21.35
C ILE C 291 22.73 5.87 21.33
N SER C 303 19.30 -0.88 29.71
CA SER C 303 19.25 -0.63 28.27
C SER C 303 19.16 -1.94 27.43
N ASP C 304 18.77 -1.80 26.15
CA ASP C 304 18.50 -2.85 25.14
C ASP C 304 19.58 -3.91 24.94
N ILE C 305 20.88 -3.52 24.91
CA ILE C 305 21.98 -4.46 24.65
C ILE C 305 22.09 -5.50 25.78
N GLN C 306 22.14 -5.04 27.05
CA GLN C 306 22.23 -5.94 28.22
C GLN C 306 20.93 -6.73 28.44
N ASN C 307 19.77 -6.15 28.04
CA ASN C 307 18.45 -6.78 28.20
C ASN C 307 18.11 -7.80 27.06
N ASN C 308 19.07 -8.02 26.12
CA ASN C 308 18.93 -9.00 25.03
C ASN C 308 17.68 -8.72 24.15
N LYS C 309 17.49 -7.45 23.79
CA LYS C 309 16.35 -6.98 22.99
C LYS C 309 16.64 -6.96 21.50
N LEU C 310 15.62 -7.33 20.70
CA LEU C 310 15.70 -7.25 19.24
C LEU C 310 15.47 -5.79 18.87
N THR C 311 16.53 -5.10 18.41
CA THR C 311 16.48 -3.70 18.06
C THR C 311 16.85 -3.48 16.60
N TRP C 312 16.43 -2.34 16.02
CA TRP C 312 16.78 -1.98 14.63
C TRP C 312 18.32 -1.86 14.47
N PRO C 313 19.10 -1.18 15.40
CA PRO C 313 20.57 -1.15 15.25
C PRO C 313 21.19 -2.54 15.25
N LEU C 314 20.62 -3.51 16.01
CA LEU C 314 21.11 -4.88 16.03
C LEU C 314 20.92 -5.55 14.67
N ILE C 315 19.69 -5.48 14.10
CA ILE C 315 19.35 -6.08 12.80
C ILE C 315 20.20 -5.46 11.70
N LYS C 316 20.35 -4.11 11.70
CA LYS C 316 21.13 -3.44 10.67
C LYS C 316 22.62 -3.81 10.76
N THR C 317 23.20 -3.83 11.99
CA THR C 317 24.61 -4.19 12.20
C THR C 317 24.87 -5.61 11.74
N PHE C 318 24.08 -6.59 12.25
CA PHE C 318 24.19 -8.01 11.90
C PHE C 318 24.08 -8.24 10.38
N GLU C 319 23.27 -7.43 9.70
CA GLU C 319 23.05 -7.49 8.26
C GLU C 319 24.29 -7.01 7.48
N LEU C 320 24.95 -5.93 7.96
CA LEU C 320 26.14 -5.34 7.36
C LEU C 320 27.44 -6.06 7.79
N CYS C 321 27.41 -6.74 8.95
CA CYS C 321 28.51 -7.47 9.56
C CYS C 321 29.15 -8.50 8.66
N SER C 322 30.47 -8.66 8.82
CA SER C 322 31.27 -9.69 8.17
C SER C 322 31.07 -10.94 9.04
N GLU C 323 31.40 -12.14 8.53
CA GLU C 323 31.27 -13.39 9.29
C GLU C 323 31.99 -13.33 10.69
N PRO C 324 33.27 -12.85 10.83
CA PRO C 324 33.87 -12.76 12.18
C PRO C 324 33.15 -11.79 13.13
N ASP C 325 32.62 -10.66 12.59
CA ASP C 325 31.90 -9.66 13.40
C ASP C 325 30.50 -10.16 13.82
N LYS C 326 29.92 -11.13 13.07
CA LYS C 326 28.63 -11.75 13.40
C LYS C 326 28.82 -12.65 14.64
N ILE C 327 29.97 -13.37 14.71
CA ILE C 327 30.36 -14.25 15.83
C ILE C 327 30.59 -13.38 17.10
N LYS C 328 31.15 -12.15 16.91
CA LYS C 328 31.36 -11.17 17.97
C LYS C 328 30.01 -10.71 18.57
N ILE C 329 28.98 -10.55 17.70
CA ILE C 329 27.63 -10.15 18.11
C ILE C 329 27.01 -11.26 19.00
N VAL C 330 27.06 -12.54 18.54
CA VAL C 330 26.52 -13.72 19.24
C VAL C 330 27.20 -13.90 20.63
N LYS C 331 28.51 -13.56 20.74
CA LYS C 331 29.28 -13.69 21.98
C LYS C 331 29.09 -12.52 22.94
N ASN C 332 28.82 -11.31 22.44
CA ASN C 332 28.71 -10.12 23.30
C ASN C 332 27.30 -9.52 23.45
N TYR C 333 26.26 -10.06 22.75
CA TYR C 333 24.91 -9.49 22.88
C TYR C 333 24.07 -10.22 23.94
N GLY C 334 23.33 -9.44 24.73
CA GLY C 334 22.45 -9.93 25.78
C GLY C 334 23.14 -10.53 26.98
N LYS C 335 24.29 -9.94 27.36
CA LYS C 335 25.08 -10.41 28.49
C LYS C 335 25.09 -9.36 29.57
N ASN C 336 24.69 -9.74 30.81
CA ASN C 336 24.70 -8.85 31.97
C ASN C 336 26.15 -8.80 32.48
N ASN C 337 27.03 -8.25 31.62
CA ASN C 337 28.48 -8.10 31.79
C ASN C 337 28.81 -6.59 31.72
N LEU C 338 29.97 -6.22 31.13
CA LEU C 338 30.42 -4.83 30.98
C LEU C 338 31.29 -4.67 29.74
N ALA C 339 32.24 -5.62 29.54
CA ALA C 339 33.16 -5.63 28.38
C ALA C 339 32.38 -5.95 27.09
N CYS C 340 31.33 -6.80 27.19
CA CYS C 340 30.45 -7.24 26.11
C CYS C 340 29.68 -6.07 25.48
N VAL C 341 29.06 -5.21 26.31
CA VAL C 341 28.27 -4.04 25.89
C VAL C 341 29.15 -3.07 25.10
N LYS C 342 30.39 -2.81 25.58
CA LYS C 342 31.38 -1.94 24.93
C LYS C 342 31.77 -2.50 23.55
N VAL C 343 31.80 -3.86 23.41
CA VAL C 343 32.10 -4.54 22.15
C VAL C 343 30.96 -4.34 21.14
N ILE C 344 29.69 -4.30 21.63
CA ILE C 344 28.50 -4.08 20.79
C ILE C 344 28.43 -2.57 20.41
N ASP C 345 28.75 -1.67 21.37
CA ASP C 345 28.78 -0.21 21.16
C ASP C 345 29.84 0.17 20.11
N SER C 346 30.98 -0.57 20.08
CA SER C 346 32.08 -0.36 19.13
C SER C 346 31.64 -0.72 17.71
N LEU C 347 30.89 -1.84 17.55
CA LEU C 347 30.38 -2.32 16.26
C LEU C 347 29.33 -1.38 15.64
N TYR C 348 28.48 -0.74 16.49
CA TYR C 348 27.43 0.20 16.04
C TYR C 348 28.05 1.47 15.44
N GLU C 349 29.21 1.91 15.99
CA GLU C 349 29.96 3.09 15.52
C GLU C 349 30.70 2.80 14.22
N GLN C 350 31.28 1.58 14.11
CA GLN C 350 32.05 1.09 12.96
C GLN C 350 31.20 0.97 11.70
N TYR C 351 30.01 0.35 11.81
CA TYR C 351 29.12 0.14 10.68
C TYR C 351 28.22 1.37 10.39
N LYS C 352 28.41 2.48 11.15
CA LYS C 352 27.71 3.77 11.03
C LYS C 352 26.16 3.59 10.95
N ILE C 353 25.55 3.24 12.10
CA ILE C 353 24.10 2.99 12.20
C ILE C 353 23.32 4.32 12.09
N ARG C 354 23.89 5.45 12.57
CA ARG C 354 23.27 6.77 12.50
C ARG C 354 23.02 7.21 11.04
N LYS C 355 23.97 6.86 10.13
CA LYS C 355 23.89 7.16 8.69
C LYS C 355 22.80 6.29 8.02
N HIS C 356 22.76 4.99 8.40
CA HIS C 356 21.79 4.03 7.90
C HIS C 356 20.39 4.36 8.39
N TYR C 357 20.27 4.93 9.61
CA TYR C 357 18.98 5.32 10.17
C TYR C 357 18.40 6.51 9.42
N GLU C 358 19.25 7.55 9.16
CA GLU C 358 18.86 8.76 8.42
C GLU C 358 18.25 8.39 7.07
N SER C 359 18.80 7.34 6.42
CA SER C 359 18.35 6.76 5.15
C SER C 359 16.97 6.07 5.34
N TYR C 360 16.77 5.33 6.48
CA TYR C 360 15.49 4.64 6.77
C TYR C 360 14.38 5.67 6.99
N GLU C 361 14.64 6.67 7.86
CA GLU C 361 13.71 7.72 8.25
C GLU C 361 13.15 8.45 7.02
N LYS C 362 14.05 8.87 6.09
CA LYS C 362 13.72 9.59 4.85
C LYS C 362 12.72 8.81 3.99
N ALA C 363 12.99 7.51 3.76
CA ALA C 363 12.13 6.64 2.97
C ALA C 363 10.83 6.21 3.70
N GLN C 364 10.89 5.97 5.04
CA GLN C 364 9.68 5.57 5.79
C GLN C 364 8.73 6.75 5.96
N LYS C 365 9.26 7.98 6.22
CA LYS C 365 8.43 9.20 6.31
C LYS C 365 7.66 9.43 4.98
N ALA C 366 8.36 9.25 3.81
CA ALA C 366 7.77 9.39 2.47
C ALA C 366 6.65 8.36 2.27
N LYS C 367 6.88 7.11 2.75
CA LYS C 367 5.93 5.99 2.70
C LYS C 367 4.67 6.31 3.54
N ILE C 368 4.87 6.89 4.73
CA ILE C 368 3.76 7.26 5.62
C ILE C 368 2.92 8.38 4.97
N LEU C 369 3.59 9.43 4.48
CA LEU C 369 2.92 10.58 3.85
C LEU C 369 2.12 10.18 2.61
N SER C 370 2.66 9.26 1.78
CA SER C 370 2.00 8.73 0.58
C SER C 370 0.67 8.05 0.98
N ALA C 371 0.70 7.20 2.03
CA ALA C 371 -0.48 6.52 2.56
C ALA C 371 -1.47 7.53 3.17
N ILE C 372 -0.95 8.56 3.89
CA ILE C 372 -1.80 9.63 4.47
C ILE C 372 -2.57 10.38 3.32
N ASN C 373 -1.89 10.65 2.19
CA ASN C 373 -2.52 11.36 1.06
C ASN C 373 -3.58 10.54 0.30
N GLU C 374 -3.83 9.27 0.69
CA GLU C 374 -4.85 8.42 0.06
C GLU C 374 -6.10 8.28 0.93
N LEU C 375 -6.13 9.00 2.06
CA LEU C 375 -7.23 8.94 3.04
C LEU C 375 -8.53 9.58 2.57
N HIS C 376 -8.46 10.64 1.71
CA HIS C 376 -9.61 11.43 1.22
C HIS C 376 -10.34 12.11 2.40
N HIS C 377 -9.56 12.53 3.42
CA HIS C 377 -10.06 13.19 4.62
C HIS C 377 -8.99 14.14 5.07
N GLU C 378 -9.13 15.41 4.68
CA GLU C 378 -8.15 16.49 4.94
C GLU C 378 -7.97 16.82 6.43
N GLY C 379 -9.01 16.58 7.23
CA GLY C 379 -9.00 16.77 8.67
C GLY C 379 -8.07 15.79 9.35
N ILE C 380 -8.27 14.48 9.10
CA ILE C 380 -7.47 13.37 9.64
C ILE C 380 -6.03 13.47 9.08
N GLU C 381 -5.91 13.82 7.78
CA GLU C 381 -4.61 13.98 7.12
C GLU C 381 -3.77 15.04 7.80
N TYR C 382 -4.38 16.19 8.18
CA TYR C 382 -3.67 17.27 8.88
C TYR C 382 -3.11 16.74 10.23
N VAL C 383 -3.98 16.09 11.04
CA VAL C 383 -3.63 15.53 12.37
C VAL C 383 -2.46 14.56 12.26
N LEU C 384 -2.51 13.64 11.29
CA LEU C 384 -1.46 12.63 11.11
C LEU C 384 -0.14 13.23 10.64
N LYS C 385 -0.18 14.31 9.84
CA LYS C 385 1.04 14.99 9.40
C LYS C 385 1.62 15.74 10.59
N TYR C 386 0.73 16.38 11.40
CA TYR C 386 1.07 17.08 12.63
C TYR C 386 1.71 16.11 13.64
N LEU C 387 1.07 14.94 13.87
CA LEU C 387 1.54 13.88 14.77
C LEU C 387 2.91 13.37 14.34
N LEU C 388 3.12 13.21 13.01
CA LEU C 388 4.35 12.72 12.41
C LEU C 388 5.54 13.65 12.73
N GLU C 389 5.28 14.97 12.85
CA GLU C 389 6.30 15.98 13.16
C GLU C 389 6.61 16.07 14.66
N ILE C 390 5.55 16.20 15.53
CA ILE C 390 5.71 16.36 16.99
C ILE C 390 6.36 15.14 17.68
N LEU C 391 5.98 13.90 17.28
CA LEU C 391 6.53 12.67 17.86
C LEU C 391 8.01 12.44 17.48
N PHE C 392 8.48 13.17 16.45
CA PHE C 392 9.87 13.10 16.00
C PHE C 392 10.72 14.18 16.69
N THR C 393 10.14 15.40 16.91
CA THR C 393 10.84 16.53 17.55
C THR C 393 11.01 16.29 19.06
N SER D 26 -24.65 -36.93 43.65
CA SER D 26 -23.56 -36.31 42.90
C SER D 26 -23.47 -36.83 41.43
N GLU D 27 -24.34 -37.82 41.08
CA GLU D 27 -24.40 -38.44 39.74
C GLU D 27 -24.80 -37.43 38.65
N GLU D 28 -25.69 -36.46 38.98
CA GLU D 28 -26.13 -35.41 38.06
C GLU D 28 -24.98 -34.42 37.81
N ALA D 29 -24.26 -34.03 38.89
CA ALA D 29 -23.10 -33.13 38.82
C ALA D 29 -21.98 -33.78 37.98
N ASP D 30 -21.66 -35.08 38.26
CA ASP D 30 -20.66 -35.88 37.55
C ASP D 30 -20.87 -35.87 36.02
N SER D 31 -22.16 -35.98 35.58
CA SER D 31 -22.54 -35.95 34.17
C SER D 31 -22.29 -34.56 33.55
N GLY D 32 -22.75 -33.51 34.25
CA GLY D 32 -22.59 -32.11 33.83
C GLY D 32 -21.14 -31.67 33.75
N LEU D 33 -20.32 -32.13 34.73
CA LEU D 33 -18.88 -31.83 34.81
C LEU D 33 -18.14 -32.54 33.68
N ALA D 34 -18.57 -33.78 33.34
CA ALA D 34 -17.97 -34.60 32.26
C ALA D 34 -18.18 -33.93 30.90
N PHE D 35 -19.39 -33.34 30.68
CA PHE D 35 -19.75 -32.63 29.45
C PHE D 35 -18.96 -31.31 29.36
N PHE D 36 -18.88 -30.56 30.49
CA PHE D 36 -18.16 -29.30 30.60
C PHE D 36 -16.66 -29.47 30.25
N ARG D 37 -16.01 -30.55 30.76
CA ARG D 37 -14.61 -30.87 30.49
C ARG D 37 -14.39 -31.23 29.02
N ASN D 38 -15.39 -31.92 28.41
CA ASN D 38 -15.36 -32.31 27.00
C ASN D 38 -15.46 -31.11 26.06
N MET D 39 -16.06 -29.99 26.53
CA MET D 39 -16.25 -28.75 25.78
C MET D 39 -15.04 -27.77 25.85
N TYR D 40 -13.99 -28.12 26.63
CA TYR D 40 -12.81 -27.27 26.82
C TYR D 40 -12.09 -26.94 25.50
N ASP D 41 -11.63 -28.00 24.77
CA ASP D 41 -10.89 -27.90 23.49
C ASP D 41 -11.48 -26.86 22.55
N LYS D 42 -12.83 -26.78 22.46
CA LYS D 42 -13.57 -25.84 21.60
C LYS D 42 -13.25 -24.36 21.87
N TYR D 43 -13.38 -23.90 23.12
CA TYR D 43 -13.16 -22.50 23.47
C TYR D 43 -11.69 -22.13 23.47
N ARG D 44 -10.80 -23.06 23.90
CA ARG D 44 -9.35 -22.85 23.87
C ARG D 44 -8.91 -22.68 22.40
N ASP D 45 -9.37 -23.59 21.49
CA ASP D 45 -9.02 -23.53 20.08
C ASP D 45 -9.60 -22.31 19.37
N ALA D 46 -10.80 -21.85 19.76
CA ALA D 46 -11.41 -20.65 19.18
C ALA D 46 -10.59 -19.39 19.49
N PHE D 47 -10.05 -19.27 20.74
CA PHE D 47 -9.23 -18.09 21.08
C PHE D 47 -7.85 -18.20 20.44
N LEU D 48 -7.29 -19.43 20.33
CA LEU D 48 -6.01 -19.69 19.69
C LEU D 48 -6.10 -19.38 18.19
N SER D 49 -7.27 -19.67 17.56
CA SER D 49 -7.57 -19.40 16.16
C SER D 49 -7.58 -17.89 15.92
N HIS D 50 -8.14 -17.12 16.87
CA HIS D 50 -8.18 -15.65 16.82
C HIS D 50 -6.75 -15.07 16.81
N LEU D 51 -5.84 -15.61 17.66
CA LEU D 51 -4.45 -15.16 17.72
C LEU D 51 -3.70 -15.56 16.43
N ASN D 52 -4.06 -16.72 15.85
CA ASN D 52 -3.47 -17.25 14.62
C ASN D 52 -3.85 -16.39 13.38
N GLU D 53 -4.93 -15.58 13.50
CA GLU D 53 -5.42 -14.67 12.45
C GLU D 53 -4.62 -13.36 12.38
N TYR D 54 -3.77 -13.08 13.40
CA TYR D 54 -2.92 -11.88 13.47
C TYR D 54 -1.90 -11.84 12.32
N SER D 55 -1.44 -10.64 11.95
CA SER D 55 -0.47 -10.47 10.89
C SER D 55 0.93 -10.76 11.45
N LEU D 56 1.33 -12.04 11.40
CA LEU D 56 2.64 -12.52 11.89
C LEU D 56 3.21 -13.55 10.92
N GLU D 57 4.55 -13.67 10.87
CA GLU D 57 5.26 -14.66 10.06
C GLU D 57 4.86 -16.05 10.57
N GLU D 58 4.78 -17.06 9.67
CA GLU D 58 4.33 -18.42 10.01
C GLU D 58 5.12 -19.08 11.18
N GLU D 59 6.44 -18.82 11.29
CA GLU D 59 7.27 -19.37 12.37
C GLU D 59 6.80 -18.82 13.74
N ILE D 60 6.55 -17.49 13.78
CA ILE D 60 6.06 -16.75 14.95
C ILE D 60 4.69 -17.29 15.39
N LYS D 61 3.75 -17.50 14.42
CA LYS D 61 2.40 -18.04 14.69
C LYS D 61 2.47 -19.41 15.36
N GLU D 62 3.41 -20.27 14.90
CA GLU D 62 3.64 -21.61 15.45
C GLU D 62 4.17 -21.52 16.86
N HIS D 63 5.10 -20.57 17.13
CA HIS D 63 5.66 -20.35 18.46
C HIS D 63 4.60 -19.87 19.47
N ILE D 64 3.77 -18.85 19.10
CA ILE D 64 2.75 -18.34 20.02
C ILE D 64 1.63 -19.35 20.26
N SER D 65 1.28 -20.18 19.23
CA SER D 65 0.22 -21.19 19.39
C SER D 65 0.62 -22.23 20.44
N LYS D 66 1.90 -22.65 20.42
CA LYS D 66 2.49 -23.61 21.37
C LYS D 66 2.52 -23.04 22.79
N TYR D 67 2.96 -21.76 22.95
CA TYR D 67 3.01 -21.12 24.28
C TYR D 67 1.60 -20.99 24.89
N TYR D 68 0.67 -20.38 24.15
CA TYR D 68 -0.67 -20.10 24.63
C TYR D 68 -1.52 -21.34 24.79
N LYS D 69 -1.28 -22.42 24.01
CA LYS D 69 -2.02 -23.67 24.22
C LYS D 69 -1.63 -24.20 25.61
N LEU D 70 -0.33 -24.16 25.93
CA LEU D 70 0.16 -24.60 27.25
C LEU D 70 -0.32 -23.64 28.35
N LEU D 71 -0.34 -22.31 28.10
CA LEU D 71 -0.83 -21.36 29.10
C LEU D 71 -2.26 -21.72 29.57
N PHE D 72 -3.17 -21.98 28.61
CA PHE D 72 -4.54 -22.36 28.91
C PHE D 72 -4.59 -23.76 29.52
N ASP D 73 -3.98 -24.77 28.86
CA ASP D 73 -3.98 -26.15 29.35
C ASP D 73 -3.48 -26.27 30.78
N TYR D 74 -2.27 -25.78 31.05
CA TYR D 74 -1.60 -25.82 32.34
C TYR D 74 -2.40 -25.17 33.47
N ASN D 75 -3.09 -24.06 33.20
CA ASN D 75 -3.76 -23.26 34.23
C ASN D 75 -5.29 -23.36 34.29
N CYS D 76 -5.96 -23.67 33.17
CA CYS D 76 -7.43 -23.75 33.17
C CYS D 76 -7.96 -25.15 33.51
N LEU D 77 -7.14 -26.18 33.30
CA LEU D 77 -7.51 -27.58 33.57
C LEU D 77 -7.06 -28.03 34.96
N GLY D 78 -7.70 -29.08 35.45
CA GLY D 78 -7.37 -29.67 36.74
C GLY D 78 -8.11 -29.10 37.93
N GLY D 79 -8.99 -28.12 37.69
CA GLY D 79 -9.78 -27.52 38.77
C GLY D 79 -10.97 -28.35 39.16
N LYS D 80 -11.66 -27.96 40.24
CA LYS D 80 -12.87 -28.62 40.74
C LYS D 80 -14.06 -28.24 39.84
N ASN D 81 -13.97 -27.01 39.24
CA ASN D 81 -14.94 -26.40 38.31
C ASN D 81 -16.32 -26.15 38.94
N ASN D 82 -16.33 -25.68 40.21
CA ASN D 82 -17.56 -25.34 40.96
C ASN D 82 -18.25 -24.13 40.35
N ARG D 83 -17.48 -23.16 39.84
CA ARG D 83 -18.03 -21.96 39.20
C ARG D 83 -18.64 -22.32 37.85
N GLY D 84 -17.95 -23.20 37.11
CA GLY D 84 -18.35 -23.71 35.79
C GLY D 84 -19.62 -24.53 35.84
N ILE D 85 -19.65 -25.58 36.72
CA ILE D 85 -20.82 -26.47 36.91
C ILE D 85 -22.04 -25.68 37.35
N LEU D 86 -21.83 -24.58 38.12
CA LEU D 86 -22.89 -23.70 38.59
C LEU D 86 -23.59 -22.99 37.42
N VAL D 87 -22.82 -22.52 36.40
CA VAL D 87 -23.41 -21.89 35.19
C VAL D 87 -24.27 -22.94 34.46
N ILE D 88 -23.66 -24.11 34.15
CA ILE D 88 -24.25 -25.24 33.43
C ILE D 88 -25.61 -25.65 34.02
N LEU D 89 -25.67 -25.91 35.35
CA LEU D 89 -26.89 -26.36 36.01
C LEU D 89 -27.94 -25.24 36.16
N ILE D 90 -27.53 -23.99 36.51
CA ILE D 90 -28.46 -22.85 36.61
C ILE D 90 -29.15 -22.65 35.24
N TYR D 91 -28.36 -22.53 34.15
CA TYR D 91 -28.89 -22.34 32.79
C TYR D 91 -29.90 -23.42 32.41
N GLU D 92 -29.55 -24.70 32.66
CA GLU D 92 -30.40 -25.86 32.38
C GLU D 92 -31.75 -25.78 33.10
N TYR D 93 -31.74 -25.31 34.36
CA TYR D 93 -32.95 -25.23 35.18
C TYR D 93 -33.73 -23.90 35.06
N VAL D 94 -33.11 -22.81 34.53
CA VAL D 94 -33.86 -21.56 34.28
C VAL D 94 -34.67 -21.79 32.97
N LYS D 95 -34.11 -22.64 32.08
CA LYS D 95 -34.77 -23.12 30.86
C LYS D 95 -35.52 -24.42 31.25
N ASN D 96 -36.34 -24.98 30.35
CA ASN D 96 -37.11 -26.18 30.68
C ASN D 96 -36.43 -27.45 30.22
N ASP D 98 -34.72 -29.12 28.23
CA ASP D 98 -34.85 -28.84 26.81
C ASP D 98 -33.86 -27.74 26.37
N ILE D 99 -32.64 -28.19 26.00
CA ILE D 99 -31.53 -27.32 25.56
C ILE D 99 -30.92 -27.95 24.33
N ASN D 100 -30.83 -27.18 23.22
CA ASN D 100 -30.24 -27.66 21.97
C ASN D 100 -28.71 -27.45 21.95
N SER D 101 -28.03 -27.90 20.86
CA SER D 101 -26.58 -27.81 20.67
C SER D 101 -26.07 -26.36 20.69
N SER D 102 -26.80 -25.41 20.04
CA SER D 102 -26.43 -23.97 19.96
C SER D 102 -26.48 -23.28 21.32
N GLU D 103 -27.41 -23.70 22.20
CA GLU D 103 -27.60 -23.15 23.54
C GLU D 103 -26.50 -23.66 24.50
N TRP D 104 -26.22 -25.00 24.48
CA TRP D 104 -25.16 -25.63 25.28
C TRP D 104 -23.81 -24.92 24.96
N GLU D 105 -23.54 -24.67 23.65
CA GLU D 105 -22.36 -23.98 23.12
C GLU D 105 -22.18 -22.60 23.80
N LYS D 106 -23.27 -21.85 23.94
CA LYS D 106 -23.28 -20.53 24.57
C LYS D 106 -23.11 -20.63 26.09
N ALA D 107 -23.75 -21.65 26.72
CA ALA D 107 -23.68 -21.91 28.17
C ALA D 107 -22.30 -22.37 28.59
N ALA D 108 -21.71 -23.34 27.84
CA ALA D 108 -20.38 -23.90 28.09
C ALA D 108 -19.28 -22.86 27.87
N CYS D 109 -19.54 -21.83 27.00
CA CYS D 109 -18.60 -20.73 26.74
C CYS D 109 -18.48 -19.88 27.97
N LEU D 110 -19.62 -19.41 28.51
CA LEU D 110 -19.67 -18.57 29.72
C LEU D 110 -19.08 -19.29 30.93
N ALA D 111 -19.36 -20.60 31.05
CA ALA D 111 -18.86 -21.46 32.12
C ALA D 111 -17.34 -21.60 32.01
N TRP D 112 -16.81 -21.80 30.77
CA TRP D 112 -15.37 -21.85 30.56
C TRP D 112 -14.70 -20.49 30.77
N CYS D 113 -15.43 -19.38 30.52
CA CYS D 113 -14.96 -18.01 30.74
C CYS D 113 -14.72 -17.70 32.22
N ILE D 114 -15.51 -18.29 33.13
CA ILE D 114 -15.35 -18.06 34.58
C ILE D 114 -14.19 -18.91 35.10
N GLU D 115 -13.95 -20.07 34.47
CA GLU D 115 -12.83 -20.96 34.80
C GLU D 115 -11.50 -20.38 34.31
N ILE D 116 -11.54 -19.62 33.18
CA ILE D 116 -10.37 -18.91 32.64
C ILE D 116 -10.08 -17.72 33.58
N LEU D 117 -11.16 -17.05 34.06
CA LEU D 117 -11.04 -15.94 35.01
C LEU D 117 -10.40 -16.45 36.30
N GLN D 118 -10.81 -17.65 36.74
CA GLN D 118 -10.29 -18.31 37.93
C GLN D 118 -8.80 -18.57 37.72
N ALA D 119 -8.42 -19.09 36.53
CA ALA D 119 -7.03 -19.34 36.14
C ALA D 119 -6.20 -18.06 36.21
N ALA D 120 -6.73 -16.94 35.65
CA ALA D 120 -6.06 -15.63 35.66
C ALA D 120 -5.73 -15.21 37.10
N PHE D 121 -6.74 -15.27 38.00
CA PHE D 121 -6.63 -14.91 39.42
C PHE D 121 -5.67 -15.83 40.19
N LEU D 122 -5.71 -17.15 39.94
CA LEU D 122 -4.81 -18.11 40.60
C LEU D 122 -3.35 -17.87 40.20
N VAL D 123 -3.11 -17.52 38.90
CA VAL D 123 -1.77 -17.22 38.39
C VAL D 123 -1.26 -15.93 39.09
N ALA D 124 -2.13 -14.89 39.19
CA ALA D 124 -1.82 -13.61 39.85
C ALA D 124 -1.52 -13.81 41.34
N ASP D 125 -2.44 -14.50 42.08
CA ASP D 125 -2.29 -14.79 43.51
C ASP D 125 -1.00 -15.57 43.80
N ASP D 126 -0.59 -16.52 42.91
CA ASP D 126 0.64 -17.28 43.09
C ASP D 126 1.89 -16.41 42.91
N ILE D 127 1.86 -15.38 42.03
CA ILE D 127 2.99 -14.44 41.85
C ILE D 127 3.02 -13.55 43.11
N MET D 128 1.84 -12.95 43.46
CA MET D 128 1.63 -12.03 44.58
C MET D 128 2.00 -12.62 45.94
N ASP D 129 1.50 -13.84 46.25
CA ASP D 129 1.76 -14.52 47.53
C ASP D 129 2.98 -15.46 47.49
N LYS D 130 3.75 -15.43 46.39
CA LYS D 130 4.95 -16.26 46.18
C LYS D 130 4.63 -17.76 46.42
N GLY D 131 3.57 -18.25 45.75
CA GLY D 131 3.11 -19.63 45.83
C GLY D 131 4.12 -20.63 45.31
N GLU D 132 3.97 -21.90 45.70
CA GLU D 132 4.87 -23.00 45.34
C GLU D 132 4.19 -24.06 44.48
N MET D 133 2.99 -24.49 44.89
CA MET D 133 2.23 -25.50 44.15
C MET D 133 0.80 -25.03 43.91
N ARG D 134 0.24 -25.43 42.77
CA ARG D 134 -1.13 -25.12 42.37
C ARG D 134 -1.67 -26.32 41.61
N ARG D 135 -2.80 -26.88 42.09
CA ARG D 135 -3.46 -28.07 41.52
C ARG D 135 -2.46 -29.24 41.36
N ASN D 136 -1.70 -29.53 42.46
CA ASN D 136 -0.68 -30.59 42.59
C ASN D 136 0.49 -30.45 41.59
N LYS D 137 0.81 -29.21 41.15
CA LYS D 137 1.94 -28.96 40.25
C LYS D 137 2.55 -27.58 40.48
N TYR D 138 3.78 -27.38 39.99
CA TYR D 138 4.50 -26.10 40.14
C TYR D 138 3.67 -24.96 39.63
N CYS D 139 3.68 -23.83 40.36
CA CYS D 139 3.00 -22.63 39.91
C CYS D 139 3.63 -22.21 38.60
N TRP D 140 2.80 -21.76 37.66
CA TRP D 140 3.18 -21.30 36.32
C TRP D 140 4.38 -20.35 36.33
N TYR D 141 4.37 -19.33 37.22
CA TYR D 141 5.45 -18.33 37.29
C TYR D 141 6.82 -18.93 37.69
N LEU D 142 6.85 -20.13 38.31
CA LEU D 142 8.09 -20.76 38.78
C LEU D 142 8.86 -21.44 37.65
N LEU D 143 8.16 -21.81 36.54
CA LEU D 143 8.79 -22.47 35.40
C LEU D 143 9.82 -21.54 34.79
N LYS D 144 11.01 -22.08 34.50
CA LYS D 144 12.12 -21.28 33.96
C LYS D 144 11.85 -20.76 32.55
N ASP D 145 10.95 -21.45 31.79
CA ASP D 145 10.53 -21.02 30.45
C ASP D 145 9.48 -19.90 30.54
N VAL D 146 8.95 -19.68 31.74
CA VAL D 146 7.92 -18.69 31.99
C VAL D 146 8.50 -17.53 32.81
N GLU D 147 8.73 -17.75 34.12
CA GLU D 147 9.22 -16.75 35.10
C GLU D 147 8.14 -15.68 35.36
N THR D 148 8.42 -14.77 36.32
CA THR D 148 7.49 -13.71 36.71
C THR D 148 7.15 -12.82 35.51
N LYS D 149 8.17 -12.44 34.70
CA LYS D 149 7.99 -11.59 33.52
C LYS D 149 6.84 -12.07 32.59
N ASN D 150 6.80 -13.37 32.25
CA ASN D 150 5.74 -13.90 31.39
C ASN D 150 4.42 -14.05 32.13
N ALA D 151 4.44 -14.60 33.35
CA ALA D 151 3.24 -14.86 34.16
C ALA D 151 2.39 -13.59 34.38
N VAL D 152 3.02 -12.40 34.53
CA VAL D 152 2.28 -11.13 34.68
C VAL D 152 1.52 -10.82 33.37
N ASN D 153 2.22 -10.95 32.22
CA ASN D 153 1.66 -10.72 30.88
C ASN D 153 0.54 -11.72 30.58
N ASP D 154 0.66 -12.95 31.11
CA ASP D 154 -0.29 -14.06 30.93
C ASP D 154 -1.58 -13.85 31.71
N VAL D 155 -1.54 -13.17 32.89
CA VAL D 155 -2.75 -12.82 33.67
C VAL D 155 -3.67 -11.93 32.78
N LEU D 156 -3.07 -10.90 32.15
CA LEU D 156 -3.73 -9.95 31.27
C LEU D 156 -4.30 -10.65 30.04
N LEU D 157 -3.53 -11.59 29.44
CA LEU D 157 -3.96 -12.38 28.28
C LEU D 157 -5.17 -13.24 28.64
N LEU D 158 -5.08 -14.02 29.76
CA LEU D 158 -6.19 -14.87 30.20
C LEU D 158 -7.44 -14.04 30.47
N TYR D 159 -7.31 -12.91 31.19
CA TYR D 159 -8.42 -12.02 31.49
C TYR D 159 -9.09 -11.49 30.20
N ASN D 160 -8.28 -10.97 29.26
CA ASN D 160 -8.82 -10.44 28.01
C ASN D 160 -9.42 -11.48 27.08
N SER D 161 -8.92 -12.75 27.13
CA SER D 161 -9.42 -13.85 26.30
C SER D 161 -10.91 -14.12 26.53
N ILE D 162 -11.37 -13.87 27.77
CA ILE D 162 -12.76 -14.07 28.21
C ILE D 162 -13.69 -13.27 27.32
N TYR D 163 -13.42 -11.95 27.17
CA TYR D 163 -14.23 -11.02 26.43
C TYR D 163 -14.21 -11.32 24.93
N LYS D 164 -13.08 -11.88 24.42
CA LYS D 164 -12.98 -12.32 23.02
C LYS D 164 -13.89 -13.54 22.81
N LEU D 165 -13.91 -14.46 23.80
CA LEU D 165 -14.76 -15.66 23.74
C LEU D 165 -16.25 -15.32 23.85
N ILE D 166 -16.62 -14.35 24.72
CA ILE D 166 -18.02 -13.91 24.87
C ILE D 166 -18.44 -13.30 23.52
N GLU D 167 -17.57 -12.46 22.93
CA GLU D 167 -17.83 -11.87 21.62
C GLU D 167 -18.03 -12.94 20.54
N ILE D 168 -17.14 -13.97 20.47
CA ILE D 168 -17.23 -15.04 19.45
C ILE D 168 -18.60 -15.78 19.53
N TYR D 169 -19.03 -16.21 20.75
CA TYR D 169 -20.25 -17.01 20.90
C TYR D 169 -21.53 -16.26 21.32
N LEU D 170 -21.44 -14.99 21.76
CA LEU D 170 -22.63 -14.26 22.25
C LEU D 170 -22.83 -12.84 21.69
N ARG D 171 -22.03 -12.36 20.70
CA ARG D 171 -22.17 -10.97 20.20
C ARG D 171 -23.59 -10.61 19.71
N ASN D 172 -24.35 -11.58 19.17
CA ASN D 172 -25.68 -11.28 18.65
C ASN D 172 -26.80 -11.72 19.61
N GLU D 173 -26.43 -11.98 20.87
CA GLU D 173 -27.39 -12.30 21.92
C GLU D 173 -27.83 -11.02 22.55
N SER D 174 -29.11 -10.92 22.93
CA SER D 174 -29.69 -9.74 23.56
C SER D 174 -29.03 -9.39 24.92
N CYS D 175 -28.54 -10.43 25.64
CA CYS D 175 -27.89 -10.31 26.96
C CYS D 175 -26.42 -9.85 26.87
N TYR D 176 -25.79 -9.94 25.67
CA TYR D 176 -24.37 -9.64 25.40
C TYR D 176 -23.75 -8.56 26.28
N VAL D 177 -24.22 -7.30 26.17
CA VAL D 177 -23.71 -6.14 26.91
C VAL D 177 -23.87 -6.35 28.45
N ASP D 178 -25.02 -6.91 28.87
CA ASP D 178 -25.27 -7.17 30.30
C ASP D 178 -24.33 -8.27 30.82
N VAL D 179 -24.03 -9.30 29.98
CA VAL D 179 -23.11 -10.41 30.31
C VAL D 179 -21.68 -9.88 30.54
N ILE D 180 -21.19 -8.97 29.64
CA ILE D 180 -19.84 -8.41 29.77
C ILE D 180 -19.76 -7.44 30.97
N ALA D 181 -20.85 -6.70 31.26
CA ALA D 181 -20.93 -5.77 32.40
C ALA D 181 -20.85 -6.52 33.73
N THR D 182 -21.41 -7.76 33.78
CA THR D 182 -21.39 -8.66 34.95
C THR D 182 -19.93 -9.10 35.23
N PHE D 183 -19.18 -9.52 34.16
CA PHE D 183 -17.78 -9.94 34.30
C PHE D 183 -16.93 -8.79 34.75
N ARG D 184 -17.16 -7.59 34.21
CA ARG D 184 -16.39 -6.38 34.53
C ARG D 184 -16.62 -5.88 35.95
N ASP D 185 -17.88 -5.89 36.43
CA ASP D 185 -18.22 -5.41 37.78
C ASP D 185 -17.74 -6.39 38.84
N ALA D 186 -17.93 -7.72 38.61
CA ALA D 186 -17.47 -8.79 39.51
C ALA D 186 -15.94 -8.80 39.64
N THR D 187 -15.21 -8.53 38.51
CA THR D 187 -13.73 -8.49 38.47
C THR D 187 -13.20 -7.32 39.30
N LEU D 188 -13.78 -6.10 39.12
CA LEU D 188 -13.38 -4.89 39.85
C LEU D 188 -13.50 -5.08 41.36
N LYS D 189 -14.59 -5.73 41.82
CA LYS D 189 -14.85 -6.00 43.23
C LYS D 189 -13.81 -6.97 43.79
N THR D 190 -13.41 -7.99 42.97
CA THR D 190 -12.42 -8.99 43.31
C THR D 190 -11.06 -8.32 43.50
N ILE D 191 -10.66 -7.38 42.59
CA ILE D 191 -9.39 -6.65 42.65
C ILE D 191 -9.29 -5.85 43.98
N ILE D 192 -10.40 -5.20 44.39
CA ILE D 192 -10.51 -4.44 45.63
C ILE D 192 -10.39 -5.40 46.83
N GLY D 193 -11.12 -6.52 46.78
CA GLY D 193 -11.09 -7.58 47.79
C GLY D 193 -9.71 -8.21 47.96
N GLN D 194 -8.96 -8.33 46.83
CA GLN D 194 -7.60 -8.84 46.81
C GLN D 194 -6.65 -7.78 47.37
N HIS D 195 -6.87 -6.48 47.05
CA HIS D 195 -6.06 -5.37 47.55
C HIS D 195 -6.12 -5.34 49.09
N LEU D 196 -7.35 -5.50 49.63
CA LEU D 196 -7.63 -5.51 51.08
C LEU D 196 -6.94 -6.68 51.74
N ASP D 197 -7.12 -7.90 51.19
CA ASP D 197 -6.50 -9.14 51.69
C ASP D 197 -4.96 -9.01 51.76
N THR D 198 -4.37 -8.29 50.79
CA THR D 198 -2.93 -8.05 50.70
C THR D 198 -2.42 -6.98 51.69
N ASN D 199 -3.17 -5.86 51.84
CA ASN D 199 -2.74 -4.71 52.61
C ASN D 199 -3.46 -4.45 53.95
N ILE D 200 -4.40 -5.31 54.38
CA ILE D 200 -5.14 -5.09 55.64
C ILE D 200 -4.19 -4.99 56.88
N PHE D 201 -3.08 -5.79 56.90
CA PHE D 201 -2.10 -5.78 57.99
C PHE D 201 -0.81 -5.04 57.60
N SER D 202 -0.79 -4.38 56.41
CA SER D 202 0.37 -3.60 55.95
C SER D 202 0.53 -2.32 56.75
N ASP D 203 1.74 -1.73 56.71
CA ASP D 203 2.12 -0.51 57.42
C ASP D 203 1.25 0.69 57.02
N LYS D 204 0.70 0.69 55.78
CA LYS D 204 -0.13 1.80 55.31
C LYS D 204 -1.58 1.75 55.83
N TYR D 205 -2.06 0.57 56.27
CA TYR D 205 -3.42 0.45 56.81
C TYR D 205 -3.40 0.66 58.32
N SER D 206 -3.01 1.87 58.72
CA SER D 206 -2.92 2.31 60.11
C SER D 206 -3.30 3.81 60.23
N ASP D 207 -3.69 4.22 61.45
CA ASP D 207 -4.04 5.60 61.80
C ASP D 207 -2.79 6.49 61.75
N ALA D 208 -1.58 5.88 61.93
CA ALA D 208 -0.28 6.56 61.95
C ALA D 208 0.44 6.63 60.58
N HIS D 209 -0.16 6.06 59.51
CA HIS D 209 0.44 6.12 58.17
C HIS D 209 0.36 7.54 57.61
N ARG D 210 1.54 8.14 57.33
CA ARG D 210 1.65 9.49 56.81
C ARG D 210 1.25 9.51 55.31
N GLU D 211 2.03 8.79 54.48
CA GLU D 211 1.87 8.66 53.02
C GLU D 211 2.90 7.65 52.47
N ILE D 212 2.65 7.13 51.26
CA ILE D 212 3.60 6.22 50.62
C ILE D 212 4.71 7.12 50.05
N ASP D 213 5.94 6.98 50.58
CA ASP D 213 7.08 7.79 50.14
C ASP D 213 7.60 7.28 48.79
N VAL D 214 7.36 8.07 47.72
CA VAL D 214 7.76 7.75 46.34
C VAL D 214 9.31 7.72 46.15
N ASN D 215 10.07 8.22 47.14
CA ASN D 215 11.53 8.22 47.13
C ASN D 215 12.11 7.05 47.96
N ASN D 216 11.21 6.18 48.50
CA ASN D 216 11.58 5.02 49.32
C ASN D 216 11.42 3.69 48.56
N ILE D 217 12.57 3.06 48.22
CA ILE D 217 12.61 1.76 47.54
C ILE D 217 13.24 0.68 48.43
N ASN D 218 13.26 0.93 49.78
CA ASN D 218 13.79 -0.03 50.77
C ASN D 218 12.87 -1.25 50.86
N VAL D 219 13.38 -2.35 51.45
CA VAL D 219 12.62 -3.58 51.66
C VAL D 219 11.42 -3.26 52.60
N PRO D 220 10.23 -3.88 52.42
CA PRO D 220 9.10 -3.56 53.30
C PRO D 220 9.35 -3.89 54.77
N GLU D 221 8.50 -3.37 55.67
CA GLU D 221 8.60 -3.67 57.11
C GLU D 221 8.19 -5.15 57.30
N GLN D 222 8.71 -5.80 58.36
CA GLN D 222 8.40 -7.21 58.64
C GLN D 222 6.88 -7.48 58.70
N PRO D 223 6.39 -8.65 58.21
CA PRO D 223 4.94 -8.93 58.33
C PRO D 223 4.55 -8.92 59.81
N VAL D 224 3.46 -8.22 60.13
CA VAL D 224 2.96 -8.06 61.50
C VAL D 224 1.43 -7.89 61.46
N ILE D 225 0.74 -8.47 62.45
CA ILE D 225 -0.72 -8.37 62.52
C ILE D 225 -1.13 -7.00 63.06
N ASP D 226 -2.37 -6.57 62.76
CA ASP D 226 -2.94 -5.31 63.22
C ASP D 226 -4.22 -5.66 63.97
N ILE D 227 -4.18 -5.55 65.31
CA ILE D 227 -5.29 -5.85 66.22
C ILE D 227 -6.58 -5.10 65.87
N ASN D 228 -6.44 -3.83 65.41
CA ASN D 228 -7.55 -2.95 65.01
C ASN D 228 -8.35 -3.49 63.80
N MET D 229 -7.74 -4.41 63.01
CA MET D 229 -8.36 -5.03 61.84
C MET D 229 -8.90 -6.44 62.13
N ILE D 230 -8.58 -7.04 63.31
CA ILE D 230 -8.99 -8.41 63.66
C ILE D 230 -10.45 -8.42 64.23
N ASN D 231 -11.43 -8.27 63.31
CA ASN D 231 -12.88 -8.32 63.61
C ASN D 231 -13.67 -8.85 62.40
N PHE D 232 -14.92 -9.32 62.66
CA PHE D 232 -15.82 -9.90 61.65
C PHE D 232 -16.26 -8.89 60.58
N GLY D 233 -16.35 -7.61 60.95
CA GLY D 233 -16.75 -6.53 60.05
C GLY D 233 -15.77 -6.36 58.91
N VAL D 234 -14.47 -6.21 59.26
CA VAL D 234 -13.35 -6.06 58.33
C VAL D 234 -13.24 -7.33 57.46
N TYR D 235 -13.40 -8.52 58.09
CA TYR D 235 -13.37 -9.84 57.43
C TYR D 235 -14.47 -9.98 56.38
N LYS D 236 -15.73 -9.62 56.74
CA LYS D 236 -16.89 -9.71 55.84
C LYS D 236 -16.72 -8.78 54.63
N ASN D 237 -16.07 -7.60 54.83
CA ASN D 237 -15.77 -6.62 53.79
C ASN D 237 -14.79 -7.22 52.76
N ILE D 238 -13.79 -7.98 53.23
CA ILE D 238 -12.76 -8.59 52.38
C ILE D 238 -13.35 -9.79 51.61
N VAL D 239 -13.90 -10.77 52.33
CA VAL D 239 -14.46 -12.03 51.83
C VAL D 239 -15.57 -11.83 50.76
N ILE D 240 -16.45 -10.83 50.95
CA ILE D 240 -17.56 -10.55 50.02
C ILE D 240 -17.02 -10.00 48.69
N HIS D 241 -16.04 -9.10 48.75
CA HIS D 241 -15.45 -8.53 47.56
C HIS D 241 -14.49 -9.51 46.86
N LYS D 242 -13.58 -10.15 47.64
CA LYS D 242 -12.55 -11.09 47.14
C LYS D 242 -13.10 -12.38 46.51
N THR D 243 -14.20 -12.94 47.04
CA THR D 243 -14.69 -14.24 46.57
C THR D 243 -16.17 -14.29 46.12
N ALA D 244 -17.10 -13.68 46.89
CA ALA D 244 -18.54 -13.77 46.63
C ALA D 244 -19.01 -13.35 45.23
N TYR D 245 -18.54 -12.19 44.72
CA TYR D 245 -18.99 -11.69 43.42
C TYR D 245 -18.56 -12.57 42.23
N TYR D 246 -17.26 -12.93 42.13
CA TYR D 246 -16.83 -13.74 40.98
C TYR D 246 -17.12 -15.24 41.15
N SER D 247 -17.25 -15.74 42.40
CA SER D 247 -17.45 -17.19 42.62
C SER D 247 -18.92 -17.63 42.71
N PHE D 248 -19.83 -16.72 43.06
CA PHE D 248 -21.25 -17.10 43.15
C PHE D 248 -22.15 -16.15 42.35
N PHE D 249 -22.07 -14.83 42.56
CA PHE D 249 -22.90 -13.88 41.81
C PHE D 249 -22.70 -14.01 40.28
N LEU D 250 -21.46 -13.80 39.81
CA LEU D 250 -21.11 -13.88 38.38
C LEU D 250 -21.59 -15.20 37.70
N PRO D 251 -21.29 -16.45 38.20
CA PRO D 251 -21.78 -17.64 37.50
C PRO D 251 -23.31 -17.82 37.46
N ILE D 252 -24.04 -17.43 38.54
CA ILE D 252 -25.51 -17.59 38.57
C ILE D 252 -26.15 -16.63 37.55
N VAL D 253 -25.78 -15.34 37.63
CA VAL D 253 -26.24 -14.26 36.74
C VAL D 253 -25.95 -14.58 35.26
N CYS D 254 -24.82 -15.28 34.94
CA CYS D 254 -24.47 -15.70 33.56
C CYS D 254 -25.54 -16.64 33.00
N GLY D 255 -25.80 -17.74 33.73
CA GLY D 255 -26.81 -18.74 33.36
C GLY D 255 -28.21 -18.15 33.29
N MET D 256 -28.52 -17.22 34.22
CA MET D 256 -29.80 -16.50 34.31
C MET D 256 -30.00 -15.53 33.13
N LEU D 257 -28.96 -14.72 32.80
CA LEU D 257 -29.03 -13.76 31.69
C LEU D 257 -29.17 -14.47 30.34
N LEU D 258 -28.43 -15.57 30.14
CA LEU D 258 -28.45 -16.34 28.90
C LEU D 258 -29.76 -17.14 28.71
N ALA D 259 -30.37 -17.64 29.82
CA ALA D 259 -31.62 -18.41 29.75
C ALA D 259 -32.85 -17.56 29.41
N GLY D 260 -32.83 -16.29 29.82
CA GLY D 260 -33.91 -15.37 29.50
C GLY D 260 -34.41 -14.42 30.57
N ILE D 261 -33.68 -14.29 31.71
CA ILE D 261 -34.12 -13.36 32.76
C ILE D 261 -33.49 -11.99 32.51
N ALA D 262 -34.36 -10.97 32.30
CA ALA D 262 -33.99 -9.57 32.04
C ALA D 262 -33.22 -8.96 33.21
N VAL D 263 -32.16 -8.17 32.90
CA VAL D 263 -31.23 -7.53 33.86
C VAL D 263 -31.93 -6.58 34.88
N ASP D 264 -33.03 -5.90 34.48
CA ASP D 264 -33.78 -4.95 35.32
C ASP D 264 -34.55 -5.61 36.48
N ASN D 265 -34.90 -6.91 36.34
CA ASN D 265 -35.66 -7.71 37.32
C ASN D 265 -35.10 -7.60 38.75
N LEU D 266 -36.01 -7.53 39.75
CA LEU D 266 -35.67 -7.41 41.17
C LEU D 266 -35.08 -8.71 41.77
N ILE D 267 -35.28 -9.88 41.10
CA ILE D 267 -34.77 -11.20 41.53
C ILE D 267 -33.21 -11.21 41.64
N TYR D 268 -32.51 -10.42 40.80
CA TYR D 268 -31.04 -10.30 40.80
C TYR D 268 -30.51 -9.79 42.15
N LYS D 269 -31.28 -8.93 42.85
CA LYS D 269 -30.93 -8.41 44.19
C LYS D 269 -30.95 -9.55 45.22
N LYS D 270 -31.90 -10.51 45.07
CA LYS D 270 -32.04 -11.69 45.93
C LYS D 270 -30.90 -12.67 45.67
N ILE D 271 -30.53 -12.83 44.37
CA ILE D 271 -29.43 -13.68 43.90
C ILE D 271 -28.10 -13.11 44.45
N GLU D 272 -27.97 -11.76 44.52
CA GLU D 272 -26.80 -11.06 45.04
C GLU D 272 -26.63 -11.29 46.53
N ASP D 273 -27.76 -11.26 47.29
CA ASP D 273 -27.79 -11.45 48.74
C ASP D 273 -27.37 -12.88 49.11
N ILE D 274 -27.92 -13.89 48.40
CA ILE D 274 -27.60 -15.30 48.57
C ILE D 274 -26.10 -15.54 48.22
N SER D 275 -25.61 -14.90 47.14
CA SER D 275 -24.21 -14.99 46.69
C SER D 275 -23.23 -14.48 47.74
N MET D 276 -23.59 -13.37 48.44
CA MET D 276 -22.78 -12.78 49.52
C MET D 276 -22.72 -13.76 50.71
N LEU D 277 -23.86 -14.44 51.00
CA LEU D 277 -23.97 -15.43 52.09
C LEU D 277 -23.20 -16.71 51.74
N MET D 278 -23.35 -17.19 50.48
CA MET D 278 -22.66 -18.39 49.99
C MET D 278 -21.14 -18.16 49.92
N GLY D 279 -20.74 -16.94 49.53
CA GLY D 279 -19.36 -16.50 49.43
C GLY D 279 -18.66 -16.57 50.78
N GLU D 280 -19.34 -16.06 51.84
CA GLU D 280 -18.90 -16.05 53.23
C GLU D 280 -18.74 -17.52 53.73
N TYR D 281 -19.78 -18.37 53.51
CA TYR D 281 -19.86 -19.78 53.89
C TYR D 281 -18.70 -20.62 53.31
N PHE D 282 -18.42 -20.44 52.00
CA PHE D 282 -17.37 -21.19 51.30
C PHE D 282 -15.96 -20.77 51.73
N GLN D 283 -15.73 -19.45 51.93
CA GLN D 283 -14.44 -18.88 52.33
C GLN D 283 -14.08 -19.26 53.78
N ILE D 284 -15.08 -19.27 54.70
CA ILE D 284 -14.87 -19.66 56.11
C ILE D 284 -14.49 -21.17 56.15
N HIS D 285 -15.12 -21.97 55.25
CA HIS D 285 -14.83 -23.39 55.08
C HIS D 285 -13.40 -23.59 54.51
N ASP D 286 -12.98 -22.71 53.58
CA ASP D 286 -11.65 -22.72 52.95
C ASP D 286 -10.54 -22.34 53.95
N ASP D 287 -10.86 -21.42 54.89
CA ASP D 287 -9.95 -20.96 55.95
C ASP D 287 -9.68 -22.14 56.89
N TYR D 288 -10.78 -22.82 57.31
CA TYR D 288 -10.82 -24.02 58.15
C TYR D 288 -10.02 -25.15 57.49
N LEU D 289 -10.13 -25.30 56.15
CA LEU D 289 -9.43 -26.33 55.36
C LEU D 289 -7.94 -26.01 55.10
N ASP D 290 -7.53 -24.70 55.18
CA ASP D 290 -6.12 -24.31 54.99
C ASP D 290 -5.29 -24.79 56.19
N ILE D 291 -5.86 -24.67 57.41
CA ILE D 291 -5.23 -25.07 58.67
C ILE D 291 -5.44 -26.56 58.96
N PHE D 292 -6.73 -27.00 59.03
CA PHE D 292 -7.11 -28.39 59.33
C PHE D 292 -8.41 -28.79 58.62
N SER D 303 0.38 -22.23 54.37
CA SER D 303 -0.51 -21.76 55.43
C SER D 303 -0.89 -20.28 55.30
N ASP D 304 -2.04 -19.92 55.90
CA ASP D 304 -2.56 -18.57 55.98
C ASP D 304 -1.79 -17.85 57.10
N ILE D 305 -1.53 -18.58 58.23
CA ILE D 305 -0.77 -18.14 59.42
C ILE D 305 0.62 -17.66 58.97
N GLN D 306 1.33 -18.51 58.17
CA GLN D 306 2.66 -18.25 57.60
C GLN D 306 2.64 -17.06 56.66
N ASN D 307 1.53 -16.89 55.88
CA ASN D 307 1.37 -15.79 54.94
C ASN D 307 0.77 -14.51 55.58
N ASN D 308 0.55 -14.52 56.94
CA ASN D 308 0.05 -13.36 57.71
C ASN D 308 -1.35 -12.92 57.21
N LYS D 309 -2.26 -13.90 57.06
CA LYS D 309 -3.62 -13.66 56.54
C LYS D 309 -4.66 -13.45 57.63
N LEU D 310 -5.63 -12.54 57.37
CA LEU D 310 -6.76 -12.30 58.27
C LEU D 310 -7.77 -13.38 57.96
N THR D 311 -7.89 -14.36 58.85
CA THR D 311 -8.79 -15.51 58.67
C THR D 311 -9.87 -15.54 59.74
N TRP D 312 -10.96 -16.30 59.49
CA TRP D 312 -12.07 -16.50 60.43
C TRP D 312 -11.55 -17.15 61.73
N PRO D 313 -10.71 -18.26 61.71
CA PRO D 313 -10.18 -18.80 62.98
C PRO D 313 -9.46 -17.75 63.82
N LEU D 314 -8.54 -16.95 63.19
CA LEU D 314 -7.77 -15.86 63.83
C LEU D 314 -8.70 -14.84 64.53
N ILE D 315 -9.84 -14.49 63.90
CA ILE D 315 -10.81 -13.53 64.45
C ILE D 315 -11.54 -14.14 65.67
N LYS D 316 -12.09 -15.37 65.52
CA LYS D 316 -12.80 -16.09 66.59
C LYS D 316 -11.87 -16.37 67.79
N THR D 317 -10.57 -16.65 67.52
CA THR D 317 -9.56 -16.87 68.58
C THR D 317 -9.39 -15.55 69.35
N PHE D 318 -9.22 -14.42 68.62
CA PHE D 318 -9.09 -13.07 69.21
C PHE D 318 -10.39 -12.62 69.89
N GLU D 319 -11.52 -13.24 69.53
CA GLU D 319 -12.83 -12.93 70.10
C GLU D 319 -13.03 -13.61 71.46
N LEU D 320 -12.33 -14.75 71.71
CA LEU D 320 -12.47 -15.51 72.96
C LEU D 320 -11.12 -15.83 73.69
N CYS D 321 -9.98 -15.23 73.27
CA CYS D 321 -8.70 -15.53 73.93
C CYS D 321 -8.32 -14.51 75.03
N SER D 322 -7.31 -14.88 75.85
CA SER D 322 -6.73 -14.08 76.94
C SER D 322 -5.68 -13.10 76.39
N GLU D 323 -5.38 -12.04 77.17
CA GLU D 323 -4.41 -11.00 76.78
C GLU D 323 -2.96 -11.56 76.59
N PRO D 324 -2.38 -12.46 77.47
CA PRO D 324 -1.02 -12.97 77.19
C PRO D 324 -0.96 -13.82 75.91
N ASP D 325 -2.10 -14.46 75.55
CA ASP D 325 -2.25 -15.26 74.33
C ASP D 325 -2.37 -14.35 73.10
N LYS D 326 -2.89 -13.10 73.28
CA LYS D 326 -3.02 -12.11 72.21
C LYS D 326 -1.62 -11.68 71.76
N ILE D 327 -0.70 -11.44 72.73
CA ILE D 327 0.70 -11.08 72.49
C ILE D 327 1.46 -12.28 71.91
N LYS D 328 1.07 -13.52 72.30
CA LYS D 328 1.66 -14.77 71.81
C LYS D 328 1.33 -14.92 70.32
N ILE D 329 0.08 -14.51 69.91
CA ILE D 329 -0.38 -14.52 68.52
C ILE D 329 0.48 -13.52 67.72
N VAL D 330 0.57 -12.26 68.21
CA VAL D 330 1.36 -11.18 67.60
C VAL D 330 2.85 -11.63 67.42
N LYS D 331 3.41 -12.35 68.41
CA LYS D 331 4.80 -12.82 68.37
C LYS D 331 5.03 -14.03 67.44
N ASN D 332 3.97 -14.83 67.15
CA ASN D 332 4.13 -16.04 66.34
C ASN D 332 3.36 -16.06 64.99
N TYR D 333 2.46 -15.08 64.74
CA TYR D 333 1.72 -15.00 63.49
C TYR D 333 2.56 -14.35 62.39
N GLY D 334 2.31 -14.73 61.14
CA GLY D 334 2.98 -14.18 59.97
C GLY D 334 4.43 -14.55 59.77
N LYS D 335 4.88 -15.65 60.40
CA LYS D 335 6.25 -16.11 60.29
C LYS D 335 6.34 -17.40 59.48
N ASN D 336 7.22 -17.42 58.47
CA ASN D 336 7.44 -18.59 57.59
C ASN D 336 8.18 -19.73 58.34
N ASN D 337 8.84 -19.39 59.48
CA ASN D 337 9.59 -20.34 60.32
C ASN D 337 8.66 -21.01 61.32
N ALA D 339 7.82 -23.39 63.48
CA ALA D 339 8.02 -23.19 64.91
C ALA D 339 7.03 -22.18 65.49
N CYS D 340 6.94 -20.98 64.87
CA CYS D 340 6.02 -19.91 65.27
C CYS D 340 4.59 -20.32 64.89
N VAL D 341 4.41 -20.82 63.64
CA VAL D 341 3.14 -21.30 63.09
C VAL D 341 2.51 -22.40 63.97
N LYS D 342 3.36 -23.27 64.57
CA LYS D 342 2.97 -24.38 65.46
C LYS D 342 2.31 -23.88 66.75
N VAL D 343 2.76 -22.70 67.27
CA VAL D 343 2.21 -22.09 68.49
C VAL D 343 0.77 -21.61 68.25
N ILE D 344 0.47 -21.10 67.02
CA ILE D 344 -0.87 -20.63 66.60
C ILE D 344 -1.79 -21.85 66.44
N ASP D 345 -1.29 -22.92 65.76
CA ASP D 345 -2.00 -24.18 65.52
C ASP D 345 -2.49 -24.82 66.84
N SER D 346 -1.72 -24.62 67.93
CA SER D 346 -2.03 -25.10 69.28
C SER D 346 -3.08 -24.19 69.96
N LEU D 347 -3.03 -22.87 69.70
CA LEU D 347 -3.98 -21.88 70.24
C LEU D 347 -5.39 -22.10 69.66
N TYR D 348 -5.46 -22.52 68.38
CA TYR D 348 -6.74 -22.81 67.69
C TYR D 348 -7.39 -24.06 68.31
N GLU D 349 -6.56 -25.11 68.59
CA GLU D 349 -6.99 -26.37 69.22
C GLU D 349 -7.39 -26.14 70.70
N GLN D 350 -6.76 -25.13 71.36
CA GLN D 350 -7.03 -24.76 72.76
C GLN D 350 -8.41 -24.12 72.92
N TYR D 351 -8.78 -23.20 72.01
CA TYR D 351 -10.07 -22.50 72.08
C TYR D 351 -11.16 -23.23 71.27
N LYS D 352 -10.87 -24.48 70.82
CA LYS D 352 -11.75 -25.40 70.07
C LYS D 352 -12.45 -24.71 68.88
N ILE D 353 -11.63 -24.12 67.98
CA ILE D 353 -12.09 -23.41 66.77
C ILE D 353 -12.80 -24.40 65.81
N ARG D 354 -12.28 -25.65 65.72
CA ARG D 354 -12.83 -26.74 64.90
C ARG D 354 -14.32 -26.99 65.23
N LYS D 355 -14.68 -26.91 66.53
CA LYS D 355 -16.05 -27.08 67.03
C LYS D 355 -16.87 -25.79 66.84
N HIS D 356 -16.20 -24.62 66.88
CA HIS D 356 -16.84 -23.32 66.69
C HIS D 356 -17.27 -23.10 65.23
N TYR D 357 -16.53 -23.73 64.27
CA TYR D 357 -16.86 -23.67 62.85
C TYR D 357 -18.07 -24.57 62.56
N GLU D 358 -18.06 -25.82 63.12
CA GLU D 358 -19.14 -26.82 62.97
C GLU D 358 -20.48 -26.23 63.45
N SER D 359 -20.42 -25.32 64.45
CA SER D 359 -21.55 -24.58 64.99
C SER D 359 -22.01 -23.54 63.96
N TYR D 360 -21.02 -22.79 63.36
CA TYR D 360 -21.26 -21.74 62.34
C TYR D 360 -21.85 -22.34 61.05
N GLU D 361 -21.19 -23.39 60.48
CA GLU D 361 -21.61 -24.09 59.26
C GLU D 361 -23.09 -24.48 59.30
N LYS D 362 -23.54 -25.15 60.39
CA LYS D 362 -24.92 -25.58 60.58
C LYS D 362 -25.89 -24.38 60.60
N ALA D 363 -25.53 -23.29 61.33
CA ALA D 363 -26.32 -22.05 61.40
C ALA D 363 -26.35 -21.30 60.05
N GLN D 364 -25.20 -21.27 59.33
CA GLN D 364 -25.06 -20.59 58.04
C GLN D 364 -25.80 -21.34 56.93
N LYS D 365 -25.74 -22.70 56.93
CA LYS D 365 -26.43 -23.56 55.95
C LYS D 365 -27.93 -23.26 55.94
N ALA D 366 -28.56 -23.21 57.15
CA ALA D 366 -29.98 -22.91 57.33
C ALA D 366 -30.31 -21.50 56.86
N LYS D 367 -29.44 -20.52 57.16
CA LYS D 367 -29.56 -19.11 56.79
C LYS D 367 -29.59 -18.94 55.26
N ILE D 368 -28.76 -19.73 54.55
CA ILE D 368 -28.69 -19.73 53.08
C ILE D 368 -29.95 -20.40 52.50
N LEU D 369 -30.29 -21.64 52.99
CA LEU D 369 -31.49 -22.40 52.56
C LEU D 369 -32.80 -21.60 52.76
N SER D 370 -32.83 -20.69 53.76
CA SER D 370 -33.95 -19.81 54.09
C SER D 370 -34.12 -18.75 53.00
N ALA D 371 -33.02 -18.06 52.64
CA ALA D 371 -33.00 -17.02 51.60
C ALA D 371 -33.27 -17.60 50.21
N ILE D 372 -32.80 -18.84 49.94
CA ILE D 372 -33.00 -19.57 48.67
C ILE D 372 -34.52 -19.78 48.43
N ASN D 373 -35.26 -20.25 49.47
CA ASN D 373 -36.71 -20.51 49.46
C ASN D 373 -37.56 -19.26 49.10
N GLU D 374 -37.03 -18.05 49.37
CA GLU D 374 -37.71 -16.76 49.12
C GLU D 374 -37.43 -16.18 47.68
N LEU D 375 -37.00 -17.05 46.73
CA LEU D 375 -36.74 -16.65 45.32
C LEU D 375 -37.99 -16.79 44.44
N HIS D 376 -38.83 -17.81 44.74
CA HIS D 376 -40.06 -18.17 44.04
C HIS D 376 -39.74 -18.67 42.60
N HIS D 377 -38.59 -19.37 42.47
CA HIS D 377 -38.08 -19.97 41.23
C HIS D 377 -37.48 -21.33 41.61
N GLU D 378 -38.27 -22.43 41.51
CA GLU D 378 -37.79 -23.78 41.91
C GLU D 378 -36.86 -24.46 40.90
N GLY D 379 -36.46 -23.73 39.86
CA GLY D 379 -35.47 -24.18 38.90
C GLY D 379 -34.12 -23.85 39.51
N ILE D 380 -33.98 -22.57 39.92
CA ILE D 380 -32.81 -22.01 40.59
C ILE D 380 -32.68 -22.66 41.99
N GLU D 381 -33.77 -22.62 42.80
CA GLU D 381 -33.83 -23.16 44.16
C GLU D 381 -33.29 -24.57 44.25
N TYR D 382 -33.73 -25.48 43.33
CA TYR D 382 -33.25 -26.86 43.27
C TYR D 382 -31.72 -26.91 43.11
N VAL D 383 -31.17 -26.14 42.14
CA VAL D 383 -29.74 -26.09 41.82
C VAL D 383 -28.95 -25.46 43.00
N LEU D 384 -29.41 -24.31 43.54
CA LEU D 384 -28.73 -23.64 44.66
C LEU D 384 -28.76 -24.47 45.96
N LYS D 385 -29.67 -25.48 46.05
CA LYS D 385 -29.78 -26.40 47.18
C LYS D 385 -28.95 -27.65 46.90
N TYR D 386 -29.02 -28.17 45.64
CA TYR D 386 -28.26 -29.34 45.19
C TYR D 386 -26.75 -29.06 45.20
N LEU D 387 -26.34 -27.86 44.69
CA LEU D 387 -24.93 -27.42 44.62
C LEU D 387 -24.36 -27.13 45.99
N LEU D 388 -25.14 -26.45 46.90
CA LEU D 388 -24.72 -26.13 48.28
C LEU D 388 -24.29 -27.40 49.06
N GLU D 389 -24.99 -28.52 48.83
CA GLU D 389 -24.68 -29.81 49.46
C GLU D 389 -23.50 -30.50 48.74
N ILE D 390 -23.58 -30.64 47.39
CA ILE D 390 -22.56 -31.31 46.55
C ILE D 390 -21.18 -30.62 46.63
N LEU D 391 -21.13 -29.28 46.48
CA LEU D 391 -19.88 -28.50 46.53
C LEU D 391 -19.29 -28.43 47.95
N PHE D 392 -20.06 -28.84 48.99
CA PHE D 392 -19.58 -28.84 50.37
C PHE D 392 -18.80 -30.13 50.68
N THR D 393 -17.47 -29.97 50.87
CA THR D 393 -16.52 -31.04 51.17
C THR D 393 -16.24 -31.06 52.69
#